data_4PCH
#
_entry.id   4PCH
#
_cell.length_a   209.670
_cell.length_b   86.430
_cell.length_c   84.210
_cell.angle_alpha   90.00
_cell.angle_beta   92.14
_cell.angle_gamma   90.00
#
_symmetry.space_group_name_H-M   'C 1 2 1'
#
loop_
_entity.id
_entity.type
_entity.pdbx_description
1 polymer VP1
2 non-polymer GLYCEROL
3 water water
#
_entity_poly.entity_id   1
_entity_poly.type   'polypeptide(L)'
_entity_poly.pdbx_seq_one_letter_code
;GSHMGGVEVLDTVPLTEDTQYKVEAVLLPNFGKAATTGNFQSRGLPYTMSDTLGPGAALCYSVAVINLPEIPDAMCEDTM
IVWEAYRLETELLFAPQMASSGYQRANGTLAGIEGTQLYFWACGGGPLDVIGINPDPERLKVNEALEGPGNSDVASLQAL
RKQVNAANFPVELWVADPTKNDNTRYFGRVVGGGVTPPVVSYGNQSTTPLIDENGVGILCTFGSVYLTSADMVGMTGLPG
LPTLSADYSNQRTVQAGYGRFFRVHCRQRRIKQ
;
_entity_poly.pdbx_strand_id   A,B,C,D,E
#
loop_
_chem_comp.id
_chem_comp.type
_chem_comp.name
_chem_comp.formula
GOL non-polymer GLYCEROL 'C3 H8 O3'
#
# COMPACT_ATOMS: atom_id res chain seq x y z
N GLU A 8 -11.02 3.95 40.80
CA GLU A 8 -9.66 3.55 41.29
C GLU A 8 -9.39 2.09 40.94
N VAL A 9 -8.39 1.87 40.08
CA VAL A 9 -8.01 0.52 39.63
C VAL A 9 -6.84 -0.04 40.46
N LEU A 10 -7.03 -1.24 41.01
CA LEU A 10 -6.02 -1.89 41.83
C LEU A 10 -5.35 -3.03 41.06
N ASP A 11 -5.11 -4.17 41.71
CA ASP A 11 -4.31 -5.23 41.12
C ASP A 11 -5.19 -6.26 40.41
N THR A 12 -4.60 -6.99 39.48
CA THR A 12 -5.30 -8.11 38.85
C THR A 12 -5.39 -9.20 39.90
N VAL A 13 -6.38 -10.07 39.75
CA VAL A 13 -6.51 -11.23 40.62
C VAL A 13 -5.54 -12.28 40.07
N PRO A 14 -4.86 -13.04 40.95
CA PRO A 14 -3.95 -14.09 40.48
C PRO A 14 -4.62 -15.03 39.49
N LEU A 15 -3.86 -15.49 38.49
CA LEU A 15 -4.41 -16.23 37.37
C LEU A 15 -4.66 -17.71 37.70
N THR A 16 -5.93 -18.10 37.65
CA THR A 16 -6.33 -19.51 37.76
C THR A 16 -7.35 -19.77 36.66
N GLU A 17 -7.83 -21.01 36.56
CA GLU A 17 -8.85 -21.36 35.57
C GLU A 17 -10.16 -20.59 35.84
N ASP A 18 -10.46 -20.32 37.11
CA ASP A 18 -11.68 -19.59 37.50
C ASP A 18 -11.60 -18.05 37.37
N THR A 19 -10.40 -17.49 37.32
CA THR A 19 -10.23 -16.04 37.20
C THR A 19 -9.98 -15.58 35.77
N GLN A 20 -10.13 -16.49 34.80
CA GLN A 20 -10.00 -16.14 33.39
C GLN A 20 -11.21 -16.64 32.65
N TYR A 21 -11.63 -15.88 31.64
CA TYR A 21 -12.78 -16.25 30.83
C TYR A 21 -12.57 -15.67 29.45
N LYS A 22 -12.93 -16.43 28.43
CA LYS A 22 -13.01 -15.90 27.09
C LYS A 22 -14.35 -16.22 26.47
N VAL A 23 -14.82 -15.32 25.61
CA VAL A 23 -16.08 -15.53 24.93
C VAL A 23 -15.96 -15.16 23.47
N GLU A 24 -16.76 -15.81 22.64
CA GLU A 24 -16.81 -15.56 21.20
C GLU A 24 -18.20 -15.09 20.83
N ALA A 25 -18.27 -14.29 19.78
CA ALA A 25 -19.53 -13.90 19.18
C ALA A 25 -19.29 -13.59 17.73
N VAL A 26 -20.33 -13.77 16.91
CA VAL A 26 -20.32 -13.24 15.58
C VAL A 26 -21.43 -12.20 15.47
N LEU A 27 -21.07 -10.94 15.28
CA LEU A 27 -22.08 -9.93 15.06
C LEU A 27 -22.54 -9.95 13.59
N LEU A 28 -23.83 -9.92 13.39
CA LEU A 28 -24.39 -9.99 12.04
C LEU A 28 -24.74 -8.61 11.51
N PRO A 29 -24.62 -8.41 10.19
CA PRO A 29 -24.90 -7.10 9.63
C PRO A 29 -26.35 -6.68 9.88
N ASN A 30 -26.57 -5.38 10.07
CA ASN A 30 -27.86 -4.83 10.47
C ASN A 30 -28.19 -3.61 9.63
N PHE A 31 -29.18 -3.72 8.76
CA PHE A 31 -29.76 -2.57 8.08
C PHE A 31 -31.00 -2.29 8.92
N GLY A 32 -30.77 -1.67 10.07
CA GLY A 32 -31.78 -1.45 11.08
C GLY A 32 -32.97 -0.69 10.54
N LYS A 33 -34.16 -1.19 10.89
CA LYS A 33 -35.44 -0.52 10.65
C LYS A 33 -36.03 0.11 11.93
N ALA A 34 -35.59 -0.37 13.10
CA ALA A 34 -36.11 0.14 14.38
C ALA A 34 -35.11 -0.02 15.53
N ALA A 35 -35.40 0.63 16.65
CA ALA A 35 -34.49 0.62 17.80
C ALA A 35 -34.36 -0.76 18.44
N PHE A 40 -31.33 -8.88 10.32
CA PHE A 40 -29.98 -9.20 9.86
C PHE A 40 -29.90 -9.73 8.40
N GLN A 41 -29.22 -8.99 7.55
CA GLN A 41 -29.08 -9.30 6.13
C GLN A 41 -27.77 -8.71 5.70
N SER A 42 -27.07 -9.34 4.76
CA SER A 42 -25.78 -8.82 4.33
C SER A 42 -25.86 -7.89 3.09
N ARG A 43 -27.03 -7.80 2.49
CA ARG A 43 -27.28 -6.79 1.45
C ARG A 43 -28.55 -6.08 1.84
N GLY A 44 -28.54 -4.75 1.69
CA GLY A 44 -29.68 -3.96 2.06
C GLY A 44 -30.76 -3.96 0.99
N LEU A 45 -31.83 -3.25 1.27
CA LEU A 45 -32.79 -2.85 0.24
C LEU A 45 -32.08 -1.90 -0.73
N PRO A 46 -32.62 -1.76 -1.95
CA PRO A 46 -31.94 -0.84 -2.88
C PRO A 46 -31.73 0.51 -2.24
N TYR A 47 -30.53 1.06 -2.41
CA TYR A 47 -30.15 2.26 -1.67
C TYR A 47 -30.76 3.58 -2.24
N THR A 48 -30.99 3.63 -3.54
CA THR A 48 -31.41 4.78 -4.37
C THR A 48 -30.32 5.84 -4.58
N MET A 49 -30.46 6.65 -5.64
CA MET A 49 -29.56 7.79 -5.86
C MET A 49 -30.09 9.08 -5.20
N SER A 50 -31.08 8.96 -4.32
CA SER A 50 -31.82 10.11 -3.83
C SER A 50 -31.15 10.79 -2.63
N ASP A 51 -31.75 11.89 -2.20
CA ASP A 51 -31.24 12.68 -1.07
C ASP A 51 -31.64 12.15 0.32
N THR A 52 -32.17 10.93 0.38
CA THR A 52 -32.85 10.42 1.57
C THR A 52 -32.37 9.03 1.94
N LEU A 53 -31.87 8.88 3.16
CA LEU A 53 -31.50 7.56 3.68
C LEU A 53 -32.75 6.83 4.12
N GLY A 54 -32.88 5.56 3.72
CA GLY A 54 -34.08 4.77 4.05
C GLY A 54 -33.79 3.68 5.06
N PRO A 55 -34.82 3.25 5.83
CA PRO A 55 -34.60 2.11 6.72
C PRO A 55 -34.54 0.84 5.85
N GLY A 56 -33.67 -0.08 6.21
CA GLY A 56 -33.49 -1.21 5.35
C GLY A 56 -32.47 -0.99 4.26
N ALA A 57 -32.20 0.26 3.86
CA ALA A 57 -31.19 0.57 2.83
C ALA A 57 -29.84 0.92 3.45
N ALA A 58 -29.89 1.65 4.56
CA ALA A 58 -28.69 2.21 5.16
C ALA A 58 -28.12 1.27 6.22
N LEU A 59 -26.82 1.05 6.17
CA LEU A 59 -26.19 0.15 7.14
C LEU A 59 -26.14 0.84 8.49
N CYS A 60 -26.53 0.09 9.52
CA CYS A 60 -26.48 0.59 10.87
C CYS A 60 -25.43 -0.19 11.62
N TYR A 61 -24.96 0.35 12.75
CA TYR A 61 -24.04 -0.41 13.60
C TYR A 61 -24.70 -1.71 14.09
N SER A 62 -23.92 -2.77 14.12
CA SER A 62 -24.29 -3.97 14.82
C SER A 62 -23.82 -3.88 16.25
N VAL A 63 -24.61 -4.41 17.17
CA VAL A 63 -24.27 -4.41 18.60
C VAL A 63 -24.57 -5.77 19.22
N ALA A 64 -23.73 -6.14 20.17
CA ALA A 64 -23.97 -7.29 21.02
C ALA A 64 -23.60 -6.90 22.44
N VAL A 65 -24.41 -7.36 23.39
CA VAL A 65 -24.12 -7.19 24.82
C VAL A 65 -24.02 -8.60 25.36
N ILE A 66 -22.81 -9.03 25.66
CA ILE A 66 -22.55 -10.41 26.05
C ILE A 66 -22.36 -10.52 27.56
N ASN A 67 -23.27 -11.25 28.22
CA ASN A 67 -23.19 -11.45 29.67
CA ASN A 67 -23.18 -11.45 29.66
C ASN A 67 -21.95 -12.28 30.05
N LEU A 68 -21.28 -11.87 31.12
CA LEU A 68 -20.10 -12.57 31.62
C LEU A 68 -20.48 -13.26 32.92
N PRO A 69 -19.67 -14.24 33.36
CA PRO A 69 -20.07 -14.96 34.56
C PRO A 69 -20.07 -14.14 35.84
N GLU A 70 -20.97 -14.48 36.78
CA GLU A 70 -20.99 -13.87 38.11
C GLU A 70 -19.68 -14.22 38.82
N ILE A 71 -19.11 -13.24 39.51
CA ILE A 71 -17.86 -13.48 40.27
C ILE A 71 -18.19 -13.64 41.75
N MET A 80 -14.39 -4.55 45.04
CA MET A 80 -15.24 -5.03 43.95
C MET A 80 -14.36 -5.63 42.86
N ILE A 81 -14.52 -6.93 42.61
CA ILE A 81 -13.86 -7.59 41.46
C ILE A 81 -14.77 -7.53 40.21
N VAL A 82 -14.18 -7.13 39.08
CA VAL A 82 -14.86 -7.10 37.80
C VAL A 82 -14.02 -7.81 36.76
N TRP A 83 -14.67 -8.25 35.68
CA TRP A 83 -13.97 -8.82 34.54
C TRP A 83 -13.28 -7.72 33.78
N GLU A 84 -12.02 -7.96 33.41
CA GLU A 84 -11.24 -7.05 32.58
C GLU A 84 -10.90 -7.70 31.22
N ALA A 85 -11.36 -7.13 30.12
CA ALA A 85 -10.98 -7.60 28.77
C ALA A 85 -9.65 -6.97 28.37
N TYR A 86 -8.64 -7.80 28.14
CA TYR A 86 -7.28 -7.31 27.92
C TYR A 86 -6.80 -7.59 26.49
N ARG A 87 -7.54 -8.40 25.75
CA ARG A 87 -7.13 -8.79 24.41
C ARG A 87 -8.35 -9.28 23.63
N LEU A 88 -8.37 -9.01 22.34
CA LEU A 88 -9.38 -9.63 21.49
C LEU A 88 -8.79 -10.05 20.17
N GLU A 89 -9.48 -10.99 19.52
CA GLU A 89 -9.30 -11.26 18.10
C GLU A 89 -10.59 -10.86 17.39
N THR A 90 -10.46 -10.31 16.18
CA THR A 90 -11.63 -9.97 15.40
C THR A 90 -11.37 -10.20 13.93
N GLU A 91 -12.37 -10.70 13.23
CA GLU A 91 -12.20 -11.06 11.82
C GLU A 91 -13.48 -10.81 11.07
N LEU A 92 -13.34 -10.33 9.83
CA LEU A 92 -14.45 -10.12 8.97
C LEU A 92 -14.68 -11.37 8.12
N LEU A 93 -15.93 -11.82 8.03
CA LEU A 93 -16.29 -12.97 7.20
C LEU A 93 -16.79 -12.45 5.86
N PHE A 94 -16.14 -12.88 4.78
CA PHE A 94 -16.54 -12.41 3.45
C PHE A 94 -15.94 -13.29 2.34
N ALA A 95 -16.64 -13.43 1.23
CA ALA A 95 -16.22 -14.24 0.07
C ALA A 95 -16.13 -13.33 -1.16
N PRO A 96 -15.29 -13.69 -2.15
CA PRO A 96 -15.29 -12.88 -3.39
C PRO A 96 -16.66 -12.92 -4.05
N GLN A 97 -17.10 -11.78 -4.59
CA GLN A 97 -18.41 -11.63 -5.21
C GLN A 97 -18.18 -11.59 -6.73
N MET A 98 -18.74 -12.56 -7.42
CA MET A 98 -18.58 -12.74 -8.88
CA MET A 98 -18.58 -12.66 -8.87
C MET A 98 -19.94 -12.71 -9.55
N ALA A 99 -20.51 -13.89 -9.87
CA ALA A 99 -21.87 -13.88 -10.48
C ALA A 99 -22.88 -13.14 -9.60
N SER A 100 -22.65 -13.17 -8.29
CA SER A 100 -23.56 -12.48 -7.34
C SER A 100 -23.71 -10.97 -7.54
N SER A 101 -22.79 -10.31 -8.25
CA SER A 101 -22.74 -8.86 -8.28
C SER A 101 -22.94 -8.26 -9.66
N GLY A 102 -23.32 -9.10 -10.63
CA GLY A 102 -23.73 -8.59 -11.92
C GLY A 102 -22.57 -8.25 -12.85
N TYR A 103 -22.89 -7.59 -13.96
CA TYR A 103 -21.90 -7.33 -14.99
C TYR A 103 -22.00 -5.94 -15.50
N GLN A 104 -20.87 -5.43 -15.98
CA GLN A 104 -20.77 -4.08 -16.55
C GLN A 104 -20.52 -4.20 -18.04
N ARG A 105 -21.49 -3.77 -18.83
CA ARG A 105 -21.37 -3.86 -20.29
C ARG A 105 -20.17 -3.10 -20.84
N ALA A 106 -19.90 -1.92 -20.29
CA ALA A 106 -18.86 -0.99 -20.83
C ALA A 106 -17.46 -1.64 -20.85
N ASN A 107 -17.21 -2.50 -19.89
CA ASN A 107 -15.93 -3.22 -19.79
C ASN A 107 -16.06 -4.71 -20.10
N GLY A 108 -17.22 -5.13 -20.58
CA GLY A 108 -17.47 -6.51 -20.94
C GLY A 108 -17.06 -7.56 -19.91
N THR A 109 -17.37 -7.31 -18.65
CA THR A 109 -16.91 -8.23 -17.61
C THR A 109 -17.71 -8.08 -16.37
N LEU A 110 -17.44 -8.92 -15.37
CA LEU A 110 -18.19 -8.82 -14.11
C LEU A 110 -17.96 -7.46 -13.47
N ALA A 111 -18.96 -7.00 -12.72
CA ALA A 111 -18.88 -5.72 -12.04
C ALA A 111 -18.12 -5.80 -10.70
N GLY A 112 -18.40 -6.84 -9.91
CA GLY A 112 -17.80 -6.98 -8.56
C GLY A 112 -18.35 -5.94 -7.59
N ILE A 113 -17.81 -5.98 -6.38
CA ILE A 113 -18.15 -4.99 -5.36
C ILE A 113 -17.23 -3.79 -5.52
N GLU A 114 -17.81 -2.58 -5.46
CA GLU A 114 -16.98 -1.40 -5.41
C GLU A 114 -17.70 -0.25 -4.75
N GLY A 115 -16.91 0.75 -4.36
CA GLY A 115 -17.44 2.00 -3.86
C GLY A 115 -16.95 2.32 -2.45
N THR A 116 -17.78 3.08 -1.75
CA THR A 116 -17.42 3.63 -0.43
C THR A 116 -17.55 2.53 0.62
N GLN A 117 -16.65 2.57 1.61
CA GLN A 117 -16.47 1.49 2.57
C GLN A 117 -16.29 2.03 3.95
N LEU A 118 -16.66 1.18 4.92
CA LEU A 118 -16.37 1.43 6.34
C LEU A 118 -16.09 0.09 7.00
N TYR A 119 -14.96 -0.04 7.68
CA TYR A 119 -14.64 -1.20 8.53
C TYR A 119 -14.39 -0.67 9.95
N PHE A 120 -15.24 -1.08 10.89
CA PHE A 120 -15.24 -0.53 12.26
C PHE A 120 -15.49 -1.64 13.29
N TRP A 121 -14.72 -1.62 14.36
CA TRP A 121 -15.05 -2.44 15.51
C TRP A 121 -14.83 -1.64 16.80
N ALA A 122 -15.56 -2.02 17.85
CA ALA A 122 -15.32 -1.50 19.20
C ALA A 122 -15.64 -2.57 20.21
N CYS A 123 -14.94 -2.48 21.33
CA CYS A 123 -15.12 -3.34 22.47
C CYS A 123 -15.02 -2.47 23.72
N GLY A 124 -16.09 -2.46 24.53
CA GLY A 124 -16.09 -1.67 25.76
C GLY A 124 -16.93 -2.25 26.88
N GLY A 125 -16.93 -1.57 28.02
CA GLY A 125 -17.69 -1.99 29.21
C GLY A 125 -19.07 -1.35 29.25
N GLY A 126 -19.38 -0.54 28.25
CA GLY A 126 -20.72 0.00 28.03
C GLY A 126 -20.90 0.32 26.55
N PRO A 127 -22.08 0.83 26.18
CA PRO A 127 -22.30 1.14 24.77
C PRO A 127 -21.39 2.23 24.25
N LEU A 128 -21.09 2.15 22.96
CA LEU A 128 -20.21 3.09 22.28
C LEU A 128 -20.76 4.50 22.29
N ASP A 129 -19.95 5.47 22.69
CA ASP A 129 -20.29 6.88 22.62
C ASP A 129 -20.10 7.37 21.19
N VAL A 130 -21.11 8.06 20.67
CA VAL A 130 -21.08 8.56 19.30
C VAL A 130 -21.54 10.02 19.20
N ILE A 131 -21.07 10.66 18.14
CA ILE A 131 -21.47 12.01 17.78
C ILE A 131 -22.34 11.97 16.52
N GLY A 132 -23.48 12.65 16.56
CA GLY A 132 -24.36 12.73 15.38
C GLY A 132 -23.95 13.87 14.46
N ILE A 133 -23.78 13.55 13.17
CA ILE A 133 -23.36 14.55 12.20
C ILE A 133 -24.16 14.34 10.94
N ASN A 134 -24.85 15.39 10.50
CA ASN A 134 -25.45 15.38 9.18
C ASN A 134 -24.47 16.16 8.30
N PRO A 135 -23.85 15.48 7.30
CA PRO A 135 -22.89 16.16 6.43
C PRO A 135 -23.46 17.28 5.59
N ASP A 136 -24.78 17.30 5.39
CA ASP A 136 -25.43 18.40 4.68
C ASP A 136 -26.81 18.60 5.29
N PRO A 137 -26.88 19.36 6.40
CA PRO A 137 -28.13 19.50 7.16
C PRO A 137 -29.31 20.06 6.35
N GLU A 138 -29.05 20.89 5.35
CA GLU A 138 -30.11 21.47 4.54
C GLU A 138 -30.68 20.48 3.50
N ARG A 139 -29.86 19.52 3.06
CA ARG A 139 -30.22 18.72 1.88
C ARG A 139 -30.31 17.22 2.08
N LEU A 140 -29.57 16.65 3.04
CA LEU A 140 -29.64 15.21 3.27
C LEU A 140 -30.77 14.90 4.24
N LYS A 141 -31.67 14.02 3.82
CA LYS A 141 -32.83 13.65 4.60
C LYS A 141 -32.72 12.24 5.15
N VAL A 142 -33.35 12.04 6.29
CA VAL A 142 -33.18 10.81 7.06
C VAL A 142 -34.56 10.32 7.45
N ASN A 143 -34.86 9.08 7.10
CA ASN A 143 -36.14 8.50 7.49
C ASN A 143 -36.34 8.46 9.02
N GLU A 144 -37.57 8.71 9.46
CA GLU A 144 -37.94 8.77 10.89
C GLU A 144 -37.65 7.49 11.68
N ALA A 145 -37.52 6.36 10.98
CA ALA A 145 -37.22 5.08 11.61
C ALA A 145 -35.76 4.97 12.08
N LEU A 146 -34.88 5.77 11.49
CA LEU A 146 -33.48 5.79 11.87
C LEU A 146 -33.27 6.85 12.94
N GLU A 147 -32.22 6.67 13.73
CA GLU A 147 -31.82 7.64 14.77
C GLU A 147 -31.26 8.87 14.08
N GLY A 148 -31.97 9.99 14.22
CA GLY A 148 -31.57 11.24 13.59
C GLY A 148 -30.40 11.91 14.30
N PRO A 149 -29.43 12.41 13.52
CA PRO A 149 -28.18 12.92 14.11
C PRO A 149 -28.24 14.36 14.57
N GLY A 150 -29.36 15.03 14.36
CA GLY A 150 -29.43 16.45 14.65
C GLY A 150 -28.92 17.23 13.45
N ASN A 151 -28.60 18.51 13.68
CA ASN A 151 -28.46 19.46 12.61
C ASN A 151 -27.05 20.01 12.42
N SER A 152 -26.07 19.43 13.10
CA SER A 152 -24.69 19.92 12.99
C SER A 152 -23.91 19.13 11.92
N ASP A 153 -23.14 19.86 11.10
CA ASP A 153 -22.21 19.22 10.17
C ASP A 153 -20.75 19.18 10.70
N VAL A 154 -20.55 19.62 11.94
CA VAL A 154 -19.23 19.64 12.56
C VAL A 154 -19.34 19.07 13.98
N ALA A 155 -18.23 18.52 14.47
CA ALA A 155 -18.18 17.87 15.79
C ALA A 155 -17.97 18.90 16.90
N SER A 156 -18.87 19.87 16.94
CA SER A 156 -18.85 20.90 17.97
C SER A 156 -19.43 20.37 19.27
N LEU A 157 -19.40 21.22 20.29
CA LEU A 157 -20.01 20.86 21.56
C LEU A 157 -21.51 20.68 21.37
N GLN A 158 -22.10 21.43 20.44
CA GLN A 158 -23.53 21.40 20.18
C GLN A 158 -23.99 20.14 19.45
N ALA A 159 -23.10 19.49 18.71
CA ALA A 159 -23.44 18.25 18.01
C ALA A 159 -23.99 17.21 18.99
N LEU A 160 -25.04 16.52 18.54
CA LEU A 160 -25.78 15.56 19.37
C LEU A 160 -24.87 14.42 19.81
N ARG A 161 -24.96 14.06 21.09
CA ARG A 161 -24.20 12.95 21.65
C ARG A 161 -25.17 11.89 22.11
N LYS A 162 -24.92 10.65 21.68
CA LYS A 162 -25.71 9.52 22.14
C LYS A 162 -24.79 8.30 22.32
N GLN A 163 -25.38 7.20 22.79
CA GLN A 163 -24.71 5.90 22.86
C GLN A 163 -25.41 4.87 21.96
N VAL A 164 -24.62 4.02 21.32
CA VAL A 164 -25.18 3.03 20.38
C VAL A 164 -25.73 1.87 21.22
N ASN A 165 -26.99 2.03 21.65
CA ASN A 165 -27.65 1.07 22.50
C ASN A 165 -28.88 0.49 21.82
N ALA A 166 -28.90 0.53 20.50
CA ALA A 166 -30.06 0.11 19.71
C ALA A 166 -29.58 -0.21 18.31
N ALA A 167 -30.49 -0.77 17.51
CA ALA A 167 -30.15 -1.31 16.19
C ALA A 167 -30.31 -0.32 15.02
N ASN A 168 -30.70 0.92 15.31
CA ASN A 168 -31.04 1.85 14.24
C ASN A 168 -30.17 3.10 14.17
N PHE A 169 -28.88 2.94 14.50
CA PHE A 169 -27.90 4.02 14.31
C PHE A 169 -27.16 3.89 12.97
N PRO A 170 -27.51 4.72 11.97
CA PRO A 170 -26.84 4.58 10.67
C PRO A 170 -25.37 5.03 10.72
N VAL A 171 -24.49 4.22 10.12
CA VAL A 171 -23.06 4.53 10.08
C VAL A 171 -22.70 5.79 9.31
N GLU A 172 -23.60 6.23 8.43
CA GLU A 172 -23.40 7.45 7.66
C GLU A 172 -23.63 8.70 8.50
N LEU A 173 -24.23 8.54 9.68
CA LEU A 173 -24.66 9.69 10.50
C LEU A 173 -24.09 9.75 11.91
N TRP A 174 -23.42 8.69 12.38
CA TRP A 174 -22.93 8.63 13.75
C TRP A 174 -21.47 8.19 13.76
N VAL A 175 -20.61 8.97 14.41
CA VAL A 175 -19.17 8.71 14.46
CA VAL A 175 -19.17 8.68 14.47
C VAL A 175 -18.70 8.50 15.90
N ALA A 176 -17.80 7.55 16.11
CA ALA A 176 -17.25 7.30 17.44
C ALA A 176 -16.71 8.60 18.04
N ASP A 177 -16.99 8.79 19.32
CA ASP A 177 -16.73 10.06 20.00
C ASP A 177 -15.39 9.97 20.73
N PRO A 178 -14.34 10.64 20.21
CA PRO A 178 -13.02 10.56 20.89
C PRO A 178 -12.88 11.37 22.18
N THR A 179 -13.87 12.21 22.49
CA THR A 179 -13.86 12.94 23.75
C THR A 179 -14.47 12.10 24.89
N LYS A 180 -15.01 10.95 24.56
CA LYS A 180 -15.53 10.01 25.55
C LYS A 180 -14.93 8.63 25.24
N ASN A 181 -15.70 7.55 25.39
CA ASN A 181 -15.16 6.20 25.16
C ASN A 181 -13.90 5.90 25.97
N ASP A 182 -13.84 6.37 27.22
CA ASP A 182 -12.69 6.10 28.07
C ASP A 182 -12.61 4.61 28.49
N ASN A 183 -13.71 3.87 28.36
CA ASN A 183 -13.71 2.42 28.68
C ASN A 183 -14.16 1.58 27.49
N THR A 184 -13.80 2.06 26.30
CA THR A 184 -13.99 1.34 25.04
C THR A 184 -12.71 1.49 24.20
N ARG A 185 -12.34 0.46 23.42
CA ARG A 185 -11.33 0.64 22.38
C ARG A 185 -12.03 0.49 21.04
N TYR A 186 -11.67 1.31 20.06
CA TYR A 186 -12.28 1.23 18.74
C TYR A 186 -11.30 1.57 17.65
N PHE A 187 -11.62 1.10 16.44
CA PHE A 187 -10.85 1.40 15.26
C PHE A 187 -11.79 1.41 14.05
N GLY A 188 -11.60 2.38 13.18
CA GLY A 188 -12.36 2.48 11.95
C GLY A 188 -11.55 2.93 10.76
N ARG A 189 -11.95 2.45 9.59
CA ARG A 189 -11.35 2.84 8.32
CA ARG A 189 -11.36 2.89 8.33
C ARG A 189 -12.45 3.14 7.33
N VAL A 190 -12.39 4.33 6.71
CA VAL A 190 -13.37 4.78 5.70
C VAL A 190 -12.63 4.90 4.36
N VAL A 191 -13.26 4.39 3.29
CA VAL A 191 -12.70 4.59 1.95
C VAL A 191 -13.80 5.26 1.18
N GLY A 192 -13.47 6.32 0.41
CA GLY A 192 -14.46 7.01 -0.37
C GLY A 192 -14.55 6.51 -1.80
N GLY A 193 -15.17 7.33 -2.64
CA GLY A 193 -15.30 7.04 -4.06
C GLY A 193 -16.47 6.14 -4.35
N GLY A 194 -16.84 6.08 -5.62
CA GLY A 194 -17.96 5.24 -6.02
C GLY A 194 -17.61 3.98 -6.79
N VAL A 195 -16.37 3.87 -7.26
CA VAL A 195 -15.93 2.68 -7.97
C VAL A 195 -14.67 2.07 -7.34
N THR A 196 -14.39 2.47 -6.10
CA THR A 196 -13.16 2.07 -5.46
C THR A 196 -13.19 0.60 -5.10
N PRO A 197 -12.13 -0.15 -5.46
CA PRO A 197 -12.13 -1.57 -5.11
C PRO A 197 -11.90 -1.77 -3.63
N PRO A 198 -12.63 -2.71 -3.02
CA PRO A 198 -12.36 -3.05 -1.64
C PRO A 198 -11.27 -4.13 -1.51
N VAL A 199 -10.56 -4.06 -0.37
CA VAL A 199 -9.62 -5.10 0.01
C VAL A 199 -9.94 -5.52 1.43
N VAL A 200 -10.17 -6.80 1.63
CA VAL A 200 -10.62 -7.35 2.92
C VAL A 200 -9.62 -8.45 3.22
N SER A 201 -9.01 -8.45 4.40
CA SER A 201 -8.21 -9.61 4.77
CA SER A 201 -8.16 -9.56 4.79
C SER A 201 -8.72 -10.19 6.08
N TYR A 202 -8.43 -11.48 6.28
CA TYR A 202 -8.89 -12.18 7.47
C TYR A 202 -7.98 -13.37 7.75
N GLY A 203 -7.97 -13.83 8.98
CA GLY A 203 -7.19 -14.99 9.33
C GLY A 203 -7.48 -15.33 10.75
N ASN A 204 -6.83 -16.34 11.29
CA ASN A 204 -7.05 -16.66 12.71
C ASN A 204 -5.79 -16.61 13.55
N GLN A 205 -4.82 -15.80 13.13
CA GLN A 205 -3.58 -15.68 13.89
C GLN A 205 -3.34 -14.29 14.47
N SER A 206 -4.05 -13.27 13.99
CA SER A 206 -3.86 -11.92 14.46
C SER A 206 -4.60 -11.71 15.79
N THR A 207 -4.13 -10.71 16.51
CA THR A 207 -4.69 -10.41 17.82
C THR A 207 -4.42 -8.94 18.12
N THR A 208 -5.23 -8.40 19.04
CA THR A 208 -5.33 -6.98 19.32
C THR A 208 -5.33 -6.76 20.83
N PRO A 209 -4.23 -6.24 21.39
CA PRO A 209 -4.27 -5.89 22.82
C PRO A 209 -5.24 -4.74 23.12
N LEU A 210 -5.82 -4.74 24.32
CA LEU A 210 -6.78 -3.72 24.70
C LEU A 210 -6.32 -2.90 25.90
N ILE A 211 -5.08 -3.11 26.35
CA ILE A 211 -4.59 -2.45 27.56
C ILE A 211 -4.08 -1.04 27.27
N ASP A 212 -4.32 -0.13 28.21
CA ASP A 212 -3.82 1.25 28.11
C ASP A 212 -2.36 1.37 28.57
N GLU A 213 -1.85 2.60 28.66
CA GLU A 213 -0.49 2.89 29.08
C GLU A 213 -0.13 2.31 30.46
N ASN A 214 -1.13 2.16 31.33
CA ASN A 214 -0.94 1.58 32.67
C ASN A 214 -1.30 0.09 32.79
N GLY A 215 -1.46 -0.61 31.67
CA GLY A 215 -1.73 -2.06 31.72
C GLY A 215 -3.18 -2.43 32.02
N VAL A 216 -4.09 -1.46 31.91
CA VAL A 216 -5.50 -1.69 32.21
C VAL A 216 -6.34 -1.84 30.94
N GLY A 217 -7.01 -2.99 30.84
CA GLY A 217 -7.93 -3.23 29.73
C GLY A 217 -9.30 -2.63 29.97
N ILE A 218 -10.29 -3.17 29.26
CA ILE A 218 -11.68 -2.76 29.40
C ILE A 218 -12.25 -3.32 30.70
N LEU A 219 -12.79 -2.45 31.54
CA LEU A 219 -13.38 -2.87 32.81
C LEU A 219 -14.88 -3.04 32.66
N CYS A 220 -15.36 -4.29 32.75
CA CYS A 220 -16.76 -4.64 32.51
C CYS A 220 -17.61 -4.53 33.76
N THR A 221 -17.79 -3.30 34.22
CA THR A 221 -18.40 -3.03 35.54
C THR A 221 -19.91 -3.35 35.62
N PHE A 222 -20.57 -3.52 34.45
CA PHE A 222 -21.97 -3.94 34.41
C PHE A 222 -22.15 -5.45 34.27
N GLY A 223 -21.05 -6.19 34.19
CA GLY A 223 -21.08 -7.66 34.12
C GLY A 223 -21.28 -8.18 32.72
N SER A 224 -21.07 -7.32 31.72
CA SER A 224 -21.12 -7.71 30.31
C SER A 224 -20.02 -7.01 29.51
N VAL A 225 -19.67 -7.58 28.37
CA VAL A 225 -18.81 -6.88 27.40
C VAL A 225 -19.67 -6.39 26.23
N TYR A 226 -19.42 -5.15 25.80
CA TYR A 226 -20.19 -4.50 24.75
C TYR A 226 -19.37 -4.46 23.47
N LEU A 227 -19.88 -5.12 22.43
CA LEU A 227 -19.28 -5.14 21.11
C LEU A 227 -20.14 -4.35 20.13
N THR A 228 -19.45 -3.60 19.25
CA THR A 228 -20.07 -2.83 18.18
C THR A 228 -19.23 -3.02 16.91
N SER A 229 -19.89 -3.09 15.76
CA SER A 229 -19.18 -3.22 14.50
C SER A 229 -19.98 -2.65 13.34
N ALA A 230 -19.28 -2.34 12.27
CA ALA A 230 -19.89 -2.04 10.99
C ALA A 230 -18.90 -2.36 9.91
N ASP A 231 -19.35 -3.10 8.90
CA ASP A 231 -18.50 -3.54 7.80
C ASP A 231 -19.23 -3.38 6.49
N MET A 232 -19.08 -2.20 5.90
CA MET A 232 -19.63 -1.94 4.56
C MET A 232 -18.52 -2.13 3.54
N VAL A 233 -18.64 -3.16 2.70
CA VAL A 233 -17.61 -3.53 1.76
C VAL A 233 -17.73 -2.74 0.45
N GLY A 234 -18.92 -2.20 0.19
CA GLY A 234 -19.15 -1.38 -0.99
C GLY A 234 -20.58 -1.54 -1.46
N MET A 235 -20.80 -1.28 -2.75
CA MET A 235 -22.11 -1.48 -3.37
C MET A 235 -22.05 -2.58 -4.43
N THR A 236 -23.23 -3.10 -4.75
CA THR A 236 -23.42 -4.22 -5.66
C THR A 236 -24.67 -4.09 -6.50
N GLY A 237 -24.60 -4.65 -7.70
CA GLY A 237 -25.81 -4.97 -8.45
C GLY A 237 -26.33 -6.34 -8.09
N LEU A 238 -27.44 -6.69 -8.73
CA LEU A 238 -28.09 -8.00 -8.57
C LEU A 238 -27.38 -9.08 -9.39
N PRO A 239 -27.49 -10.34 -8.96
CA PRO A 239 -26.87 -11.43 -9.72
C PRO A 239 -27.28 -11.57 -11.17
N GLY A 240 -26.29 -11.77 -12.03
CA GLY A 240 -26.48 -12.07 -13.42
C GLY A 240 -27.20 -11.02 -14.25
N LEU A 241 -27.12 -9.78 -13.79
CA LEU A 241 -27.84 -8.67 -14.43
C LEU A 241 -26.88 -7.50 -14.65
N PRO A 242 -27.22 -6.59 -15.57
CA PRO A 242 -26.33 -5.48 -15.83
C PRO A 242 -26.37 -4.45 -14.68
N THR A 243 -25.25 -3.80 -14.46
CA THR A 243 -25.15 -2.75 -13.46
C THR A 243 -24.10 -1.75 -13.92
N LEU A 244 -23.80 -0.78 -13.05
CA LEU A 244 -22.90 0.34 -13.34
C LEU A 244 -23.32 1.11 -14.58
N SER A 245 -24.64 1.32 -14.74
CA SER A 245 -25.20 2.12 -15.81
C SER A 245 -26.50 2.72 -15.31
N ALA A 246 -26.88 3.84 -15.92
CA ALA A 246 -28.00 4.65 -15.45
C ALA A 246 -29.32 3.90 -15.27
N ASP A 247 -29.65 3.00 -16.20
CA ASP A 247 -30.94 2.30 -16.14
C ASP A 247 -31.07 1.42 -14.87
N TYR A 248 -29.94 1.02 -14.30
CA TYR A 248 -29.89 0.06 -13.21
C TYR A 248 -29.47 0.72 -11.90
N SER A 249 -29.43 2.04 -11.89
CA SER A 249 -29.02 2.81 -10.69
C SER A 249 -29.95 2.57 -9.48
N ASN A 250 -31.25 2.33 -9.74
CA ASN A 250 -32.22 2.04 -8.70
C ASN A 250 -32.10 0.64 -8.10
N GLN A 251 -31.22 -0.20 -8.64
CA GLN A 251 -30.99 -1.56 -8.12
C GLN A 251 -29.73 -1.68 -7.28
N ARG A 252 -28.93 -0.64 -7.20
CA ARG A 252 -27.66 -0.72 -6.47
C ARG A 252 -27.97 -0.88 -4.99
N THR A 253 -27.23 -1.77 -4.35
CA THR A 253 -27.46 -2.15 -2.95
CA THR A 253 -27.46 -2.03 -2.91
C THR A 253 -26.15 -2.14 -2.15
N VAL A 254 -26.23 -1.87 -0.85
CA VAL A 254 -25.03 -1.90 -0.02
C VAL A 254 -24.71 -3.35 0.27
N GLN A 255 -23.43 -3.70 0.07
CA GLN A 255 -22.90 -4.99 0.46
C GLN A 255 -22.16 -4.83 1.78
N ALA A 256 -22.64 -5.55 2.81
CA ALA A 256 -21.97 -5.64 4.07
C ALA A 256 -21.21 -6.96 4.16
N GLY A 257 -20.35 -7.06 5.18
CA GLY A 257 -19.75 -8.32 5.53
C GLY A 257 -20.82 -9.32 5.96
N TYR A 258 -20.47 -10.60 5.91
CA TYR A 258 -21.39 -11.65 6.32
C TYR A 258 -21.53 -11.72 7.84
N GLY A 259 -20.51 -11.20 8.52
CA GLY A 259 -20.47 -11.23 9.96
C GLY A 259 -19.10 -10.75 10.39
N ARG A 260 -19.00 -10.31 11.64
CA ARG A 260 -17.71 -9.99 12.24
C ARG A 260 -17.56 -10.80 13.51
N PHE A 261 -16.55 -11.66 13.50
CA PHE A 261 -16.20 -12.51 14.62
C PHE A 261 -15.42 -11.71 15.65
N PHE A 262 -15.67 -11.98 16.94
CA PHE A 262 -14.85 -11.49 18.05
C PHE A 262 -14.57 -12.65 19.03
N ARG A 263 -13.35 -12.69 19.54
CA ARG A 263 -13.01 -13.50 20.69
C ARG A 263 -12.42 -12.54 21.72
N VAL A 264 -13.08 -12.47 22.86
CA VAL A 264 -12.66 -11.54 23.90
C VAL A 264 -12.08 -12.31 25.08
N HIS A 265 -10.87 -11.92 25.50
CA HIS A 265 -10.18 -12.56 26.60
C HIS A 265 -10.27 -11.71 27.86
N CYS A 266 -10.71 -12.31 28.96
CA CYS A 266 -10.97 -11.58 30.20
C CYS A 266 -10.19 -12.17 31.35
N ARG A 267 -9.79 -11.30 32.26
CA ARG A 267 -9.25 -11.70 33.55
C ARG A 267 -9.97 -10.92 34.64
N GLN A 268 -9.59 -11.16 35.89
CA GLN A 268 -10.24 -10.48 37.01
C GLN A 268 -9.36 -9.36 37.51
N ARG A 269 -10.01 -8.23 37.80
CA ARG A 269 -9.34 -7.01 38.26
C ARG A 269 -10.09 -6.48 39.49
N ARG A 270 -9.34 -6.15 40.54
CA ARG A 270 -9.89 -5.50 41.73
C ARG A 270 -9.94 -3.99 41.49
N ILE A 271 -11.12 -3.40 41.70
CA ILE A 271 -11.29 -1.95 41.59
C ILE A 271 -11.36 -1.36 42.98
N VAL B 7 -7.29 -31.84 25.52
CA VAL B 7 -5.92 -32.40 25.37
C VAL B 7 -4.88 -31.48 25.99
N GLU B 8 -4.12 -32.01 26.94
CA GLU B 8 -3.01 -31.28 27.54
C GLU B 8 -1.73 -31.49 26.72
N VAL B 9 -1.11 -30.37 26.34
CA VAL B 9 0.10 -30.40 25.55
C VAL B 9 1.29 -30.38 26.50
N LEU B 10 2.18 -31.36 26.37
CA LEU B 10 3.35 -31.47 27.24
C LEU B 10 4.52 -30.88 26.49
N ASP B 11 5.71 -31.44 26.67
CA ASP B 11 6.92 -30.85 26.09
C ASP B 11 7.22 -31.40 24.71
N THR B 12 7.92 -30.59 23.93
CA THR B 12 8.47 -31.10 22.69
C THR B 12 9.47 -32.20 23.03
N VAL B 13 9.59 -33.14 22.11
CA VAL B 13 10.58 -34.19 22.19
C VAL B 13 11.93 -33.56 21.78
N PRO B 14 13.03 -33.90 22.51
CA PRO B 14 14.31 -33.27 22.14
C PRO B 14 14.59 -33.41 20.63
N LEU B 15 15.05 -32.33 20.01
CA LEU B 15 15.29 -32.30 18.57
C LEU B 15 16.47 -33.18 18.13
N THR B 16 16.21 -34.10 17.20
CA THR B 16 17.24 -34.89 16.53
C THR B 16 16.82 -35.02 15.07
N GLU B 17 17.62 -35.73 14.28
CA GLU B 17 17.23 -36.01 12.88
C GLU B 17 15.92 -36.78 12.77
N ASP B 18 15.73 -37.76 13.65
CA ASP B 18 14.51 -38.56 13.63
C ASP B 18 13.25 -37.86 14.19
N THR B 19 13.40 -36.80 14.98
CA THR B 19 12.23 -36.14 15.58
C THR B 19 11.83 -34.83 14.87
N GLN B 20 12.41 -34.59 13.70
CA GLN B 20 12.04 -33.45 12.87
C GLN B 20 11.77 -33.94 11.46
N TYR B 21 10.81 -33.33 10.77
CA TYR B 21 10.48 -33.77 9.41
C TYR B 21 9.89 -32.58 8.69
N LYS B 22 10.21 -32.46 7.41
CA LYS B 22 9.61 -31.43 6.61
C LYS B 22 9.06 -32.08 5.36
N VAL B 23 7.97 -31.54 4.87
CA VAL B 23 7.41 -32.06 3.64
C VAL B 23 6.96 -30.91 2.75
N GLU B 24 6.99 -31.17 1.45
CA GLU B 24 6.64 -30.15 0.42
C GLU B 24 5.45 -30.67 -0.39
N ALA B 25 4.66 -29.74 -0.91
CA ALA B 25 3.59 -30.08 -1.82
C ALA B 25 3.28 -28.86 -2.67
N VAL B 26 2.79 -29.11 -3.88
CA VAL B 26 2.21 -28.04 -4.68
C VAL B 26 0.75 -28.38 -4.96
N LEU B 27 -0.15 -27.56 -4.44
CA LEU B 27 -1.59 -27.69 -4.62
C LEU B 27 -1.90 -27.01 -5.92
N LEU B 28 -2.61 -27.73 -6.78
CA LEU B 28 -2.94 -27.27 -8.11
C LEU B 28 -4.36 -26.69 -8.15
N PRO B 29 -4.59 -25.69 -9.00
CA PRO B 29 -5.90 -25.12 -9.06
C PRO B 29 -6.95 -26.08 -9.58
N ASN B 30 -8.15 -25.89 -9.05
CA ASN B 30 -9.22 -26.81 -9.25
C ASN B 30 -10.54 -26.11 -9.46
N PHE B 31 -11.12 -26.28 -10.66
CA PHE B 31 -12.42 -25.72 -10.99
C PHE B 31 -13.25 -26.97 -11.01
N GLY B 32 -13.61 -27.37 -9.79
CA GLY B 32 -14.28 -28.60 -9.48
C GLY B 32 -15.55 -28.80 -10.26
N LYS B 33 -15.68 -30.03 -10.73
CA LYS B 33 -16.82 -30.53 -11.46
C LYS B 33 -17.39 -31.79 -10.79
N ALA B 34 -16.74 -32.24 -9.71
CA ALA B 34 -17.12 -33.47 -9.00
C ALA B 34 -16.39 -33.50 -7.64
N ALA B 35 -16.86 -34.34 -6.73
CA ALA B 35 -16.31 -34.33 -5.36
C ALA B 35 -14.94 -35.03 -5.26
N THR B 36 -14.87 -36.24 -5.83
CA THR B 36 -13.72 -37.12 -5.60
C THR B 36 -12.54 -36.91 -6.57
N THR B 37 -12.78 -36.18 -7.65
CA THR B 37 -11.77 -35.94 -8.68
C THR B 37 -11.69 -34.42 -8.95
N GLY B 38 -10.50 -33.84 -8.74
CA GLY B 38 -10.25 -32.41 -9.06
C GLY B 38 -10.14 -32.18 -10.56
N ASN B 39 -10.16 -30.91 -10.95
CA ASN B 39 -10.16 -30.56 -12.36
C ASN B 39 -9.03 -29.60 -12.46
N PHE B 40 -7.81 -30.13 -12.66
CA PHE B 40 -6.67 -29.24 -12.42
C PHE B 40 -6.42 -28.48 -13.69
N GLN B 41 -6.74 -27.20 -13.62
CA GLN B 41 -6.51 -26.27 -14.72
C GLN B 41 -6.41 -24.89 -14.08
N SER B 42 -5.61 -24.00 -14.69
CA SER B 42 -5.43 -22.65 -14.14
C SER B 42 -6.32 -21.58 -14.73
N ARG B 43 -7.05 -21.91 -15.80
CA ARG B 43 -8.16 -21.09 -16.27
C ARG B 43 -9.39 -21.98 -16.37
N GLY B 44 -10.52 -21.44 -15.96
CA GLY B 44 -11.78 -22.18 -16.03
C GLY B 44 -12.39 -22.11 -17.40
N LEU B 45 -13.55 -22.76 -17.53
CA LEU B 45 -14.40 -22.53 -18.69
C LEU B 45 -14.91 -21.10 -18.56
N PRO B 46 -15.46 -20.53 -19.64
CA PRO B 46 -15.99 -19.16 -19.54
C PRO B 46 -16.96 -19.04 -18.40
N TYR B 47 -16.80 -18.01 -17.60
CA TYR B 47 -17.53 -17.88 -16.34
C TYR B 47 -19.02 -17.57 -16.57
N THR B 48 -19.29 -16.90 -17.69
CA THR B 48 -20.59 -16.37 -18.11
C THR B 48 -20.94 -15.10 -17.32
N MET B 49 -21.83 -14.29 -17.89
CA MET B 49 -22.42 -13.15 -17.21
C MET B 49 -23.77 -13.51 -16.56
N SER B 50 -23.98 -14.80 -16.28
CA SER B 50 -25.29 -15.32 -15.82
C SER B 50 -25.40 -15.27 -14.28
N ASP B 51 -26.56 -15.66 -13.77
CA ASP B 51 -26.81 -15.76 -12.32
C ASP B 51 -26.44 -17.10 -11.68
N THR B 52 -25.65 -17.90 -12.37
CA THR B 52 -25.44 -19.30 -11.99
C THR B 52 -24.00 -19.69 -12.02
N LEU B 53 -23.49 -20.19 -10.88
CA LEU B 53 -22.18 -20.80 -10.82
C LEU B 53 -22.20 -22.18 -11.46
N GLY B 54 -21.35 -22.39 -12.44
CA GLY B 54 -21.29 -23.67 -13.15
C GLY B 54 -20.00 -24.41 -12.87
N PRO B 55 -20.05 -25.74 -12.84
CA PRO B 55 -18.84 -26.49 -12.58
C PRO B 55 -17.87 -26.33 -13.77
N GLY B 56 -16.60 -26.23 -13.47
CA GLY B 56 -15.59 -25.93 -14.48
C GLY B 56 -15.35 -24.45 -14.66
N ALA B 57 -16.30 -23.62 -14.25
CA ALA B 57 -16.21 -22.17 -14.36
C ALA B 57 -15.85 -21.49 -13.04
N ALA B 58 -16.42 -22.00 -11.96
CA ALA B 58 -16.23 -21.45 -10.62
C ALA B 58 -15.01 -22.06 -9.94
N LEU B 59 -14.14 -21.22 -9.39
CA LEU B 59 -12.95 -21.73 -8.68
C LEU B 59 -13.36 -22.39 -7.37
N CYS B 60 -12.82 -23.59 -7.12
CA CYS B 60 -13.05 -24.29 -5.87
C CYS B 60 -11.80 -24.37 -5.03
N TYR B 61 -11.94 -24.63 -3.73
CA TYR B 61 -10.74 -24.84 -2.92
C TYR B 61 -9.98 -26.08 -3.42
N SER B 62 -8.66 -25.96 -3.36
CA SER B 62 -7.73 -27.04 -3.55
C SER B 62 -7.42 -27.62 -2.20
N VAL B 63 -7.28 -28.94 -2.14
CA VAL B 63 -6.94 -29.61 -0.90
C VAL B 63 -5.87 -30.66 -1.16
N ALA B 64 -5.02 -30.85 -0.17
CA ALA B 64 -4.07 -31.97 -0.17
C ALA B 64 -4.01 -32.51 1.24
N VAL B 65 -3.89 -33.83 1.35
CA VAL B 65 -3.69 -34.49 2.63
C VAL B 65 -2.39 -35.27 2.51
N ILE B 66 -1.40 -34.84 3.29
CA ILE B 66 -0.04 -35.32 3.17
C ILE B 66 0.25 -36.21 4.36
N ASN B 67 0.57 -37.47 4.08
CA ASN B 67 0.90 -38.40 5.16
CA ASN B 67 0.93 -38.43 5.13
C ASN B 67 2.29 -38.08 5.77
N LEU B 68 2.40 -38.22 7.08
CA LEU B 68 3.65 -37.97 7.78
C LEU B 68 4.20 -39.33 8.19
N PRO B 69 5.49 -39.40 8.55
CA PRO B 69 6.05 -40.69 8.89
C PRO B 69 5.43 -41.31 10.15
N GLU B 70 5.36 -42.64 10.19
CA GLU B 70 4.97 -43.30 11.42
C GLU B 70 5.99 -42.92 12.52
N ILE B 71 5.50 -42.72 13.74
CA ILE B 71 6.35 -42.53 14.90
C ILE B 71 6.31 -43.85 15.67
N PRO B 72 7.40 -44.66 15.61
CA PRO B 72 7.35 -45.87 16.40
C PRO B 72 7.28 -45.58 17.91
N ASP B 73 6.67 -46.48 18.65
CA ASP B 73 6.73 -46.46 20.13
C ASP B 73 6.13 -45.17 20.69
N ALA B 74 5.08 -44.69 20.04
CA ALA B 74 4.53 -43.37 20.33
C ALA B 74 3.57 -43.29 21.52
N MET B 75 3.02 -44.42 21.96
CA MET B 75 1.97 -44.43 23.03
C MET B 75 2.48 -44.94 24.38
N CYS B 76 2.28 -44.14 25.43
CA CYS B 76 2.62 -44.50 26.81
C CYS B 76 1.50 -44.12 27.76
N GLU B 77 0.82 -45.11 28.34
CA GLU B 77 -0.35 -44.91 29.20
C GLU B 77 -1.29 -43.86 28.63
N ASP B 78 -1.24 -42.65 29.18
CA ASP B 78 -2.18 -41.58 28.88
C ASP B 78 -1.55 -40.52 28.01
N THR B 79 -0.35 -40.80 27.49
CA THR B 79 0.32 -39.84 26.64
C THR B 79 0.66 -40.43 25.28
N MET B 80 0.76 -39.57 24.27
CA MET B 80 1.33 -40.01 23.02
C MET B 80 2.18 -38.93 22.37
N ILE B 81 3.06 -39.38 21.49
CA ILE B 81 3.87 -38.48 20.67
C ILE B 81 3.20 -38.28 19.32
N VAL B 82 3.05 -37.03 18.90
CA VAL B 82 2.51 -36.71 17.56
C VAL B 82 3.43 -35.70 16.86
N TRP B 83 3.31 -35.61 15.55
CA TRP B 83 3.95 -34.57 14.78
C TRP B 83 3.25 -33.23 15.02
N GLU B 84 4.04 -32.21 15.28
CA GLU B 84 3.58 -30.84 15.46
C GLU B 84 4.17 -29.96 14.35
N ALA B 85 3.30 -29.32 13.56
CA ALA B 85 3.75 -28.45 12.49
C ALA B 85 3.84 -27.05 13.07
N TYR B 86 5.06 -26.53 13.14
CA TYR B 86 5.33 -25.27 13.86
C TYR B 86 5.65 -24.09 12.94
N ARG B 87 5.85 -24.35 11.65
CA ARG B 87 6.24 -23.29 10.71
C ARG B 87 5.96 -23.78 9.33
N LEU B 88 5.57 -22.87 8.44
CA LEU B 88 5.50 -23.22 7.03
C LEU B 88 6.01 -22.11 6.14
N GLU B 89 6.37 -22.48 4.92
CA GLU B 89 6.57 -21.51 3.85
C GLU B 89 5.49 -21.77 2.83
N THR B 90 4.92 -20.73 2.25
CA THR B 90 3.97 -20.94 1.15
C THR B 90 4.21 -19.86 0.09
N GLU B 91 4.10 -20.24 -1.19
CA GLU B 91 4.36 -19.33 -2.31
C GLU B 91 3.37 -19.60 -3.42
N LEU B 92 2.83 -18.54 -4.02
CA LEU B 92 2.03 -18.67 -5.22
C LEU B 92 2.93 -18.72 -6.46
N LEU B 93 2.61 -19.61 -7.38
CA LEU B 93 3.32 -19.70 -8.64
C LEU B 93 2.52 -18.98 -9.72
N PHE B 94 3.14 -17.98 -10.35
CA PHE B 94 2.42 -17.18 -11.34
C PHE B 94 3.40 -16.39 -12.19
N ALA B 95 3.05 -16.17 -13.44
CA ALA B 95 3.83 -15.39 -14.39
C ALA B 95 3.00 -14.21 -14.90
N PRO B 96 3.67 -13.14 -15.34
CA PRO B 96 2.91 -12.06 -15.98
C PRO B 96 2.16 -12.54 -17.21
N GLN B 97 0.92 -12.07 -17.37
CA GLN B 97 0.08 -12.45 -18.49
C GLN B 97 0.03 -11.31 -19.51
N MET B 98 0.44 -11.58 -20.73
CA MET B 98 0.56 -10.57 -21.76
CA MET B 98 0.48 -10.55 -21.75
C MET B 98 -0.24 -11.05 -22.99
N ALA B 99 0.42 -11.64 -23.99
CA ALA B 99 -0.33 -12.17 -25.16
C ALA B 99 -1.41 -13.16 -24.74
N SER B 100 -1.21 -13.82 -23.62
CA SER B 100 -2.15 -14.83 -23.17
C SER B 100 -3.53 -14.29 -22.79
N SER B 101 -3.65 -12.99 -22.56
CA SER B 101 -4.88 -12.45 -21.97
C SER B 101 -5.63 -11.45 -22.83
N GLY B 102 -5.26 -11.35 -24.09
CA GLY B 102 -6.06 -10.60 -25.06
C GLY B 102 -5.76 -9.11 -25.05
N TYR B 103 -6.54 -8.36 -25.80
CA TYR B 103 -6.28 -6.93 -25.94
C TYR B 103 -7.55 -6.14 -25.81
N GLN B 104 -7.42 -4.88 -25.41
CA GLN B 104 -8.54 -4.00 -25.20
C GLN B 104 -8.40 -2.90 -26.24
N ARG B 105 -9.34 -2.87 -27.17
CA ARG B 105 -9.31 -1.87 -28.24
C ARG B 105 -9.34 -0.45 -27.72
N ALA B 106 -10.19 -0.19 -26.74
CA ALA B 106 -10.41 1.19 -26.22
C ALA B 106 -9.13 1.90 -25.73
N ASN B 107 -8.19 1.13 -25.22
CA ASN B 107 -6.93 1.66 -24.68
C ASN B 107 -5.78 1.23 -25.62
N GLY B 108 -6.09 0.66 -26.80
CA GLY B 108 -5.08 0.18 -27.75
C GLY B 108 -3.91 -0.59 -27.13
N THR B 109 -4.19 -1.44 -26.18
CA THR B 109 -3.10 -2.21 -25.54
C THR B 109 -3.56 -3.55 -25.02
N LEU B 110 -2.62 -4.34 -24.52
CA LEU B 110 -2.96 -5.58 -23.86
C LEU B 110 -3.91 -5.37 -22.71
N ALA B 111 -4.80 -6.33 -22.51
CA ALA B 111 -5.77 -6.27 -21.42
C ALA B 111 -5.20 -6.67 -20.07
N GLY B 112 -4.35 -7.69 -20.07
CA GLY B 112 -3.85 -8.29 -18.84
C GLY B 112 -4.92 -8.89 -17.96
N ILE B 113 -4.50 -9.36 -16.79
CA ILE B 113 -5.43 -9.90 -15.80
C ILE B 113 -5.98 -8.77 -14.96
N GLU B 114 -7.27 -8.77 -14.68
CA GLU B 114 -7.85 -7.84 -13.73
C GLU B 114 -9.14 -8.36 -13.17
N GLY B 115 -9.56 -7.78 -12.06
CA GLY B 115 -10.85 -8.09 -11.47
C GLY B 115 -10.75 -8.63 -10.06
N THR B 116 -11.80 -9.33 -9.65
CA THR B 116 -11.96 -9.76 -8.25
C THR B 116 -10.98 -10.89 -7.96
N GLN B 117 -10.44 -10.91 -6.74
CA GLN B 117 -9.35 -11.81 -6.38
C GLN B 117 -9.59 -12.43 -5.00
N LEU B 118 -8.97 -13.60 -4.82
CA LEU B 118 -8.89 -14.27 -3.52
C LEU B 118 -7.55 -14.97 -3.42
N TYR B 119 -6.85 -14.74 -2.32
CA TYR B 119 -5.60 -15.46 -2.02
C TYR B 119 -5.75 -16.08 -0.65
N PHE B 120 -5.78 -17.41 -0.60
CA PHE B 120 -6.12 -18.10 0.66
C PHE B 120 -5.24 -19.30 0.87
N TRP B 121 -4.78 -19.49 2.11
CA TRP B 121 -4.14 -20.75 2.48
C TRP B 121 -4.59 -21.17 3.87
N ALA B 122 -4.53 -22.48 4.09
CA ALA B 122 -4.75 -23.10 5.41
C ALA B 122 -3.89 -24.33 5.57
N CYS B 123 -3.49 -24.55 6.83
CA CYS B 123 -2.74 -25.71 7.26
C CYS B 123 -3.27 -26.19 8.60
N GLY B 124 -3.64 -27.46 8.67
CA GLY B 124 -4.24 -27.98 9.88
C GLY B 124 -4.08 -29.49 10.05
N GLY B 125 -4.58 -29.98 11.18
CA GLY B 125 -4.52 -31.38 11.53
C GLY B 125 -5.74 -32.17 11.06
N GLY B 126 -6.65 -31.48 10.38
CA GLY B 126 -7.80 -32.10 9.73
C GLY B 126 -8.34 -31.10 8.74
N PRO B 127 -9.44 -31.42 8.07
CA PRO B 127 -9.94 -30.49 7.03
C PRO B 127 -10.42 -29.17 7.58
N LEU B 128 -10.36 -28.16 6.72
CA LEU B 128 -10.79 -26.81 7.01
C LEU B 128 -12.29 -26.71 7.32
N ASP B 129 -12.63 -26.13 8.46
CA ASP B 129 -14.04 -25.84 8.78
C ASP B 129 -14.47 -24.58 8.01
N VAL B 130 -15.62 -24.68 7.32
CA VAL B 130 -16.16 -23.54 6.54
C VAL B 130 -17.63 -23.30 6.85
N ILE B 131 -18.06 -22.07 6.56
CA ILE B 131 -19.45 -21.68 6.67
C ILE B 131 -19.99 -21.45 5.26
N GLY B 132 -21.16 -22.01 4.99
CA GLY B 132 -21.84 -21.82 3.69
C GLY B 132 -22.63 -20.54 3.70
N ILE B 133 -22.37 -19.65 2.74
CA ILE B 133 -23.11 -18.40 2.66
C ILE B 133 -23.47 -18.15 1.21
N ASN B 134 -24.75 -17.97 0.94
CA ASN B 134 -25.17 -17.49 -0.39
C ASN B 134 -25.40 -15.98 -0.23
N PRO B 135 -24.62 -15.14 -0.96
CA PRO B 135 -24.77 -13.69 -0.80
C PRO B 135 -26.12 -13.17 -1.26
N ASP B 136 -26.83 -13.96 -2.07
CA ASP B 136 -28.18 -13.58 -2.45
C ASP B 136 -29.01 -14.84 -2.66
N PRO B 137 -29.56 -15.38 -1.56
CA PRO B 137 -30.23 -16.69 -1.56
C PRO B 137 -31.38 -16.79 -2.57
N GLU B 138 -32.04 -15.66 -2.86
CA GLU B 138 -33.17 -15.65 -3.80
C GLU B 138 -32.76 -15.65 -5.27
N ARG B 139 -31.60 -15.13 -5.60
CA ARG B 139 -31.24 -14.89 -7.01
C ARG B 139 -29.95 -15.56 -7.53
N LEU B 140 -29.04 -15.95 -6.63
CA LEU B 140 -27.77 -16.58 -7.03
C LEU B 140 -27.97 -18.08 -6.98
N LYS B 141 -27.78 -18.72 -8.14
CA LYS B 141 -28.00 -20.14 -8.30
C LYS B 141 -26.67 -20.86 -8.40
N VAL B 142 -26.69 -22.14 -7.99
CA VAL B 142 -25.48 -22.96 -7.92
C VAL B 142 -25.76 -24.33 -8.50
N ASN B 143 -25.00 -24.70 -9.52
CA ASN B 143 -25.13 -26.02 -10.11
C ASN B 143 -24.95 -27.14 -9.08
N GLU B 144 -25.77 -28.17 -9.20
CA GLU B 144 -25.83 -29.27 -8.25
C GLU B 144 -24.57 -30.11 -8.17
N ALA B 145 -23.68 -29.99 -9.14
CA ALA B 145 -22.36 -30.64 -9.07
C ALA B 145 -21.44 -30.01 -8.04
N LEU B 146 -21.78 -28.80 -7.61
CA LEU B 146 -21.02 -28.07 -6.63
C LEU B 146 -21.68 -28.17 -5.26
N GLU B 147 -20.87 -28.01 -4.21
CA GLU B 147 -21.38 -28.02 -2.83
C GLU B 147 -22.21 -26.77 -2.54
N GLY B 148 -23.51 -26.97 -2.41
CA GLY B 148 -24.45 -25.86 -2.19
C GLY B 148 -24.32 -25.38 -0.75
N PRO B 149 -24.26 -24.06 -0.55
CA PRO B 149 -24.06 -23.47 0.77
C PRO B 149 -25.29 -23.33 1.62
N GLY B 150 -26.47 -23.69 1.11
CA GLY B 150 -27.70 -23.45 1.83
C GLY B 150 -28.18 -22.02 1.62
N ASN B 151 -29.04 -21.54 2.52
CA ASN B 151 -29.84 -20.36 2.22
C ASN B 151 -29.59 -19.16 3.10
N SER B 152 -28.49 -19.16 3.86
CA SER B 152 -28.17 -18.02 4.70
C SER B 152 -27.22 -17.07 4.00
N ASP B 153 -27.54 -15.77 4.09
CA ASP B 153 -26.63 -14.72 3.62
C ASP B 153 -25.80 -14.11 4.76
N VAL B 154 -25.97 -14.62 5.98
CA VAL B 154 -25.20 -14.15 7.13
C VAL B 154 -24.64 -15.35 7.86
N ALA B 155 -23.56 -15.09 8.58
CA ALA B 155 -22.84 -16.12 9.33
C ALA B 155 -23.43 -16.35 10.69
N SER B 156 -24.72 -16.67 10.70
CA SER B 156 -25.47 -16.94 11.90
C SER B 156 -25.16 -18.33 12.45
N LEU B 157 -25.67 -18.59 13.65
CA LEU B 157 -25.53 -19.90 14.28
C LEU B 157 -26.15 -20.98 13.41
N GLN B 158 -27.15 -20.62 12.62
CA GLN B 158 -27.87 -21.51 11.73
C GLN B 158 -27.27 -21.74 10.34
N ALA B 159 -26.32 -20.91 9.92
CA ALA B 159 -25.72 -21.05 8.58
C ALA B 159 -25.07 -22.43 8.49
N LEU B 160 -25.16 -23.04 7.32
CA LEU B 160 -24.62 -24.40 7.12
C LEU B 160 -23.11 -24.43 7.39
N ARG B 161 -22.68 -25.47 8.11
CA ARG B 161 -21.27 -25.68 8.39
CA ARG B 161 -21.27 -25.67 8.45
C ARG B 161 -20.85 -27.03 7.86
N LYS B 162 -19.68 -27.05 7.24
CA LYS B 162 -19.11 -28.27 6.64
C LYS B 162 -17.60 -28.15 6.71
N GLN B 163 -16.93 -29.27 6.42
CA GLN B 163 -15.47 -29.24 6.25
C GLN B 163 -15.09 -29.46 4.80
N VAL B 164 -13.98 -28.85 4.38
CA VAL B 164 -13.56 -28.92 2.98
C VAL B 164 -12.83 -30.25 2.74
N ASN B 165 -13.60 -31.27 2.38
CA ASN B 165 -13.14 -32.66 2.25
C ASN B 165 -13.35 -33.19 0.85
N ALA B 166 -13.46 -32.28 -0.11
CA ALA B 166 -13.68 -32.64 -1.47
C ALA B 166 -13.28 -31.44 -2.34
N ALA B 167 -13.28 -31.71 -3.65
CA ALA B 167 -12.74 -30.83 -4.67
C ALA B 167 -13.78 -29.85 -5.20
N ASN B 168 -14.99 -29.91 -4.70
CA ASN B 168 -16.08 -29.12 -5.30
C ASN B 168 -16.78 -28.08 -4.40
N PHE B 169 -15.99 -27.43 -3.57
CA PHE B 169 -16.45 -26.33 -2.73
C PHE B 169 -16.06 -25.00 -3.35
N PRO B 170 -17.04 -24.28 -3.93
CA PRO B 170 -16.67 -23.00 -4.53
C PRO B 170 -16.25 -21.95 -3.53
N VAL B 171 -15.21 -21.19 -3.85
CA VAL B 171 -14.67 -20.17 -2.97
C VAL B 171 -15.64 -18.99 -2.84
N GLU B 172 -16.51 -18.83 -3.85
CA GLU B 172 -17.55 -17.81 -3.79
C GLU B 172 -18.65 -18.08 -2.75
N LEU B 173 -18.74 -19.32 -2.23
CA LEU B 173 -19.87 -19.74 -1.39
C LEU B 173 -19.50 -20.27 0.01
N TRP B 174 -18.21 -20.41 0.29
CA TRP B 174 -17.75 -21.09 1.51
C TRP B 174 -16.61 -20.29 2.11
N VAL B 175 -16.75 -19.90 3.38
CA VAL B 175 -15.81 -19.02 4.08
CA VAL B 175 -15.73 -19.09 4.03
C VAL B 175 -15.19 -19.78 5.28
N ALA B 176 -13.89 -19.63 5.51
CA ALA B 176 -13.27 -20.23 6.67
C ALA B 176 -14.04 -19.83 7.92
N ASP B 177 -14.25 -20.80 8.81
CA ASP B 177 -15.07 -20.60 9.99
C ASP B 177 -14.22 -20.23 11.23
N PRO B 178 -14.26 -18.95 11.68
CA PRO B 178 -13.46 -18.52 12.80
C PRO B 178 -13.98 -19.03 14.16
N THR B 179 -15.20 -19.59 14.20
CA THR B 179 -15.72 -20.20 15.42
C THR B 179 -15.23 -21.64 15.61
N LYS B 180 -14.55 -22.20 14.61
CA LYS B 180 -13.99 -23.55 14.67
C LYS B 180 -12.51 -23.42 14.27
N ASN B 181 -12.00 -24.37 13.49
CA ASN B 181 -10.60 -24.36 13.09
C ASN B 181 -9.61 -24.19 14.23
N ASP B 182 -9.89 -24.82 15.39
CA ASP B 182 -8.93 -24.63 16.48
CA ASP B 182 -9.00 -24.84 16.56
C ASP B 182 -7.60 -25.39 16.26
N ASN B 183 -7.53 -26.31 15.30
CA ASN B 183 -6.26 -26.95 14.96
C ASN B 183 -5.85 -26.73 13.52
N THR B 184 -6.18 -25.54 13.01
CA THR B 184 -5.81 -25.09 11.69
C THR B 184 -5.40 -23.61 11.79
N ARG B 185 -4.41 -23.19 11.00
CA ARG B 185 -4.12 -21.77 10.81
C ARG B 185 -4.48 -21.42 9.40
N TYR B 186 -5.10 -20.24 9.20
CA TYR B 186 -5.48 -19.83 7.85
C TYR B 186 -5.37 -18.32 7.69
N PHE B 187 -5.31 -17.90 6.44
CA PHE B 187 -5.26 -16.48 6.08
C PHE B 187 -5.86 -16.32 4.69
N GLY B 188 -6.67 -15.27 4.52
CA GLY B 188 -7.24 -14.97 3.23
C GLY B 188 -7.29 -13.49 2.96
N ARG B 189 -7.23 -13.15 1.67
CA ARG B 189 -7.35 -11.76 1.21
CA ARG B 189 -7.38 -11.76 1.24
C ARG B 189 -8.27 -11.72 0.00
N VAL B 190 -9.29 -10.87 0.05
CA VAL B 190 -10.26 -10.70 -1.05
C VAL B 190 -10.06 -9.28 -1.59
N VAL B 191 -10.10 -9.16 -2.93
CA VAL B 191 -10.08 -7.86 -3.57
C VAL B 191 -11.31 -7.81 -4.45
N GLY B 192 -12.07 -6.73 -4.39
CA GLY B 192 -13.27 -6.63 -5.26
C GLY B 192 -13.04 -5.87 -6.54
N GLY B 193 -14.12 -5.42 -7.14
CA GLY B 193 -14.06 -4.71 -8.44
C GLY B 193 -13.93 -5.63 -9.64
N GLY B 194 -14.25 -5.10 -10.80
CA GLY B 194 -14.15 -5.87 -12.01
C GLY B 194 -12.95 -5.59 -12.89
N VAL B 195 -12.25 -4.50 -12.62
CA VAL B 195 -11.07 -4.13 -13.40
C VAL B 195 -9.84 -3.89 -12.52
N THR B 196 -9.88 -4.44 -11.31
CA THR B 196 -8.83 -4.19 -10.34
C THR B 196 -7.56 -4.94 -10.72
N PRO B 197 -6.42 -4.24 -10.79
CA PRO B 197 -5.18 -4.97 -11.09
C PRO B 197 -4.75 -5.84 -9.91
N PRO B 198 -4.28 -7.06 -10.18
CA PRO B 198 -3.67 -7.90 -9.14
C PRO B 198 -2.20 -7.60 -8.89
N VAL B 199 -1.76 -7.84 -7.65
CA VAL B 199 -0.35 -7.75 -7.27
C VAL B 199 -0.04 -9.05 -6.55
N VAL B 200 0.91 -9.81 -7.08
CA VAL B 200 1.27 -11.14 -6.56
C VAL B 200 2.76 -11.03 -6.26
N SER B 201 3.17 -11.49 -5.10
CA SER B 201 4.60 -11.57 -4.81
CA SER B 201 4.59 -11.52 -4.74
C SER B 201 4.93 -12.96 -4.32
N TYR B 202 6.18 -13.36 -4.52
CA TYR B 202 6.63 -14.70 -4.19
C TYR B 202 8.13 -14.69 -3.99
N GLY B 203 8.64 -15.67 -3.28
CA GLY B 203 10.05 -15.74 -3.00
C GLY B 203 10.28 -16.94 -2.09
N ASN B 204 11.51 -17.32 -1.88
CA ASN B 204 11.73 -18.50 -1.07
C ASN B 204 12.42 -18.17 0.26
N GLN B 205 12.29 -16.92 0.72
CA GLN B 205 12.92 -16.49 1.96
C GLN B 205 11.91 -16.23 3.11
N SER B 206 10.65 -16.05 2.80
CA SER B 206 9.67 -15.71 3.82
C SER B 206 9.22 -16.96 4.51
N THR B 207 8.70 -16.80 5.72
CA THR B 207 8.25 -17.94 6.50
C THR B 207 7.11 -17.49 7.40
N THR B 208 6.30 -18.47 7.80
CA THR B 208 5.08 -18.21 8.55
C THR B 208 5.06 -19.12 9.78
N PRO B 209 5.17 -18.54 10.98
CA PRO B 209 5.02 -19.39 12.15
C PRO B 209 3.59 -19.88 12.31
N LEU B 210 3.45 -21.05 12.91
CA LEU B 210 2.15 -21.65 13.14
C LEU B 210 1.86 -21.83 14.62
N ILE B 211 2.74 -21.35 15.48
CA ILE B 211 2.56 -21.55 16.91
C ILE B 211 1.60 -20.53 17.55
N ASP B 212 0.84 -21.01 18.54
CA ASP B 212 -0.12 -20.15 19.25
C ASP B 212 0.58 -19.43 20.39
N GLU B 213 -0.18 -18.74 21.26
CA GLU B 213 0.44 -17.96 22.34
C GLU B 213 1.10 -18.82 23.42
N ASN B 214 0.82 -20.13 23.43
CA ASN B 214 1.53 -21.07 24.31
C ASN B 214 2.71 -21.81 23.66
N GLY B 215 3.10 -21.43 22.46
CA GLY B 215 4.20 -22.09 21.77
C GLY B 215 3.80 -23.34 20.98
N VAL B 216 2.51 -23.62 20.86
CA VAL B 216 2.03 -24.88 20.26
C VAL B 216 1.52 -24.71 18.84
N GLY B 217 2.05 -25.53 17.94
CA GLY B 217 1.67 -25.50 16.55
C GLY B 217 0.48 -26.39 16.28
N ILE B 218 0.35 -26.80 15.03
CA ILE B 218 -0.73 -27.67 14.59
C ILE B 218 -0.38 -29.11 15.00
N LEU B 219 -1.29 -29.77 15.69
CA LEU B 219 -1.04 -31.14 16.16
C LEU B 219 -1.66 -32.10 15.16
N CYS B 220 -0.79 -32.80 14.44
CA CYS B 220 -1.23 -33.63 13.33
C CYS B 220 -1.52 -35.02 13.86
N THR B 221 -2.57 -35.13 14.67
CA THR B 221 -2.78 -36.32 15.49
C THR B 221 -3.24 -37.52 14.69
N PHE B 222 -3.76 -37.27 13.49
CA PHE B 222 -4.22 -38.37 12.62
C PHE B 222 -3.12 -38.89 11.73
N GLY B 223 -1.91 -38.32 11.83
CA GLY B 223 -0.75 -38.79 11.04
C GLY B 223 -0.58 -38.16 9.67
N SER B 224 -1.35 -37.11 9.40
CA SER B 224 -1.27 -36.37 8.17
C SER B 224 -1.43 -34.90 8.46
N VAL B 225 -0.97 -34.08 7.52
CA VAL B 225 -1.19 -32.63 7.55
C VAL B 225 -2.13 -32.28 6.39
N TYR B 226 -3.05 -31.35 6.66
CA TYR B 226 -4.13 -31.01 5.75
C TYR B 226 -3.84 -29.61 5.26
N LEU B 227 -3.71 -29.47 3.94
CA LEU B 227 -3.46 -28.18 3.27
C LEU B 227 -4.65 -27.82 2.44
N THR B 228 -4.99 -26.52 2.44
CA THR B 228 -6.13 -26.02 1.66
C THR B 228 -5.69 -24.70 1.04
N SER B 229 -6.06 -24.45 -0.21
CA SER B 229 -5.71 -23.17 -0.82
C SER B 229 -6.72 -22.72 -1.86
N ALA B 230 -6.69 -21.42 -2.17
CA ALA B 230 -7.40 -20.91 -3.33
C ALA B 230 -6.74 -19.62 -3.73
N ASP B 231 -6.45 -19.48 -5.01
CA ASP B 231 -5.77 -18.32 -5.55
C ASP B 231 -6.40 -17.92 -6.87
N MET B 232 -7.33 -16.98 -6.78
CA MET B 232 -7.98 -16.38 -7.95
C MET B 232 -7.32 -15.03 -8.17
N VAL B 233 -6.55 -14.95 -9.24
CA VAL B 233 -5.77 -13.77 -9.55
C VAL B 233 -6.61 -12.72 -10.28
N GLY B 234 -7.71 -13.14 -10.90
CA GLY B 234 -8.67 -12.21 -11.53
C GLY B 234 -9.33 -12.89 -12.70
N MET B 235 -9.72 -12.11 -13.71
CA MET B 235 -10.29 -12.68 -14.94
C MET B 235 -9.42 -12.32 -16.17
N THR B 236 -9.68 -13.04 -17.26
CA THR B 236 -8.91 -12.94 -18.48
C THR B 236 -9.76 -13.16 -19.70
N GLY B 237 -9.34 -12.55 -20.81
CA GLY B 237 -9.78 -12.93 -22.15
C GLY B 237 -8.90 -14.03 -22.71
N LEU B 238 -9.24 -14.46 -23.91
CA LEU B 238 -8.45 -15.48 -24.61
C LEU B 238 -7.28 -14.86 -25.36
N PRO B 239 -6.23 -15.66 -25.66
CA PRO B 239 -5.08 -15.09 -26.38
C PRO B 239 -5.35 -14.49 -27.74
N GLY B 240 -4.80 -13.28 -27.97
CA GLY B 240 -4.80 -12.71 -29.31
C GLY B 240 -6.15 -12.21 -29.78
N LEU B 241 -7.08 -12.05 -28.85
CA LEU B 241 -8.47 -11.69 -29.19
C LEU B 241 -8.95 -10.50 -28.37
N PRO B 242 -9.97 -9.80 -28.86
CA PRO B 242 -10.43 -8.63 -28.12
C PRO B 242 -11.17 -9.02 -26.87
N THR B 243 -11.01 -8.20 -25.85
CA THR B 243 -11.68 -8.39 -24.59
C THR B 243 -11.99 -7.05 -23.93
N LEU B 244 -12.59 -7.12 -22.75
CA LEU B 244 -13.03 -5.95 -22.00
C LEU B 244 -13.99 -5.06 -22.82
N SER B 245 -14.84 -5.71 -23.60
CA SER B 245 -15.84 -5.05 -24.39
C SER B 245 -17.06 -5.96 -24.40
N ALA B 246 -18.25 -5.37 -24.47
CA ALA B 246 -19.54 -6.06 -24.32
C ALA B 246 -19.65 -7.34 -25.18
N ASP B 247 -19.25 -7.26 -26.44
CA ASP B 247 -19.43 -8.41 -27.35
C ASP B 247 -18.62 -9.67 -26.99
N TYR B 248 -17.62 -9.54 -26.12
CA TYR B 248 -16.75 -10.66 -25.77
C TYR B 248 -16.86 -11.07 -24.31
N SER B 249 -17.90 -10.62 -23.63
CA SER B 249 -18.07 -10.95 -22.23
C SER B 249 -18.29 -12.45 -22.03
N ASN B 250 -18.82 -13.12 -23.07
CA ASN B 250 -19.04 -14.56 -22.97
C ASN B 250 -17.74 -15.39 -23.07
N GLN B 251 -16.61 -14.73 -23.24
CA GLN B 251 -15.29 -15.42 -23.19
C GLN B 251 -14.49 -15.15 -21.90
N ARG B 252 -14.94 -14.22 -21.06
CA ARG B 252 -14.19 -13.90 -19.85
C ARG B 252 -14.13 -15.14 -18.96
N THR B 253 -12.92 -15.40 -18.46
CA THR B 253 -12.58 -16.63 -17.77
C THR B 253 -11.84 -16.32 -16.47
N VAL B 254 -12.04 -17.12 -15.44
CA VAL B 254 -11.25 -16.95 -14.22
C VAL B 254 -9.81 -17.39 -14.42
N GLN B 255 -8.88 -16.55 -13.97
CA GLN B 255 -7.46 -16.88 -13.92
C GLN B 255 -7.08 -17.23 -12.52
N ALA B 256 -6.62 -18.47 -12.35
CA ALA B 256 -6.08 -18.89 -11.06
C ALA B 256 -4.57 -18.92 -11.07
N GLY B 257 -3.97 -19.02 -9.89
CA GLY B 257 -2.54 -19.33 -9.82
C GLY B 257 -2.23 -20.64 -10.50
N TYR B 258 -0.98 -20.82 -10.90
CA TYR B 258 -0.53 -22.07 -11.50
C TYR B 258 -0.40 -23.19 -10.49
N GLY B 259 -0.30 -22.80 -9.23
CA GLY B 259 -0.13 -23.72 -8.12
C GLY B 259 0.20 -22.93 -6.87
N ARG B 260 0.07 -23.58 -5.71
CA ARG B 260 0.49 -22.99 -4.43
C ARG B 260 1.41 -23.97 -3.72
N PHE B 261 2.66 -23.55 -3.54
CA PHE B 261 3.70 -24.31 -2.84
C PHE B 261 3.52 -24.22 -1.34
N PHE B 262 3.76 -25.33 -0.64
CA PHE B 262 3.86 -25.34 0.82
C PHE B 262 5.07 -26.16 1.21
N ARG B 263 5.82 -25.69 2.21
CA ARG B 263 6.80 -26.52 2.92
C ARG B 263 6.41 -26.46 4.40
N VAL B 264 6.14 -27.61 4.99
CA VAL B 264 5.63 -27.65 6.37
C VAL B 264 6.72 -28.28 7.23
N HIS B 265 7.10 -27.59 8.30
CA HIS B 265 8.13 -28.08 9.21
C HIS B 265 7.51 -28.65 10.45
N CYS B 266 7.91 -29.88 10.78
CA CYS B 266 7.33 -30.64 11.90
C CYS B 266 8.39 -31.07 12.90
N ARG B 267 7.98 -31.14 14.16
CA ARG B 267 8.78 -31.71 15.23
C ARG B 267 7.83 -32.62 16.03
N GLN B 268 8.34 -33.33 17.01
CA GLN B 268 7.50 -34.19 17.83
C GLN B 268 7.12 -33.55 19.14
N ARG B 269 5.89 -33.81 19.57
CA ARG B 269 5.32 -33.22 20.79
C ARG B 269 4.60 -34.33 21.53
N ARG B 270 4.81 -34.44 22.83
CA ARG B 270 4.00 -35.36 23.65
C ARG B 270 2.73 -34.63 24.13
N ILE B 271 1.59 -35.32 24.04
CA ILE B 271 0.31 -34.80 24.49
C ILE B 271 -0.32 -35.82 25.46
N LYS B 272 -1.16 -35.33 26.37
CA LYS B 272 -1.73 -36.13 27.46
C LYS B 272 -3.22 -35.87 27.60
N GLU C 8 26.79 -31.19 4.91
CA GLU C 8 27.23 -30.90 6.30
C GLU C 8 28.04 -29.59 6.37
N VAL C 9 27.40 -28.53 6.85
CA VAL C 9 28.05 -27.22 6.94
C VAL C 9 28.69 -27.03 8.32
N LEU C 10 29.96 -26.65 8.35
CA LEU C 10 30.69 -26.41 9.61
C LEU C 10 30.82 -24.89 9.80
N ASP C 11 31.93 -24.41 10.38
CA ASP C 11 32.05 -22.97 10.69
C ASP C 11 32.61 -22.11 9.54
N THR C 12 32.31 -20.81 9.60
CA THR C 12 32.98 -19.84 8.72
C THR C 12 34.46 -19.76 9.06
N VAL C 13 35.29 -19.51 8.06
CA VAL C 13 36.71 -19.31 8.30
C VAL C 13 36.88 -17.90 8.92
N PRO C 14 37.72 -17.78 9.97
CA PRO C 14 37.89 -16.44 10.54
C PRO C 14 38.11 -15.34 9.49
N LEU C 15 37.41 -14.21 9.65
CA LEU C 15 37.45 -13.13 8.67
C LEU C 15 38.81 -12.46 8.55
N THR C 16 39.33 -12.37 7.33
CA THR C 16 40.50 -11.55 7.02
C THR C 16 40.29 -10.93 5.65
N GLU C 17 41.26 -10.12 5.23
CA GLU C 17 41.21 -9.57 3.87
C GLU C 17 41.12 -10.66 2.81
N ASP C 18 41.81 -11.79 3.04
CA ASP C 18 41.82 -12.89 2.08
C ASP C 18 40.61 -13.83 2.12
N THR C 19 39.82 -13.82 3.19
CA THR C 19 38.70 -14.75 3.32
C THR C 19 37.37 -14.06 3.05
N GLN C 20 37.46 -12.85 2.47
CA GLN C 20 36.30 -12.07 2.12
C GLN C 20 36.46 -11.58 0.70
N TYR C 21 35.35 -11.59 -0.04
CA TYR C 21 35.36 -11.18 -1.44
C TYR C 21 33.98 -10.65 -1.80
N LYS C 22 33.97 -9.55 -2.52
CA LYS C 22 32.73 -9.05 -3.04
C LYS C 22 32.88 -8.74 -4.52
N VAL C 23 31.78 -8.81 -5.22
CA VAL C 23 31.79 -8.54 -6.63
C VAL C 23 30.50 -7.84 -7.02
N GLU C 24 30.60 -7.01 -8.05
CA GLU C 24 29.50 -6.21 -8.56
C GLU C 24 29.23 -6.62 -10.04
N ALA C 25 28.00 -6.49 -10.47
CA ALA C 25 27.63 -6.74 -11.84
C ALA C 25 26.38 -5.93 -12.14
N VAL C 26 26.20 -5.55 -13.41
CA VAL C 26 24.95 -4.98 -13.85
C VAL C 26 24.39 -5.88 -14.93
N LEU C 27 23.28 -6.53 -14.63
CA LEU C 27 22.59 -7.38 -15.59
C LEU C 27 21.76 -6.51 -16.50
N LEU C 28 21.98 -6.67 -17.80
CA LEU C 28 21.27 -5.85 -18.80
C LEU C 28 19.99 -6.53 -19.26
N PRO C 29 18.95 -5.75 -19.59
CA PRO C 29 17.73 -6.37 -20.11
C PRO C 29 17.98 -7.14 -21.41
N ASN C 30 17.24 -8.21 -21.57
CA ASN C 30 17.49 -9.17 -22.61
C ASN C 30 16.19 -9.60 -23.24
N PHE C 31 15.92 -9.15 -24.48
CA PHE C 31 14.80 -9.64 -25.25
C PHE C 31 15.40 -10.70 -26.14
N GLY C 32 15.69 -11.83 -25.54
CA GLY C 32 16.43 -12.91 -26.15
C GLY C 32 15.84 -13.41 -27.46
N LYS C 33 16.72 -13.58 -28.43
CA LYS C 33 16.40 -14.11 -29.74
C LYS C 33 17.12 -15.42 -30.04
N ALA C 34 17.98 -15.87 -29.12
CA ALA C 34 18.87 -17.01 -29.34
C ALA C 34 19.25 -17.56 -27.98
N ALA C 35 19.75 -18.78 -27.94
CA ALA C 35 20.19 -19.36 -26.67
C ALA C 35 21.51 -18.77 -26.15
N THR C 36 22.49 -18.65 -27.05
CA THR C 36 23.89 -18.46 -26.63
C THR C 36 24.34 -17.01 -26.55
N THR C 37 23.48 -16.08 -26.94
CA THR C 37 23.83 -14.66 -26.98
C THR C 37 22.58 -13.88 -26.60
N GLY C 38 22.75 -12.91 -25.70
CA GLY C 38 21.65 -12.02 -25.32
C GLY C 38 21.44 -10.93 -26.36
N ASN C 39 20.35 -10.21 -26.17
CA ASN C 39 19.96 -9.11 -27.02
C ASN C 39 19.71 -7.95 -26.09
N PHE C 40 20.75 -7.15 -25.84
CA PHE C 40 20.64 -6.21 -24.73
C PHE C 40 20.03 -4.90 -25.22
N GLN C 41 18.78 -4.71 -24.85
CA GLN C 41 18.00 -3.53 -25.20
C GLN C 41 16.93 -3.36 -24.12
N SER C 42 16.60 -2.13 -23.78
CA SER C 42 15.61 -1.89 -22.71
C SER C 42 14.18 -1.73 -23.22
N ARG C 43 13.99 -1.69 -24.54
CA ARG C 43 12.68 -1.78 -25.14
C ARG C 43 12.78 -2.87 -26.20
N GLY C 44 11.73 -3.67 -26.32
CA GLY C 44 11.74 -4.71 -27.33
C GLY C 44 11.24 -4.24 -28.67
N LEU C 45 11.12 -5.18 -29.59
CA LEU C 45 10.33 -4.97 -30.81
C LEU C 45 8.86 -4.85 -30.37
N PRO C 46 8.00 -4.27 -31.23
CA PRO C 46 6.57 -4.19 -30.87
C PRO C 46 6.01 -5.55 -30.49
N TYR C 47 5.27 -5.58 -29.40
CA TYR C 47 4.84 -6.84 -28.82
C TYR C 47 3.75 -7.55 -29.68
N THR C 48 2.94 -6.75 -30.34
CA THR C 48 1.77 -7.16 -31.16
C THR C 48 0.60 -7.50 -30.28
N MET C 49 -0.58 -7.46 -30.88
CA MET C 49 -1.79 -7.88 -30.19
C MET C 49 -2.17 -9.32 -30.57
N SER C 50 -1.17 -10.12 -30.95
CA SER C 50 -1.40 -11.46 -31.49
C SER C 50 -1.38 -12.52 -30.38
N ASP C 51 -1.64 -13.74 -30.79
CA ASP C 51 -1.58 -14.91 -29.88
C ASP C 51 -0.19 -15.54 -29.74
N THR C 52 0.85 -14.88 -30.21
CA THR C 52 2.16 -15.51 -30.32
C THR C 52 3.25 -14.62 -29.71
N LEU C 53 4.07 -15.18 -28.82
CA LEU C 53 5.21 -14.46 -28.31
C LEU C 53 6.31 -14.52 -29.36
N GLY C 54 6.81 -13.36 -29.75
CA GLY C 54 7.87 -13.25 -30.77
C GLY C 54 9.23 -12.98 -30.19
N PRO C 55 10.28 -13.51 -30.84
CA PRO C 55 11.61 -13.28 -30.32
C PRO C 55 11.98 -11.82 -30.54
N GLY C 56 12.56 -11.21 -29.52
CA GLY C 56 12.89 -9.78 -29.59
C GLY C 56 11.79 -8.91 -29.05
N ALA C 57 10.59 -9.48 -28.89
CA ALA C 57 9.46 -8.76 -28.33
C ALA C 57 9.20 -9.16 -26.89
N ALA C 58 9.43 -10.42 -26.57
CA ALA C 58 9.17 -10.94 -25.24
C ALA C 58 10.40 -10.83 -24.35
N LEU C 59 10.20 -10.30 -23.15
CA LEU C 59 11.29 -10.13 -22.23
C LEU C 59 11.72 -11.51 -21.73
N CYS C 60 13.02 -11.77 -21.79
CA CYS C 60 13.58 -12.99 -21.22
C CYS C 60 14.36 -12.73 -19.97
N TYR C 61 14.63 -13.77 -19.18
CA TYR C 61 15.50 -13.57 -18.03
C TYR C 61 16.90 -13.14 -18.47
N SER C 62 17.50 -12.26 -17.66
CA SER C 62 18.91 -11.92 -17.77
C SER C 62 19.68 -12.81 -16.82
N VAL C 63 20.89 -13.19 -17.22
CA VAL C 63 21.74 -14.04 -16.39
C VAL C 63 23.17 -13.59 -16.43
N ALA C 64 23.86 -13.75 -15.30
CA ALA C 64 25.32 -13.56 -15.24
C ALA C 64 25.90 -14.67 -14.37
N VAL C 65 27.00 -15.26 -14.78
CA VAL C 65 27.70 -16.25 -13.99
C VAL C 65 29.07 -15.65 -13.69
N ILE C 66 29.36 -15.44 -12.41
CA ILE C 66 30.58 -14.74 -12.03
C ILE C 66 31.54 -15.70 -11.34
N ASN C 67 32.70 -15.87 -11.95
CA ASN C 67 33.67 -16.80 -11.39
C ASN C 67 34.34 -16.18 -10.15
N LEU C 68 34.50 -16.98 -9.11
CA LEU C 68 35.09 -16.50 -7.87
C LEU C 68 36.57 -16.94 -7.77
N PRO C 69 37.33 -16.29 -6.86
CA PRO C 69 38.74 -16.66 -6.80
C PRO C 69 38.96 -18.08 -6.29
N GLU C 70 40.03 -18.72 -6.76
CA GLU C 70 40.43 -20.01 -6.19
C GLU C 70 40.83 -19.81 -4.74
N ILE C 71 40.50 -20.80 -3.92
CA ILE C 71 40.85 -20.73 -2.52
C ILE C 71 41.99 -21.72 -2.33
N PRO C 72 43.15 -21.23 -1.85
CA PRO C 72 44.27 -22.14 -1.61
C PRO C 72 44.02 -23.06 -0.42
N ASP C 73 44.66 -24.23 -0.44
CA ASP C 73 44.50 -25.28 0.58
C ASP C 73 43.03 -25.55 0.94
N ALA C 74 42.15 -25.48 -0.06
CA ALA C 74 40.71 -25.61 0.16
C ALA C 74 40.32 -26.95 0.78
N MET C 75 40.95 -28.03 0.34
CA MET C 75 40.68 -29.37 0.85
C MET C 75 41.75 -29.77 1.87
N CYS C 76 41.31 -30.18 3.05
CA CYS C 76 42.22 -30.65 4.11
C CYS C 76 41.42 -31.52 5.07
N GLU C 77 41.91 -32.74 5.31
CA GLU C 77 41.13 -33.77 5.99
C GLU C 77 39.89 -34.08 5.13
N ASP C 78 38.73 -34.24 5.75
CA ASP C 78 37.50 -34.54 5.01
C ASP C 78 36.70 -33.27 4.64
N THR C 79 37.24 -32.09 4.94
CA THR C 79 36.52 -30.83 4.73
C THR C 79 37.08 -30.01 3.56
N MET C 80 36.20 -29.25 2.90
CA MET C 80 36.63 -28.26 1.92
C MET C 80 36.11 -26.88 2.28
N ILE C 81 36.81 -25.86 1.81
CA ILE C 81 36.43 -24.46 2.00
C ILE C 81 35.83 -23.95 0.69
N VAL C 82 34.66 -23.34 0.81
CA VAL C 82 33.98 -22.74 -0.36
C VAL C 82 33.57 -21.31 -0.04
N TRP C 83 33.37 -20.51 -1.09
CA TRP C 83 32.79 -19.20 -0.93
C TRP C 83 31.31 -19.31 -0.57
N GLU C 84 30.93 -18.50 0.40
CA GLU C 84 29.55 -18.38 0.87
C GLU C 84 29.05 -16.96 0.65
N ALA C 85 28.05 -16.79 -0.20
CA ALA C 85 27.42 -15.50 -0.37
C ALA C 85 26.35 -15.29 0.72
N TYR C 86 26.56 -14.31 1.58
CA TYR C 86 25.73 -14.13 2.78
C TYR C 86 24.86 -12.86 2.78
N ARG C 87 25.08 -12.00 1.79
CA ARG C 87 24.38 -10.72 1.72
CA ARG C 87 24.40 -10.71 1.73
C ARG C 87 24.57 -10.15 0.32
N LEU C 88 23.55 -9.45 -0.17
CA LEU C 88 23.66 -8.74 -1.46
C LEU C 88 22.93 -7.43 -1.39
N GLU C 89 23.31 -6.52 -2.27
CA GLU C 89 22.52 -5.34 -2.55
C GLU C 89 22.11 -5.45 -3.99
N THR C 90 20.86 -5.09 -4.30
CA THR C 90 20.43 -5.03 -5.67
C THR C 90 19.54 -3.80 -5.89
N GLU C 91 19.62 -3.19 -7.07
CA GLU C 91 18.91 -1.97 -7.38
C GLU C 91 18.59 -1.92 -8.86
N LEU C 92 17.37 -1.50 -9.17
CA LEU C 92 16.94 -1.31 -10.52
C LEU C 92 17.31 0.08 -11.03
N LEU C 93 17.85 0.13 -12.24
CA LEU C 93 18.23 1.39 -12.89
C LEU C 93 17.08 1.79 -13.81
N PHE C 94 16.50 2.97 -13.56
CA PHE C 94 15.38 3.42 -14.34
C PHE C 94 15.14 4.93 -14.15
N ALA C 95 14.66 5.59 -15.20
CA ALA C 95 14.32 7.02 -15.19
C ALA C 95 12.83 7.21 -15.54
N PRO C 96 12.21 8.30 -15.07
CA PRO C 96 10.82 8.58 -15.47
C PRO C 96 10.71 8.70 -17.01
N GLN C 97 9.66 8.11 -17.59
CA GLN C 97 9.45 8.15 -19.05
C GLN C 97 8.38 9.17 -19.39
N MET C 98 8.76 10.17 -20.14
CA MET C 98 7.87 11.29 -20.44
CA MET C 98 7.82 11.23 -20.47
C MET C 98 7.73 11.44 -21.97
N ALA C 99 8.54 12.32 -22.56
CA ALA C 99 8.59 12.44 -24.02
C ALA C 99 8.87 11.11 -24.67
N SER C 100 9.55 10.21 -23.96
CA SER C 100 9.91 8.94 -24.56
C SER C 100 8.75 7.96 -24.78
N SER C 101 7.58 8.21 -24.21
CA SER C 101 6.58 7.16 -24.20
C SER C 101 5.27 7.47 -24.91
N GLY C 102 5.23 8.58 -25.63
CA GLY C 102 4.12 8.86 -26.52
C GLY C 102 3.00 9.62 -25.80
N TYR C 103 1.93 9.92 -26.53
CA TYR C 103 0.83 10.69 -25.92
C TYR C 103 -0.52 10.06 -26.13
N GLN C 104 -1.34 10.20 -25.10
CA GLN C 104 -2.69 9.69 -25.10
C GLN C 104 -3.64 10.81 -25.39
N ARG C 105 -4.18 10.80 -26.60
CA ARG C 105 -5.09 11.82 -27.04
C ARG C 105 -6.33 11.90 -26.12
N ALA C 106 -6.84 10.76 -25.65
CA ALA C 106 -8.13 10.71 -24.93
C ALA C 106 -8.06 11.49 -23.60
N ASN C 107 -6.87 11.54 -23.03
CA ASN C 107 -6.61 12.23 -21.76
C ASN C 107 -5.75 13.47 -22.00
N GLY C 108 -5.58 13.88 -23.26
CA GLY C 108 -4.73 15.03 -23.61
C GLY C 108 -3.40 15.16 -22.85
N THR C 109 -2.68 14.08 -22.66
CA THR C 109 -1.42 14.16 -21.92
C THR C 109 -0.49 13.05 -22.30
N LEU C 110 0.69 13.08 -21.70
CA LEU C 110 1.65 12.05 -21.94
C LEU C 110 1.11 10.72 -21.45
N ALA C 111 1.37 9.65 -22.19
CA ALA C 111 0.91 8.32 -21.81
C ALA C 111 1.70 7.72 -20.64
N GLY C 112 3.02 7.93 -20.64
CA GLY C 112 3.91 7.27 -19.71
C GLY C 112 3.89 5.76 -19.81
N ILE C 113 4.59 5.12 -18.89
CA ILE C 113 4.65 3.66 -18.88
C ILE C 113 3.48 3.13 -18.08
N GLU C 114 2.84 2.09 -18.58
CA GLU C 114 1.81 1.42 -17.78
C GLU C 114 1.59 0.00 -18.26
N GLY C 115 0.97 -0.80 -17.39
CA GLY C 115 0.58 -2.16 -17.74
C GLY C 115 1.17 -3.21 -16.83
N THR C 116 1.25 -4.41 -17.36
CA THR C 116 1.67 -5.58 -16.60
C THR C 116 3.17 -5.51 -16.31
N GLN C 117 3.56 -5.96 -15.12
CA GLN C 117 4.94 -5.80 -14.65
C GLN C 117 5.46 -7.08 -14.00
N LEU C 118 6.78 -7.21 -13.99
CA LEU C 118 7.47 -8.25 -13.25
C LEU C 118 8.78 -7.66 -12.75
N TYR C 119 9.06 -7.83 -11.46
CA TYR C 119 10.36 -7.46 -10.92
C TYR C 119 10.89 -8.68 -10.19
N PHE C 120 12.02 -9.20 -10.67
CA PHE C 120 12.51 -10.52 -10.22
C PHE C 120 14.02 -10.48 -10.07
N TRP C 121 14.52 -11.08 -9.00
CA TRP C 121 15.96 -11.31 -8.86
C TRP C 121 16.21 -12.65 -8.21
N ALA C 122 17.34 -13.25 -8.57
CA ALA C 122 17.85 -14.43 -7.92
C ALA C 122 19.37 -14.45 -7.83
N CYS C 123 19.85 -15.11 -6.80
CA CYS C 123 21.29 -15.29 -6.54
C CYS C 123 21.47 -16.69 -5.99
N GLY C 124 22.30 -17.49 -6.67
CA GLY C 124 22.56 -18.85 -6.24
C GLY C 124 23.90 -19.43 -6.61
N GLY C 125 24.11 -20.68 -6.24
CA GLY C 125 25.34 -21.40 -6.52
C GLY C 125 25.27 -22.24 -7.75
N GLY C 126 24.14 -22.14 -8.46
CA GLY C 126 23.91 -22.76 -9.76
C GLY C 126 22.80 -22.02 -10.47
N PRO C 127 22.54 -22.38 -11.72
CA PRO C 127 21.48 -21.68 -12.46
C PRO C 127 20.10 -21.89 -11.86
N LEU C 128 19.24 -20.91 -12.03
CA LEU C 128 17.89 -20.91 -11.46
C LEU C 128 17.07 -22.07 -12.00
N ASP C 129 16.47 -22.85 -11.09
CA ASP C 129 15.51 -23.87 -11.47
C ASP C 129 14.19 -23.23 -11.79
N VAL C 130 13.63 -23.57 -12.95
CA VAL C 130 12.35 -23.03 -13.36
C VAL C 130 11.37 -24.10 -13.83
N ILE C 131 10.08 -23.75 -13.74
CA ILE C 131 8.99 -24.55 -14.28
C ILE C 131 8.39 -23.86 -15.49
N GLY C 132 8.13 -24.62 -16.54
CA GLY C 132 7.50 -24.11 -17.77
C GLY C 132 6.00 -24.23 -17.65
N ILE C 133 5.30 -23.12 -17.87
CA ILE C 133 3.83 -23.13 -17.83
C ILE C 133 3.33 -22.34 -19.01
N ASN C 134 2.47 -22.96 -19.80
CA ASN C 134 1.73 -22.24 -20.84
C ASN C 134 0.35 -21.95 -20.25
N PRO C 135 0.04 -20.68 -19.98
CA PRO C 135 -1.26 -20.36 -19.39
C PRO C 135 -2.48 -20.76 -20.24
N ASP C 136 -2.30 -20.95 -21.55
CA ASP C 136 -3.36 -21.50 -22.39
C ASP C 136 -2.74 -22.36 -23.46
N PRO C 137 -2.53 -23.63 -23.14
CA PRO C 137 -1.77 -24.52 -24.04
C PRO C 137 -2.44 -24.69 -25.39
N GLU C 138 -3.74 -24.49 -25.47
CA GLU C 138 -4.46 -24.63 -26.74
C GLU C 138 -4.32 -23.41 -27.64
N ARG C 139 -4.11 -22.22 -27.07
CA ARG C 139 -4.23 -20.99 -27.86
C ARG C 139 -3.03 -20.08 -27.87
N LEU C 140 -2.20 -20.13 -26.83
CA LEU C 140 -1.03 -19.27 -26.75
C LEU C 140 0.12 -19.94 -27.44
N LYS C 141 0.70 -19.25 -28.43
CA LYS C 141 1.80 -19.81 -29.24
C LYS C 141 3.13 -19.13 -28.88
N VAL C 142 4.23 -19.86 -29.04
CA VAL C 142 5.52 -19.34 -28.66
C VAL C 142 6.51 -19.59 -29.79
N ASN C 143 7.08 -18.53 -30.34
CA ASN C 143 8.05 -18.68 -31.40
C ASN C 143 9.13 -19.66 -30.99
N GLU C 144 9.51 -20.55 -31.90
CA GLU C 144 10.42 -21.66 -31.58
C GLU C 144 11.86 -21.25 -31.24
N ALA C 145 12.25 -20.01 -31.51
CA ALA C 145 13.55 -19.50 -31.04
C ALA C 145 13.60 -19.30 -29.54
N LEU C 146 12.43 -19.28 -28.87
CA LEU C 146 12.35 -19.13 -27.40
C LEU C 146 12.11 -20.51 -26.77
N GLU C 147 12.54 -20.67 -25.51
CA GLU C 147 12.33 -21.89 -24.79
C GLU C 147 10.86 -22.11 -24.55
N GLY C 148 10.31 -23.14 -25.20
CA GLY C 148 8.89 -23.46 -25.16
C GLY C 148 8.57 -24.14 -23.83
N PRO C 149 7.48 -23.76 -23.18
CA PRO C 149 7.23 -24.30 -21.83
C PRO C 149 6.55 -25.66 -21.77
N GLY C 150 6.27 -26.29 -22.90
CA GLY C 150 5.52 -27.54 -22.88
C GLY C 150 4.03 -27.28 -22.76
N ASN C 151 3.30 -28.29 -22.32
CA ASN C 151 1.85 -28.31 -22.48
C ASN C 151 1.04 -28.17 -21.19
N SER C 152 1.70 -27.93 -20.07
CA SER C 152 0.96 -27.85 -18.81
CA SER C 152 1.04 -27.85 -18.77
C SER C 152 0.65 -26.42 -18.46
N ASP C 153 -0.62 -26.21 -18.07
CA ASP C 153 -1.05 -24.93 -17.53
C ASP C 153 -0.96 -24.88 -15.98
N VAL C 154 -0.51 -25.95 -15.36
CA VAL C 154 -0.41 -26.00 -13.89
C VAL C 154 0.97 -26.56 -13.49
N ALA C 155 1.40 -26.24 -12.29
CA ALA C 155 2.73 -26.62 -11.81
C ALA C 155 2.75 -27.99 -11.19
N SER C 156 2.36 -28.97 -11.99
CA SER C 156 2.29 -30.37 -11.58
C SER C 156 3.67 -31.00 -11.63
N LEU C 157 3.75 -32.24 -11.18
CA LEU C 157 4.97 -33.02 -11.32
C LEU C 157 5.38 -33.26 -12.77
N GLN C 158 4.42 -33.18 -13.68
CA GLN C 158 4.64 -33.38 -15.10
C GLN C 158 5.03 -32.12 -15.88
N ALA C 159 4.88 -30.92 -15.29
CA ALA C 159 5.27 -29.72 -15.97
C ALA C 159 6.75 -29.73 -16.33
N LEU C 160 7.07 -29.10 -17.44
CA LEU C 160 8.44 -29.09 -17.93
C LEU C 160 9.35 -28.32 -16.95
N ARG C 161 10.51 -28.89 -16.65
CA ARG C 161 11.45 -28.26 -15.73
C ARG C 161 12.80 -28.12 -16.41
N LYS C 162 13.36 -26.94 -16.32
CA LYS C 162 14.69 -26.65 -16.83
C LYS C 162 15.39 -25.70 -15.88
N GLN C 163 16.61 -25.34 -16.24
CA GLN C 163 17.32 -24.29 -15.55
C GLN C 163 17.63 -23.13 -16.49
N VAL C 164 17.67 -21.92 -15.95
CA VAL C 164 17.93 -20.76 -16.78
C VAL C 164 19.44 -20.57 -16.98
N ASN C 165 19.95 -21.19 -18.04
CA ASN C 165 21.34 -21.17 -18.40
C ASN C 165 21.55 -20.54 -19.75
N ALA C 166 20.55 -19.81 -20.24
CA ALA C 166 20.58 -19.32 -21.61
C ALA C 166 19.75 -18.06 -21.69
N ALA C 167 19.88 -17.37 -22.82
CA ALA C 167 19.33 -16.03 -23.02
C ALA C 167 17.89 -15.99 -23.52
N ASN C 168 17.28 -17.15 -23.71
CA ASN C 168 16.00 -17.19 -24.42
C ASN C 168 14.86 -17.83 -23.62
N PHE C 169 14.81 -17.56 -22.31
CA PHE C 169 13.74 -18.05 -21.45
C PHE C 169 12.76 -16.93 -21.19
N PRO C 170 11.60 -16.97 -21.83
CA PRO C 170 10.70 -15.81 -21.61
C PRO C 170 10.07 -15.80 -20.22
N VAL C 171 10.03 -14.63 -19.60
CA VAL C 171 9.48 -14.49 -18.25
C VAL C 171 7.98 -14.77 -18.21
N GLU C 172 7.28 -14.66 -19.36
CA GLU C 172 5.89 -15.02 -19.40
C GLU C 172 5.59 -16.52 -19.32
N LEU C 173 6.64 -17.35 -19.48
CA LEU C 173 6.46 -18.77 -19.63
C LEU C 173 7.19 -19.64 -18.61
N TRP C 174 8.07 -19.03 -17.80
CA TRP C 174 8.96 -19.78 -16.90
C TRP C 174 8.94 -19.12 -15.54
N VAL C 175 8.63 -19.91 -14.51
CA VAL C 175 8.48 -19.48 -13.15
CA VAL C 175 8.54 -19.42 -13.15
C VAL C 175 9.52 -20.17 -12.25
N ALA C 176 10.09 -19.43 -11.32
CA ALA C 176 11.03 -20.03 -10.37
C ALA C 176 10.36 -21.21 -9.70
N ASP C 177 11.10 -22.29 -9.60
CA ASP C 177 10.61 -23.56 -9.06
C ASP C 177 10.87 -23.63 -7.54
N PRO C 178 9.81 -23.50 -6.73
CA PRO C 178 9.98 -23.54 -5.26
C PRO C 178 10.29 -24.93 -4.70
N THR C 179 10.14 -25.97 -5.52
CA THR C 179 10.47 -27.33 -5.06
C THR C 179 11.97 -27.61 -5.20
N LYS C 180 12.68 -26.72 -5.89
CA LYS C 180 14.12 -26.84 -6.05
C LYS C 180 14.76 -25.53 -5.52
N ASN C 181 15.80 -25.00 -6.19
CA ASN C 181 16.42 -23.74 -5.76
C ASN C 181 16.86 -23.75 -4.28
N ASP C 182 17.29 -24.90 -3.80
CA ASP C 182 17.70 -25.03 -2.41
C ASP C 182 18.99 -24.27 -2.09
N ASN C 183 19.76 -23.92 -3.12
CA ASN C 183 20.98 -23.13 -2.96
C ASN C 183 20.89 -21.85 -3.78
N THR C 184 19.69 -21.27 -3.81
CA THR C 184 19.42 -20.01 -4.48
C THR C 184 18.45 -19.24 -3.63
N ARG C 185 18.58 -17.91 -3.56
CA ARG C 185 17.51 -17.08 -3.02
C ARG C 185 16.86 -16.29 -4.16
N TYR C 186 15.54 -16.17 -4.13
CA TYR C 186 14.90 -15.38 -5.17
C TYR C 186 13.68 -14.66 -4.65
N PHE C 187 13.28 -13.62 -5.39
CA PHE C 187 12.11 -12.82 -5.04
C PHE C 187 11.52 -12.26 -6.32
N GLY C 188 10.20 -12.41 -6.47
CA GLY C 188 9.50 -11.86 -7.62
C GLY C 188 8.21 -11.15 -7.25
N ARG C 189 7.87 -10.12 -8.02
CA ARG C 189 6.58 -9.43 -7.89
CA ARG C 189 6.61 -9.39 -7.89
C ARG C 189 5.98 -9.20 -9.29
N VAL C 190 4.72 -9.61 -9.43
CA VAL C 190 3.96 -9.50 -10.68
C VAL C 190 2.81 -8.52 -10.42
N VAL C 191 2.55 -7.66 -11.39
CA VAL C 191 1.41 -6.74 -11.36
C VAL C 191 0.66 -6.96 -12.66
N GLY C 192 -0.66 -7.13 -12.59
CA GLY C 192 -1.46 -7.38 -13.80
C GLY C 192 -2.07 -6.10 -14.35
N GLY C 193 -3.05 -6.23 -15.25
CA GLY C 193 -3.74 -5.08 -15.81
C GLY C 193 -2.99 -4.56 -17.03
N GLY C 194 -3.68 -3.78 -17.84
CA GLY C 194 -3.07 -3.22 -19.02
C GLY C 194 -2.72 -1.75 -18.91
N VAL C 195 -3.24 -1.05 -17.89
CA VAL C 195 -2.97 0.37 -17.70
C VAL C 195 -2.47 0.68 -16.29
N THR C 196 -2.03 -0.35 -15.59
CA THR C 196 -1.58 -0.20 -14.21
C THR C 196 -0.29 0.59 -14.13
N PRO C 197 -0.27 1.64 -13.27
CA PRO C 197 0.97 2.40 -13.13
C PRO C 197 2.05 1.60 -12.42
N PRO C 198 3.30 1.70 -12.88
CA PRO C 198 4.43 1.11 -12.13
C PRO C 198 4.99 2.05 -11.07
N VAL C 199 5.52 1.46 -10.00
CA VAL C 199 6.24 2.19 -8.96
C VAL C 199 7.56 1.47 -8.78
N VAL C 200 8.65 2.19 -8.99
CA VAL C 200 9.99 1.64 -8.92
C VAL C 200 10.74 2.49 -7.92
N SER C 201 11.43 1.84 -6.98
CA SER C 201 12.25 2.59 -6.05
CA SER C 201 12.22 2.54 -5.98
C SER C 201 13.66 2.03 -6.09
N TYR C 202 14.62 2.86 -5.72
CA TYR C 202 16.03 2.47 -5.75
C TYR C 202 16.83 3.38 -4.83
N GLY C 203 18.01 2.92 -4.45
CA GLY C 203 18.93 3.67 -3.62
C GLY C 203 20.08 2.79 -3.24
N ASN C 204 21.07 3.34 -2.55
CA ASN C 204 22.26 2.58 -2.24
C ASN C 204 22.45 2.36 -0.77
N GLN C 205 21.36 2.37 0.00
CA GLN C 205 21.46 2.09 1.42
C GLN C 205 20.79 0.79 1.88
N SER C 206 20.04 0.15 1.00
CA SER C 206 19.30 -1.06 1.35
C SER C 206 20.21 -2.27 1.13
N THR C 207 19.93 -3.34 1.85
CA THR C 207 20.72 -4.58 1.71
C THR C 207 19.79 -5.77 1.96
N THR C 208 20.16 -6.93 1.43
CA THR C 208 19.32 -8.12 1.48
C THR C 208 20.15 -9.27 2.02
N PRO C 209 19.81 -9.79 3.22
CA PRO C 209 20.53 -10.97 3.72
C PRO C 209 20.18 -12.24 2.93
N LEU C 210 21.15 -13.15 2.84
CA LEU C 210 20.97 -14.39 2.09
C LEU C 210 21.07 -15.62 2.97
N ILE C 211 21.16 -15.43 4.28
CA ILE C 211 21.38 -16.56 5.21
C ILE C 211 20.05 -17.25 5.52
N ASP C 212 20.10 -18.56 5.66
CA ASP C 212 18.95 -19.33 6.11
C ASP C 212 18.80 -19.28 7.64
N GLU C 213 17.85 -20.05 8.16
CA GLU C 213 17.58 -20.18 9.59
C GLU C 213 18.80 -20.61 10.42
N ASN C 214 19.71 -21.39 9.81
CA ASN C 214 20.96 -21.84 10.46
C ASN C 214 22.14 -20.88 10.28
N GLY C 215 21.90 -19.73 9.66
CA GLY C 215 22.94 -18.74 9.45
C GLY C 215 23.79 -19.00 8.22
N VAL C 216 23.33 -19.87 7.32
CA VAL C 216 24.12 -20.29 6.14
C VAL C 216 23.58 -19.64 4.87
N GLY C 217 24.50 -19.00 4.12
CA GLY C 217 24.20 -18.37 2.86
C GLY C 217 24.25 -19.32 1.67
N ILE C 218 24.46 -18.73 0.50
CA ILE C 218 24.60 -19.49 -0.73
C ILE C 218 26.00 -20.10 -0.79
N LEU C 219 26.07 -21.43 -0.95
CA LEU C 219 27.36 -22.12 -0.98
C LEU C 219 27.75 -22.33 -2.45
N CYS C 220 28.79 -21.60 -2.86
CA CYS C 220 29.20 -21.55 -4.27
C CYS C 220 30.14 -22.71 -4.54
N THR C 221 29.61 -23.93 -4.44
CA THR C 221 30.46 -25.12 -4.45
C THR C 221 30.96 -25.42 -5.85
N PHE C 222 30.38 -24.78 -6.87
CA PHE C 222 30.91 -24.93 -8.24
C PHE C 222 31.88 -23.83 -8.66
N GLY C 223 32.22 -22.93 -7.76
CA GLY C 223 33.26 -21.92 -8.01
C GLY C 223 32.75 -20.61 -8.59
N SER C 224 31.44 -20.47 -8.74
CA SER C 224 30.83 -19.26 -9.29
C SER C 224 29.57 -18.85 -8.52
N VAL C 225 29.16 -17.61 -8.73
CA VAL C 225 27.86 -17.14 -8.23
C VAL C 225 27.04 -16.82 -9.43
N TYR C 226 25.78 -17.26 -9.38
CA TYR C 226 24.86 -17.18 -10.48
C TYR C 226 23.76 -16.15 -10.15
N LEU C 227 23.62 -15.16 -11.03
CA LEU C 227 22.65 -14.10 -10.87
C LEU C 227 21.63 -14.21 -11.98
N THR C 228 20.37 -13.97 -11.63
CA THR C 228 19.25 -13.97 -12.59
C THR C 228 18.36 -12.78 -12.28
N SER C 229 17.79 -12.15 -13.32
CA SER C 229 16.88 -11.05 -13.10
C SER C 229 15.92 -10.86 -14.25
N ALA C 230 14.81 -10.21 -13.94
CA ALA C 230 13.93 -9.70 -14.96
C ALA C 230 13.18 -8.52 -14.41
N ASP C 231 13.06 -7.48 -15.23
CA ASP C 231 12.42 -6.26 -14.79
C ASP C 231 11.64 -5.65 -15.90
N MET C 232 10.38 -6.05 -15.94
CA MET C 232 9.40 -5.51 -16.89
C MET C 232 8.63 -4.41 -16.18
N VAL C 233 8.88 -3.17 -16.58
CA VAL C 233 8.23 -2.00 -15.95
C VAL C 233 6.82 -1.73 -16.51
N GLY C 234 6.56 -2.16 -17.74
CA GLY C 234 5.25 -2.03 -18.36
C GLY C 234 5.39 -1.99 -19.85
N MET C 235 4.45 -1.29 -20.51
CA MET C 235 4.47 -1.09 -21.94
C MET C 235 4.52 0.40 -22.22
N THR C 236 4.96 0.71 -23.44
CA THR C 236 5.18 2.05 -23.90
C THR C 236 4.75 2.18 -25.37
N GLY C 237 4.44 3.41 -25.79
CA GLY C 237 4.38 3.76 -27.17
C GLY C 237 5.71 4.38 -27.59
N LEU C 238 5.79 4.79 -28.85
CA LEU C 238 7.00 5.43 -29.38
C LEU C 238 7.05 6.94 -29.11
N PRO C 239 8.27 7.51 -28.97
CA PRO C 239 8.36 8.97 -28.69
C PRO C 239 7.66 9.83 -29.71
N GLY C 240 6.86 10.80 -29.24
CA GLY C 240 6.24 11.78 -30.07
C GLY C 240 5.12 11.28 -30.97
N LEU C 241 4.65 10.08 -30.71
CA LEU C 241 3.52 9.53 -31.44
C LEU C 241 2.37 9.19 -30.50
N PRO C 242 1.16 9.07 -31.06
CA PRO C 242 0.03 8.67 -30.23
C PRO C 242 0.17 7.25 -29.74
N THR C 243 -0.41 6.96 -28.59
CA THR C 243 -0.53 5.62 -28.10
C THR C 243 -1.78 5.52 -27.22
N LEU C 244 -2.00 4.32 -26.72
CA LEU C 244 -3.19 3.97 -25.93
C LEU C 244 -4.46 4.22 -26.73
N SER C 245 -4.40 3.92 -28.02
CA SER C 245 -5.56 3.98 -28.90
CA SER C 245 -5.55 3.98 -28.89
C SER C 245 -5.47 2.86 -29.93
N ALA C 246 -6.63 2.39 -30.38
CA ALA C 246 -6.69 1.22 -31.26
C ALA C 246 -5.74 1.27 -32.46
N ASP C 247 -5.64 2.42 -33.11
CA ASP C 247 -4.84 2.51 -34.35
C ASP C 247 -3.36 2.35 -34.10
N TYR C 248 -2.93 2.49 -32.84
CA TYR C 248 -1.51 2.45 -32.48
C TYR C 248 -1.10 1.23 -31.66
N SER C 249 -2.00 0.26 -31.55
CA SER C 249 -1.73 -0.95 -30.77
C SER C 249 -0.52 -1.72 -31.33
N ASN C 250 -0.32 -1.61 -32.65
CA ASN C 250 0.80 -2.27 -33.34
C ASN C 250 2.17 -1.70 -32.98
N GLN C 251 2.21 -0.62 -32.20
CA GLN C 251 3.49 -0.07 -31.74
C GLN C 251 3.75 -0.27 -30.26
N ARG C 252 2.79 -0.81 -29.52
CA ARG C 252 2.98 -1.02 -28.08
C ARG C 252 4.16 -1.96 -27.85
N THR C 253 5.03 -1.58 -26.93
CA THR C 253 6.35 -2.14 -26.80
C THR C 253 6.62 -2.38 -25.32
N VAL C 254 7.30 -3.47 -25.00
CA VAL C 254 7.67 -3.74 -23.61
C VAL C 254 8.79 -2.84 -23.17
N GLN C 255 8.59 -2.18 -22.01
CA GLN C 255 9.61 -1.37 -21.36
C GLN C 255 10.25 -2.19 -20.21
N ALA C 256 11.56 -2.42 -20.33
CA ALA C 256 12.31 -3.06 -19.26
C ALA C 256 13.13 -2.02 -18.51
N GLY C 257 13.67 -2.43 -17.36
CA GLY C 257 14.62 -1.58 -16.67
C GLY C 257 15.85 -1.41 -17.51
N TYR C 258 16.64 -0.39 -17.20
CA TYR C 258 17.90 -0.15 -17.89
C TYR C 258 19.02 -1.13 -17.53
N GLY C 259 18.86 -1.77 -16.38
CA GLY C 259 19.79 -2.76 -15.89
C GLY C 259 19.44 -3.03 -14.45
N ARG C 260 20.00 -4.08 -13.89
CA ARG C 260 19.83 -4.36 -12.47
C ARG C 260 21.22 -4.60 -11.90
N PHE C 261 21.56 -3.76 -10.93
CA PHE C 261 22.81 -3.84 -10.24
C PHE C 261 22.76 -4.88 -9.12
N PHE C 262 23.84 -5.63 -8.97
CA PHE C 262 24.07 -6.51 -7.84
C PHE C 262 25.46 -6.24 -7.23
N ARG C 263 25.52 -6.28 -5.90
CA ARG C 263 26.77 -6.40 -5.19
C ARG C 263 26.62 -7.60 -4.28
N VAL C 264 27.43 -8.62 -4.50
CA VAL C 264 27.34 -9.84 -3.70
C VAL C 264 28.53 -9.94 -2.73
N HIS C 265 28.23 -10.12 -1.44
CA HIS C 265 29.28 -10.27 -0.43
C HIS C 265 29.51 -11.74 -0.06
N CYS C 266 30.76 -12.16 -0.13
CA CYS C 266 31.14 -13.53 0.16
C CYS C 266 32.14 -13.62 1.29
N ARG C 267 32.00 -14.71 2.04
CA ARG C 267 33.00 -15.14 2.98
C ARG C 267 33.34 -16.61 2.73
N GLN C 268 34.32 -17.13 3.44
CA GLN C 268 34.72 -18.54 3.33
C GLN C 268 34.02 -19.39 4.40
N ARG C 269 33.53 -20.55 3.97
CA ARG C 269 32.83 -21.49 4.84
C ARG C 269 33.40 -22.91 4.65
N ARG C 270 33.70 -23.58 5.76
CA ARG C 270 34.16 -24.96 5.71
C ARG C 270 32.94 -25.88 5.64
N ILE C 271 32.97 -26.87 4.74
CA ILE C 271 31.93 -27.92 4.67
C ILE C 271 32.58 -29.31 4.69
N LYS C 272 31.83 -30.31 5.13
CA LYS C 272 32.32 -31.69 5.27
C LYS C 272 31.97 -32.50 4.03
N GLU D 8 41.85 5.33 4.21
CA GLU D 8 41.85 4.70 5.57
C GLU D 8 41.08 5.58 6.55
N VAL D 9 40.02 5.03 7.15
CA VAL D 9 39.14 5.76 8.06
C VAL D 9 39.44 5.40 9.50
N LEU D 10 39.86 6.39 10.28
CA LEU D 10 40.26 6.17 11.67
C LEU D 10 39.08 6.48 12.60
N ASP D 11 39.32 7.18 13.72
CA ASP D 11 38.28 7.37 14.73
C ASP D 11 37.62 8.72 14.59
N THR D 12 36.42 8.84 15.15
CA THR D 12 35.75 10.13 15.28
C THR D 12 36.51 10.98 16.29
N VAL D 13 36.39 12.30 16.17
CA VAL D 13 36.98 13.22 17.14
C VAL D 13 35.97 13.35 18.27
N PRO D 14 36.44 13.35 19.54
CA PRO D 14 35.50 13.49 20.66
C PRO D 14 34.52 14.65 20.49
N LEU D 15 33.27 14.44 20.91
CA LEU D 15 32.20 15.42 20.73
C LEU D 15 32.38 16.61 21.68
N THR D 16 32.35 17.81 21.09
CA THR D 16 32.25 19.06 21.84
C THR D 16 31.36 19.96 20.97
N GLU D 17 31.22 21.23 21.34
CA GLU D 17 30.50 22.20 20.52
C GLU D 17 31.28 22.48 19.22
N ASP D 18 32.61 22.52 19.34
CA ASP D 18 33.51 22.79 18.20
C ASP D 18 33.52 21.69 17.12
N THR D 19 33.34 20.42 17.53
CA THR D 19 33.55 19.28 16.62
C THR D 19 32.25 18.79 15.97
N GLN D 20 31.18 19.57 16.14
CA GLN D 20 29.89 19.25 15.51
C GLN D 20 29.34 20.46 14.80
N TYR D 21 28.64 20.22 13.70
CA TYR D 21 28.15 21.29 12.86
C TYR D 21 26.95 20.79 12.08
N LYS D 22 25.94 21.63 11.97
CA LYS D 22 24.80 21.28 11.14
C LYS D 22 24.48 22.45 10.21
N VAL D 23 23.92 22.12 9.06
CA VAL D 23 23.57 23.16 8.10
C VAL D 23 22.29 22.80 7.36
N GLU D 24 21.53 23.83 6.99
CA GLU D 24 20.26 23.67 6.30
C GLU D 24 20.35 24.30 4.92
N ALA D 25 19.50 23.83 4.02
CA ALA D 25 19.37 24.42 2.70
C ALA D 25 18.04 24.04 2.15
N VAL D 26 17.51 24.87 1.25
CA VAL D 26 16.36 24.51 0.45
C VAL D 26 16.78 24.54 -1.02
N LEU D 27 16.79 23.37 -1.63
CA LEU D 27 17.04 23.25 -3.07
C LEU D 27 15.79 23.59 -3.82
N LEU D 28 15.88 24.56 -4.74
CA LEU D 28 14.72 24.96 -5.54
C LEU D 28 14.62 24.19 -6.86
N PRO D 29 13.38 23.98 -7.34
CA PRO D 29 13.24 23.26 -8.61
C PRO D 29 13.93 24.00 -9.76
N ASN D 30 14.46 23.22 -10.70
CA ASN D 30 15.34 23.71 -11.73
C ASN D 30 14.98 23.05 -13.08
N PHE D 31 14.39 23.83 -13.97
CA PHE D 31 14.15 23.42 -15.33
C PHE D 31 15.27 24.07 -16.10
N GLY D 32 16.47 23.55 -15.94
CA GLY D 32 17.68 24.15 -16.50
C GLY D 32 17.59 24.34 -18.00
N ASN D 39 17.06 29.89 -13.11
CA ASN D 39 16.47 28.60 -13.50
C ASN D 39 15.37 28.09 -12.56
N PHE D 40 15.01 28.86 -11.54
CA PHE D 40 14.18 28.30 -10.47
C PHE D 40 12.69 28.64 -10.61
N GLN D 41 11.91 27.62 -10.99
CA GLN D 41 10.46 27.70 -11.14
C GLN D 41 9.87 26.35 -10.84
N SER D 42 8.65 26.32 -10.29
CA SER D 42 8.06 25.06 -9.89
C SER D 42 7.15 24.44 -10.97
N ARG D 43 6.84 25.19 -12.01
CA ARG D 43 6.19 24.67 -13.21
C ARG D 43 7.01 25.06 -14.42
N GLY D 44 7.21 24.10 -15.31
CA GLY D 44 8.05 24.33 -16.49
C GLY D 44 7.28 25.08 -17.56
N LEU D 45 7.95 25.30 -18.68
CA LEU D 45 7.28 25.71 -19.90
C LEU D 45 6.44 24.53 -20.34
N PRO D 46 5.45 24.75 -21.20
CA PRO D 46 4.65 23.59 -21.62
C PRO D 46 5.56 22.50 -22.18
N TYR D 47 5.28 21.27 -21.81
CA TYR D 47 6.22 20.18 -22.06
C TYR D 47 6.19 19.75 -23.54
N THR D 48 5.04 19.91 -24.19
CA THR D 48 4.72 19.47 -25.56
C THR D 48 4.52 17.96 -25.60
N MET D 49 3.80 17.51 -26.61
CA MET D 49 3.61 16.08 -26.85
C MET D 49 4.60 15.57 -27.91
N SER D 50 5.76 16.24 -28.01
CA SER D 50 6.72 15.96 -29.08
C SER D 50 7.72 14.90 -28.67
N ASP D 51 8.59 14.56 -29.62
CA ASP D 51 9.69 13.62 -29.38
C ASP D 51 10.95 14.28 -28.80
N THR D 52 10.87 15.54 -28.34
CA THR D 52 12.08 16.32 -28.02
C THR D 52 11.98 16.92 -26.64
N LEU D 53 12.99 16.66 -25.80
CA LEU D 53 13.10 17.33 -24.52
C LEU D 53 13.62 18.74 -24.78
N GLY D 54 12.91 19.75 -24.29
CA GLY D 54 13.30 21.16 -24.50
C GLY D 54 13.74 21.85 -23.22
N PRO D 55 14.68 22.79 -23.30
CA PRO D 55 15.12 23.49 -22.08
C PRO D 55 13.98 24.34 -21.47
N GLY D 56 13.87 24.33 -20.14
CA GLY D 56 12.78 25.01 -19.45
C GLY D 56 11.48 24.20 -19.35
N ALA D 57 11.36 23.12 -20.12
CA ALA D 57 10.23 22.20 -20.04
C ALA D 57 10.55 20.91 -19.30
N ALA D 58 11.78 20.43 -19.47
CA ALA D 58 12.24 19.19 -18.82
C ALA D 58 12.86 19.49 -17.46
N LEU D 59 12.44 18.74 -16.45
CA LEU D 59 12.97 18.94 -15.10
C LEU D 59 14.41 18.42 -15.07
N CYS D 60 15.31 19.24 -14.52
CA CYS D 60 16.69 18.84 -14.29
C CYS D 60 16.95 18.64 -12.82
N TYR D 61 18.01 17.94 -12.50
CA TYR D 61 18.42 17.82 -11.10
C TYR D 61 18.74 19.21 -10.53
N SER D 62 18.34 19.42 -9.26
CA SER D 62 18.81 20.58 -8.48
C SER D 62 20.05 20.19 -7.69
N VAL D 63 20.99 21.13 -7.57
CA VAL D 63 22.26 20.87 -6.87
C VAL D 63 22.61 22.03 -5.98
N ALA D 64 23.22 21.71 -4.84
CA ALA D 64 23.77 22.68 -3.93
C ALA D 64 25.10 22.16 -3.40
N VAL D 65 26.08 23.04 -3.30
CA VAL D 65 27.36 22.71 -2.72
C VAL D 65 27.51 23.67 -1.55
N ILE D 66 27.37 23.12 -0.35
CA ILE D 66 27.39 23.92 0.88
C ILE D 66 28.76 23.81 1.51
N ASN D 67 29.49 24.93 1.58
CA ASN D 67 30.82 24.93 2.14
C ASN D 67 30.75 24.82 3.66
N LEU D 68 31.69 24.07 4.25
CA LEU D 68 31.68 23.79 5.69
C LEU D 68 32.82 24.56 6.34
N PRO D 69 32.77 24.75 7.67
CA PRO D 69 33.83 25.51 8.38
C PRO D 69 35.22 24.89 8.28
N GLU D 70 36.25 25.74 8.13
CA GLU D 70 37.63 25.26 8.01
C GLU D 70 37.92 24.14 9.14
N ILE D 81 41.81 15.31 9.63
CA ILE D 81 40.43 15.47 10.11
C ILE D 81 39.55 16.14 9.06
N VAL D 82 38.41 15.51 8.78
CA VAL D 82 37.40 16.06 7.89
C VAL D 82 36.02 15.98 8.53
N TRP D 83 35.09 16.78 8.02
CA TRP D 83 33.69 16.74 8.43
C TRP D 83 33.02 15.49 7.88
N GLU D 84 32.27 14.80 8.75
CA GLU D 84 31.58 13.56 8.39
C GLU D 84 30.08 13.78 8.60
N ALA D 85 29.32 13.76 7.52
CA ALA D 85 27.85 13.88 7.59
C ALA D 85 27.27 12.50 7.91
N TYR D 86 26.63 12.37 9.07
CA TYR D 86 26.20 11.06 9.59
C TYR D 86 24.70 10.88 9.62
N ARG D 87 23.98 11.99 9.47
CA ARG D 87 22.52 12.03 9.59
C ARG D 87 21.98 13.22 8.81
N LEU D 88 20.80 13.05 8.20
CA LEU D 88 20.10 14.20 7.61
C LEU D 88 18.61 14.10 7.80
N GLU D 89 17.95 15.26 7.72
CA GLU D 89 16.51 15.35 7.52
C GLU D 89 16.27 15.97 6.15
N THR D 90 15.28 15.46 5.43
CA THR D 90 14.88 16.07 4.16
C THR D 90 13.36 16.04 4.04
N GLU D 91 12.78 17.12 3.55
CA GLU D 91 11.33 17.14 3.30
C GLU D 91 10.98 17.94 2.05
N LEU D 92 9.94 17.50 1.36
CA LEU D 92 9.43 18.16 0.17
C LEU D 92 8.41 19.22 0.56
N LEU D 93 8.51 20.39 -0.05
CA LEU D 93 7.54 21.46 0.19
C LEU D 93 6.53 21.42 -0.95
N PHE D 94 5.26 21.28 -0.61
CA PHE D 94 4.21 21.19 -1.60
C PHE D 94 2.85 21.39 -0.93
N ALA D 95 1.92 21.97 -1.69
CA ALA D 95 0.54 22.20 -1.28
C ALA D 95 -0.44 21.49 -2.22
N PRO D 96 -1.66 21.22 -1.74
CA PRO D 96 -2.65 20.65 -2.66
C PRO D 96 -2.96 21.60 -3.83
N GLN D 97 -3.05 21.07 -5.04
CA GLN D 97 -3.31 21.90 -6.22
C GLN D 97 -4.75 21.72 -6.63
N MET D 98 -5.52 22.81 -6.64
CA MET D 98 -6.95 22.78 -6.90
CA MET D 98 -6.94 22.74 -6.95
C MET D 98 -7.28 23.72 -8.06
N ALA D 99 -7.75 24.95 -7.77
CA ALA D 99 -7.97 25.90 -8.85
C ALA D 99 -6.72 26.09 -9.71
N SER D 100 -5.54 25.86 -9.14
CA SER D 100 -4.28 26.07 -9.87
C SER D 100 -4.05 25.12 -11.05
N SER D 101 -4.79 24.02 -11.12
CA SER D 101 -4.44 22.95 -12.03
C SER D 101 -5.51 22.60 -13.07
N GLY D 102 -6.58 23.40 -13.15
CA GLY D 102 -7.50 23.30 -14.25
C GLY D 102 -8.67 22.36 -14.01
N TYR D 103 -9.51 22.21 -15.04
CA TYR D 103 -10.66 21.37 -14.86
CA TYR D 103 -10.81 21.53 -14.98
C TYR D 103 -10.81 20.35 -15.97
N GLN D 104 -11.31 19.19 -15.57
CA GLN D 104 -11.49 18.07 -16.49
C GLN D 104 -12.99 17.92 -16.76
N ARG D 105 -13.42 18.30 -17.96
CA ARG D 105 -14.85 18.26 -18.31
C ARG D 105 -15.42 16.86 -18.18
N ALA D 106 -14.65 15.83 -18.56
CA ALA D 106 -15.18 14.46 -18.63
C ALA D 106 -15.62 13.94 -17.27
N ASN D 107 -15.00 14.45 -16.20
CA ASN D 107 -15.38 14.08 -14.84
C ASN D 107 -16.02 15.22 -14.07
N GLY D 108 -16.38 16.31 -14.76
CA GLY D 108 -17.05 17.45 -14.15
C GLY D 108 -16.43 17.98 -12.88
N THR D 109 -15.10 18.04 -12.85
CA THR D 109 -14.41 18.42 -11.61
C THR D 109 -12.99 18.90 -11.88
N LEU D 110 -12.33 19.37 -10.84
CA LEU D 110 -10.96 19.79 -10.94
C LEU D 110 -10.09 18.65 -11.41
N ALA D 111 -9.11 18.94 -12.26
CA ALA D 111 -8.18 17.92 -12.72
C ALA D 111 -7.16 17.50 -11.66
N GLY D 112 -6.69 18.47 -10.85
CA GLY D 112 -5.56 18.21 -9.97
C GLY D 112 -4.28 17.79 -10.70
N ILE D 113 -3.25 17.48 -9.92
CA ILE D 113 -1.98 17.01 -10.45
C ILE D 113 -2.04 15.51 -10.66
N GLU D 114 -1.53 15.02 -11.79
CA GLU D 114 -1.40 13.59 -12.00
C GLU D 114 -0.36 13.27 -13.05
N GLY D 115 0.08 12.02 -13.10
CA GLY D 115 1.03 11.60 -14.12
C GLY D 115 2.29 11.02 -13.51
N THR D 116 3.33 10.98 -14.34
CA THR D 116 4.60 10.37 -14.01
C THR D 116 5.34 11.24 -13.01
N GLN D 117 6.05 10.58 -12.10
CA GLN D 117 6.67 11.23 -10.94
C GLN D 117 8.07 10.72 -10.69
N LEU D 118 8.86 11.57 -10.03
CA LEU D 118 10.18 11.21 -9.52
C LEU D 118 10.39 11.95 -8.22
N TYR D 119 10.82 11.23 -7.20
CA TYR D 119 11.24 11.86 -5.94
C TYR D 119 12.61 11.31 -5.63
N PHE D 120 13.60 12.22 -5.65
CA PHE D 120 15.00 11.85 -5.58
C PHE D 120 15.75 12.80 -4.65
N TRP D 121 16.59 12.24 -3.80
CA TRP D 121 17.56 13.03 -3.05
C TRP D 121 18.92 12.32 -2.99
N ALA D 122 19.97 13.12 -2.84
CA ALA D 122 21.32 12.59 -2.63
C ALA D 122 22.14 13.55 -1.76
N CYS D 123 23.05 12.97 -1.00
CA CYS D 123 23.97 13.72 -0.14
C CYS D 123 25.31 13.01 -0.19
N GLY D 124 26.36 13.74 -0.56
CA GLY D 124 27.70 13.16 -0.70
C GLY D 124 28.80 14.18 -0.49
N GLY D 125 30.05 13.70 -0.52
CA GLY D 125 31.24 14.53 -0.36
C GLY D 125 31.77 15.09 -1.67
N GLY D 126 31.09 14.75 -2.75
CA GLY D 126 31.38 15.25 -4.12
C GLY D 126 30.12 15.15 -4.98
N PRO D 127 30.18 15.55 -6.25
CA PRO D 127 28.96 15.50 -7.08
C PRO D 127 28.44 14.08 -7.33
N LEU D 128 27.13 13.98 -7.55
CA LEU D 128 26.49 12.69 -7.80
C LEU D 128 26.98 12.04 -9.09
N ASP D 129 27.39 10.78 -9.01
CA ASP D 129 27.74 10.02 -10.20
C ASP D 129 26.48 9.53 -10.90
N VAL D 130 26.39 9.77 -12.21
CA VAL D 130 25.22 9.34 -12.97
C VAL D 130 25.62 8.60 -14.24
N ILE D 131 24.66 7.85 -14.78
CA ILE D 131 24.79 7.16 -16.05
C ILE D 131 23.80 7.80 -17.01
N GLY D 132 24.25 8.12 -18.20
CA GLY D 132 23.37 8.66 -19.22
C GLY D 132 22.70 7.52 -19.98
N ILE D 133 21.37 7.58 -20.10
CA ILE D 133 20.57 6.58 -20.82
C ILE D 133 19.54 7.30 -21.68
N ASN D 134 19.56 7.04 -22.98
CA ASN D 134 18.48 7.44 -23.85
C ASN D 134 17.55 6.24 -24.03
N PRO D 135 16.31 6.33 -23.53
CA PRO D 135 15.41 5.15 -23.61
C PRO D 135 15.02 4.74 -25.03
N ASP D 136 15.17 5.65 -26.00
CA ASP D 136 15.05 5.29 -27.39
C ASP D 136 16.05 6.12 -28.21
N PRO D 137 17.28 5.60 -28.34
CA PRO D 137 18.33 6.35 -29.02
C PRO D 137 17.97 6.74 -30.44
N GLU D 138 17.11 5.97 -31.10
CA GLU D 138 16.78 6.28 -32.49
C GLU D 138 15.74 7.41 -32.64
N ARG D 139 14.88 7.59 -31.66
CA ARG D 139 13.74 8.47 -31.77
C ARG D 139 13.61 9.60 -30.73
N LEU D 140 14.19 9.44 -29.54
CA LEU D 140 14.07 10.50 -28.53
C LEU D 140 15.19 11.50 -28.75
N LYS D 141 14.79 12.77 -28.92
CA LYS D 141 15.73 13.83 -29.20
CA LYS D 141 15.70 13.87 -29.22
C LYS D 141 15.88 14.74 -27.98
N VAL D 142 17.04 15.39 -27.91
CA VAL D 142 17.42 16.17 -26.76
C VAL D 142 18.02 17.48 -27.25
N ASN D 143 17.41 18.58 -26.83
CA ASN D 143 17.91 19.88 -27.18
C ASN D 143 19.35 20.09 -26.71
N GLU D 144 20.16 20.69 -27.57
CA GLU D 144 21.59 20.89 -27.32
C GLU D 144 21.92 21.63 -26.02
N ALA D 145 21.00 22.44 -25.51
CA ALA D 145 21.22 23.12 -24.23
C ALA D 145 21.24 22.17 -23.02
N LEU D 146 20.72 20.97 -23.17
CA LEU D 146 20.70 20.00 -22.08
C LEU D 146 21.88 19.01 -22.20
N GLU D 147 22.31 18.42 -21.09
CA GLU D 147 23.39 17.43 -21.13
C GLU D 147 22.87 16.16 -21.79
N GLY D 148 23.43 15.84 -22.95
CA GLY D 148 22.99 14.70 -23.75
C GLY D 148 23.55 13.42 -23.15
N PRO D 149 22.73 12.35 -23.09
CA PRO D 149 23.15 11.12 -22.43
C PRO D 149 23.94 10.13 -23.28
N GLY D 150 24.20 10.45 -24.53
CA GLY D 150 24.86 9.54 -25.43
C GLY D 150 23.82 8.60 -26.03
N ASN D 151 24.29 7.44 -26.48
CA ASN D 151 23.50 6.62 -27.37
C ASN D 151 23.11 5.25 -26.80
N SER D 152 23.33 5.02 -25.51
CA SER D 152 22.96 3.71 -24.95
C SER D 152 21.59 3.74 -24.30
N ASP D 153 20.82 2.69 -24.54
CA ASP D 153 19.54 2.49 -23.85
C ASP D 153 19.64 1.52 -22.66
N VAL D 154 20.85 1.09 -22.35
CA VAL D 154 21.10 0.16 -21.26
C VAL D 154 22.33 0.61 -20.46
N ALA D 155 22.38 0.18 -19.22
CA ALA D 155 23.44 0.59 -18.29
C ALA D 155 24.69 -0.28 -18.40
N SER D 156 25.17 -0.43 -19.63
CA SER D 156 26.40 -1.16 -19.93
C SER D 156 27.64 -0.37 -19.47
N LEU D 157 28.79 -1.04 -19.54
CA LEU D 157 30.07 -0.36 -19.31
C LEU D 157 30.29 0.78 -20.31
N GLN D 158 29.68 0.67 -21.49
CA GLN D 158 29.76 1.70 -22.54
C GLN D 158 28.91 2.97 -22.31
N ALA D 159 27.88 2.88 -21.47
CA ALA D 159 27.00 4.02 -21.23
C ALA D 159 27.76 5.20 -20.67
N LEU D 160 27.39 6.38 -21.11
CA LEU D 160 28.11 7.61 -20.72
C LEU D 160 28.02 7.80 -19.20
N ARG D 161 29.16 8.16 -18.62
CA ARG D 161 29.30 8.33 -17.18
C ARG D 161 29.71 9.78 -16.95
N LYS D 162 28.94 10.49 -16.12
CA LYS D 162 29.22 11.90 -15.76
C LYS D 162 28.90 12.16 -14.29
N GLN D 163 29.25 13.35 -13.81
CA GLN D 163 28.85 13.78 -12.47
C GLN D 163 27.89 14.97 -12.56
N VAL D 164 26.89 15.02 -11.69
CA VAL D 164 25.94 16.15 -11.73
C VAL D 164 26.56 17.40 -11.06
N ASN D 165 27.30 18.17 -11.86
CA ASN D 165 28.04 19.33 -11.38
C ASN D 165 27.55 20.62 -12.08
N ALA D 166 26.35 20.55 -12.68
CA ALA D 166 25.74 21.66 -13.42
C ALA D 166 24.22 21.57 -13.33
N ALA D 167 23.54 22.62 -13.79
CA ALA D 167 22.07 22.78 -13.67
C ALA D 167 21.26 22.21 -14.86
N ASN D 168 21.92 21.62 -15.84
CA ASN D 168 21.25 21.16 -17.05
C ASN D 168 21.29 19.62 -17.31
N PHE D 169 21.24 18.83 -16.24
CA PHE D 169 21.07 17.36 -16.39
C PHE D 169 19.59 16.95 -16.27
N PRO D 170 18.94 16.55 -17.39
CA PRO D 170 17.54 16.16 -17.28
C PRO D 170 17.36 14.86 -16.52
N VAL D 171 16.40 14.85 -15.61
CA VAL D 171 16.14 13.65 -14.83
C VAL D 171 15.62 12.50 -15.71
N GLU D 172 15.05 12.81 -16.88
CA GLU D 172 14.61 11.76 -17.82
C GLU D 172 15.76 11.03 -18.50
N LEU D 173 16.97 11.58 -18.40
CA LEU D 173 18.10 11.09 -19.17
C LEU D 173 19.29 10.59 -18.35
N TRP D 174 19.27 10.80 -17.02
CA TRP D 174 20.44 10.58 -16.17
C TRP D 174 20.00 9.89 -14.90
N VAL D 175 20.65 8.76 -14.58
CA VAL D 175 20.26 7.90 -13.45
CA VAL D 175 20.25 7.94 -13.42
C VAL D 175 21.45 7.74 -12.51
N ALA D 176 21.19 7.79 -11.20
CA ALA D 176 22.25 7.62 -10.17
C ALA D 176 23.00 6.34 -10.47
N ASP D 177 24.34 6.39 -10.43
CA ASP D 177 25.20 5.28 -10.83
C ASP D 177 25.54 4.39 -9.60
N PRO D 178 24.92 3.19 -9.49
CA PRO D 178 25.16 2.32 -8.31
C PRO D 178 26.56 1.68 -8.29
N THR D 179 27.28 1.75 -9.41
CA THR D 179 28.62 1.21 -9.47
C THR D 179 29.65 2.21 -8.96
N LYS D 180 29.23 3.45 -8.74
CA LYS D 180 30.09 4.48 -8.13
C LYS D 180 29.38 5.01 -6.88
N ASN D 181 29.42 6.33 -6.66
CA ASN D 181 28.77 6.94 -5.50
C ASN D 181 29.14 6.29 -4.17
N ASP D 182 30.39 5.88 -4.02
CA ASP D 182 30.87 5.26 -2.79
CA ASP D 182 30.81 5.25 -2.77
C ASP D 182 30.87 6.23 -1.58
N ASN D 183 30.78 7.54 -1.86
CA ASN D 183 30.78 8.57 -0.80
C ASN D 183 29.60 9.51 -0.99
N THR D 184 28.47 8.92 -1.39
CA THR D 184 27.21 9.59 -1.54
C THR D 184 26.13 8.60 -1.12
N ARG D 185 25.08 9.09 -0.44
CA ARG D 185 23.89 8.29 -0.23
C ARG D 185 22.77 8.88 -1.11
N TYR D 186 21.98 8.02 -1.73
CA TYR D 186 20.85 8.51 -2.52
C TYR D 186 19.68 7.54 -2.46
N PHE D 187 18.51 8.08 -2.76
CA PHE D 187 17.26 7.35 -2.81
C PHE D 187 16.38 7.99 -3.86
N GLY D 188 15.76 7.16 -4.69
CA GLY D 188 14.81 7.64 -5.68
C GLY D 188 13.57 6.80 -5.79
N ARG D 189 12.46 7.41 -6.15
CA ARG D 189 11.23 6.68 -6.43
CA ARG D 189 11.21 6.70 -6.42
C ARG D 189 10.59 7.22 -7.70
N VAL D 190 10.25 6.30 -8.62
CA VAL D 190 9.65 6.67 -9.90
C VAL D 190 8.23 6.11 -9.96
N VAL D 191 7.29 6.92 -10.45
CA VAL D 191 5.92 6.45 -10.67
C VAL D 191 5.58 6.70 -12.15
N GLY D 192 5.06 5.68 -12.82
CA GLY D 192 4.72 5.80 -14.24
C GLY D 192 3.29 6.25 -14.48
N GLY D 193 2.85 6.10 -15.73
CA GLY D 193 1.49 6.46 -16.11
C GLY D 193 1.28 7.93 -16.37
N GLY D 194 0.20 8.22 -17.08
CA GLY D 194 -0.14 9.61 -17.41
C GLY D 194 -1.21 10.24 -16.53
N VAL D 195 -1.95 9.44 -15.77
CA VAL D 195 -3.02 9.97 -14.93
C VAL D 195 -2.89 9.52 -13.46
N THR D 196 -1.70 9.05 -13.09
CA THR D 196 -1.50 8.47 -11.76
C THR D 196 -1.52 9.57 -10.69
N PRO D 197 -2.32 9.39 -9.62
CA PRO D 197 -2.33 10.42 -8.60
C PRO D 197 -1.05 10.39 -7.77
N PRO D 198 -0.51 11.57 -7.47
CA PRO D 198 0.66 11.59 -6.58
C PRO D 198 0.27 11.60 -5.09
N VAL D 199 1.15 11.05 -4.26
CA VAL D 199 0.99 11.09 -2.81
C VAL D 199 2.30 11.60 -2.27
N VAL D 200 2.25 12.73 -1.58
CA VAL D 200 3.44 13.42 -1.02
C VAL D 200 3.23 13.53 0.49
N SER D 201 4.20 13.08 1.29
CA SER D 201 4.14 13.32 2.72
CA SER D 201 4.16 13.26 2.73
C SER D 201 5.35 14.13 3.17
N TYR D 202 5.16 14.87 4.26
CA TYR D 202 6.21 15.71 4.83
C TYR D 202 5.95 15.95 6.31
N GLY D 203 7.00 16.37 7.00
CA GLY D 203 6.90 16.62 8.44
C GLY D 203 8.28 16.94 8.97
N ASN D 204 8.39 17.27 10.24
CA ASN D 204 9.70 17.67 10.75
C ASN D 204 10.18 16.75 11.86
N GLN D 205 9.71 15.50 11.83
CA GLN D 205 10.16 14.52 12.83
C GLN D 205 10.93 13.33 12.23
N SER D 206 10.93 13.15 10.93
CA SER D 206 11.61 11.98 10.36
C SER D 206 13.07 12.32 10.15
N THR D 207 13.92 11.31 10.18
CA THR D 207 15.34 11.52 10.00
C THR D 207 15.92 10.33 9.28
N THR D 208 17.04 10.56 8.62
CA THR D 208 17.69 9.56 7.77
C THR D 208 19.16 9.40 8.14
N PRO D 209 19.55 8.26 8.73
CA PRO D 209 20.99 8.03 8.96
C PRO D 209 21.75 7.82 7.65
N LEU D 210 23.02 8.22 7.64
CA LEU D 210 23.89 8.15 6.45
C LEU D 210 25.09 7.23 6.66
N ILE D 211 25.18 6.58 7.82
CA ILE D 211 26.32 5.73 8.13
C ILE D 211 26.23 4.37 7.45
N ASP D 212 27.39 3.83 7.06
CA ASP D 212 27.45 2.51 6.44
C ASP D 212 27.57 1.43 7.53
N GLU D 213 27.75 0.18 7.13
CA GLU D 213 27.79 -0.94 8.09
C GLU D 213 28.94 -0.86 9.09
N ASN D 214 29.96 -0.05 8.78
CA ASN D 214 31.08 0.19 9.70
C ASN D 214 30.92 1.46 10.56
N GLY D 215 29.77 2.11 10.47
CA GLY D 215 29.49 3.33 11.22
C GLY D 215 30.07 4.60 10.63
N VAL D 216 30.40 4.58 9.34
CA VAL D 216 31.01 5.71 8.65
C VAL D 216 30.04 6.44 7.71
N GLY D 217 29.94 7.75 7.86
CA GLY D 217 29.07 8.58 7.05
C GLY D 217 29.74 9.11 5.80
N ILE D 218 29.23 10.24 5.33
CA ILE D 218 29.74 10.92 4.15
C ILE D 218 30.95 11.73 4.57
N LEU D 219 32.11 11.44 3.99
CA LEU D 219 33.35 12.16 4.35
C LEU D 219 33.48 13.34 3.42
N CYS D 220 33.43 14.55 3.98
CA CYS D 220 33.42 15.75 3.18
C CYS D 220 34.86 16.22 2.99
N THR D 221 35.61 15.49 2.17
CA THR D 221 37.04 15.75 1.99
C THR D 221 37.39 16.99 1.14
N PHE D 222 36.42 17.60 0.47
CA PHE D 222 36.67 18.90 -0.18
C PHE D 222 36.19 20.07 0.70
N GLY D 223 35.81 19.82 1.94
CA GLY D 223 35.31 20.86 2.82
C GLY D 223 33.92 21.39 2.48
N SER D 224 33.17 20.66 1.64
CA SER D 224 31.78 21.00 1.33
C SER D 224 30.93 19.74 1.37
N VAL D 225 29.62 19.93 1.59
CA VAL D 225 28.65 18.83 1.43
C VAL D 225 27.86 19.10 0.15
N TYR D 226 27.65 18.04 -0.63
CA TYR D 226 27.05 18.14 -1.94
C TYR D 226 25.66 17.52 -1.90
N LEU D 227 24.65 18.35 -2.16
CA LEU D 227 23.25 17.96 -2.13
C LEU D 227 22.71 17.94 -3.56
N THR D 228 21.89 16.94 -3.84
CA THR D 228 21.22 16.80 -5.14
C THR D 228 19.78 16.36 -4.92
N SER D 229 18.86 16.88 -5.73
CA SER D 229 17.46 16.50 -5.63
C SER D 229 16.69 16.69 -6.94
N ALA D 230 15.59 15.96 -7.03
CA ALA D 230 14.63 16.10 -8.11
C ALA D 230 13.27 15.68 -7.56
N ASP D 231 12.28 16.54 -7.74
CA ASP D 231 10.93 16.23 -7.32
C ASP D 231 9.89 16.63 -8.35
N MET D 232 9.50 15.66 -9.17
CA MET D 232 8.47 15.87 -10.17
C MET D 232 7.21 15.23 -9.61
N VAL D 233 6.22 16.05 -9.28
CA VAL D 233 4.97 15.59 -8.66
C VAL D 233 3.97 15.09 -9.70
N GLY D 234 4.12 15.53 -10.95
CA GLY D 234 3.22 15.14 -12.03
C GLY D 234 3.13 16.23 -13.07
N MET D 235 2.02 16.24 -13.78
CA MET D 235 1.71 17.27 -14.74
C MET D 235 0.44 18.01 -14.36
N THR D 236 0.27 19.17 -14.97
CA THR D 236 -0.81 20.09 -14.64
C THR D 236 -1.27 20.87 -15.84
N GLY D 237 -2.53 21.28 -15.80
CA GLY D 237 -3.06 22.32 -16.67
C GLY D 237 -2.91 23.69 -16.06
N LEU D 238 -3.39 24.70 -16.76
CA LEU D 238 -3.33 26.06 -16.30
C LEU D 238 -4.56 26.40 -15.47
N PRO D 239 -4.45 27.39 -14.56
CA PRO D 239 -5.60 27.73 -13.73
C PRO D 239 -6.87 28.13 -14.46
N GLY D 240 -7.99 27.56 -14.01
CA GLY D 240 -9.28 27.96 -14.51
C GLY D 240 -9.57 27.60 -15.97
N LEU D 241 -8.78 26.69 -16.55
CA LEU D 241 -8.93 26.31 -17.96
C LEU D 241 -9.10 24.80 -18.10
N PRO D 242 -9.71 24.34 -19.20
CA PRO D 242 -9.80 22.88 -19.38
C PRO D 242 -8.48 22.20 -19.63
N THR D 243 -8.38 20.97 -19.14
CA THR D 243 -7.20 20.14 -19.35
C THR D 243 -7.62 18.68 -19.40
N LEU D 244 -6.64 17.80 -19.55
CA LEU D 244 -6.87 16.37 -19.74
C LEU D 244 -7.79 16.05 -20.91
N SER D 245 -7.67 16.85 -21.97
CA SER D 245 -8.36 16.56 -23.21
CA SER D 245 -8.41 16.64 -23.21
C SER D 245 -7.49 17.04 -24.37
N ALA D 246 -7.69 16.44 -25.53
CA ALA D 246 -6.78 16.60 -26.65
C ALA D 246 -6.46 18.06 -27.02
N ASP D 247 -7.47 18.92 -27.05
CA ASP D 247 -7.25 20.27 -27.58
C ASP D 247 -6.33 21.12 -26.70
N TYR D 248 -6.09 20.65 -25.47
CA TYR D 248 -5.31 21.40 -24.48
C TYR D 248 -4.01 20.71 -24.09
N SER D 249 -3.61 19.71 -24.85
CA SER D 249 -2.40 18.97 -24.53
C SER D 249 -1.15 19.84 -24.67
N ASN D 250 -1.17 20.83 -25.58
CA ASN D 250 -0.05 21.75 -25.71
C ASN D 250 0.11 22.73 -24.53
N GLN D 251 -0.77 22.64 -23.54
CA GLN D 251 -0.62 23.44 -22.31
C GLN D 251 -0.12 22.65 -21.12
N ARG D 252 -0.08 21.33 -21.23
CA ARG D 252 0.33 20.50 -20.10
C ARG D 252 1.76 20.81 -19.72
N THR D 253 1.99 20.89 -18.42
CA THR D 253 3.21 21.39 -17.87
C THR D 253 3.64 20.51 -16.72
N VAL D 254 4.94 20.33 -16.53
CA VAL D 254 5.45 19.57 -15.38
C VAL D 254 5.28 20.37 -14.09
N GLN D 255 4.74 19.72 -13.05
CA GLN D 255 4.66 20.28 -11.71
C GLN D 255 5.77 19.70 -10.87
N ALA D 256 6.66 20.56 -10.39
CA ALA D 256 7.69 20.17 -9.46
C ALA D 256 7.29 20.57 -8.06
N GLY D 257 8.02 20.04 -7.08
CA GLY D 257 7.92 20.52 -5.70
C GLY D 257 8.32 21.98 -5.61
N TYR D 258 7.88 22.64 -4.56
CA TYR D 258 8.22 24.04 -4.31
C TYR D 258 9.67 24.23 -3.85
N GLY D 259 10.24 23.14 -3.32
CA GLY D 259 11.60 23.13 -2.83
C GLY D 259 11.80 21.82 -2.09
N ARG D 260 13.06 21.44 -1.87
CA ARG D 260 13.35 20.32 -0.97
C ARG D 260 14.30 20.80 0.10
N PHE D 261 13.85 20.71 1.35
CA PHE D 261 14.62 21.08 2.52
C PHE D 261 15.59 19.97 2.87
N PHE D 262 16.80 20.36 3.31
CA PHE D 262 17.77 19.43 3.91
C PHE D 262 18.33 20.04 5.20
N ARG D 263 18.51 19.20 6.22
CA ARG D 263 19.33 19.52 7.37
C ARG D 263 20.34 18.41 7.47
N VAL D 264 21.62 18.76 7.37
CA VAL D 264 22.71 17.77 7.37
C VAL D 264 23.49 17.89 8.66
N HIS D 265 23.67 16.78 9.37
CA HIS D 265 24.39 16.80 10.64
C HIS D 265 25.80 16.24 10.48
N CYS D 266 26.79 16.99 10.97
CA CYS D 266 28.19 16.66 10.76
C CYS D 266 28.96 16.56 12.07
N ARG D 267 29.92 15.64 12.10
CA ARG D 267 30.89 15.53 13.20
C ARG D 267 32.27 15.46 12.55
N GLN D 268 33.32 15.36 13.36
CA GLN D 268 34.68 15.30 12.82
C GLN D 268 35.18 13.86 12.84
N ARG D 269 35.99 13.53 11.84
CA ARG D 269 36.47 12.19 11.63
C ARG D 269 37.92 12.22 11.18
N ARG D 270 38.77 11.47 11.88
CA ARG D 270 40.19 11.36 11.53
C ARG D 270 40.32 10.42 10.34
N ILE D 271 41.10 10.85 9.35
CA ILE D 271 41.12 10.23 8.03
C ILE D 271 42.45 9.52 7.74
N GLU E 8 18.92 26.71 27.31
CA GLU E 8 19.43 25.45 27.94
C GLU E 8 18.29 24.68 28.59
N VAL E 9 18.05 23.46 28.11
CA VAL E 9 17.04 22.61 28.69
C VAL E 9 17.69 21.75 29.77
N LEU E 10 17.11 21.77 30.97
CA LEU E 10 17.63 21.03 32.12
C LEU E 10 16.74 19.79 32.34
N ASP E 11 16.46 19.43 33.60
CA ASP E 11 15.71 18.20 33.89
C ASP E 11 14.20 18.41 33.95
N THR E 12 13.45 17.35 33.65
CA THR E 12 12.04 17.31 33.98
C THR E 12 11.89 17.41 35.50
N VAL E 13 10.80 18.04 35.92
CA VAL E 13 10.39 18.03 37.32
C VAL E 13 9.92 16.61 37.68
N PRO E 14 10.29 16.11 38.87
CA PRO E 14 9.80 14.79 39.29
C PRO E 14 8.27 14.66 39.22
N LEU E 15 7.79 13.59 38.60
CA LEU E 15 6.37 13.49 38.24
C LEU E 15 5.46 13.28 39.46
N THR E 16 4.55 14.24 39.66
CA THR E 16 3.48 14.11 40.64
C THR E 16 2.17 14.42 39.91
N GLU E 17 1.05 14.45 40.64
CA GLU E 17 -0.24 14.80 40.01
C GLU E 17 -0.23 16.25 39.56
N ASP E 18 0.42 17.10 40.33
CA ASP E 18 0.52 18.54 40.04
C ASP E 18 1.48 18.87 38.89
N THR E 19 2.47 18.03 38.62
CA THR E 19 3.44 18.31 37.55
C THR E 19 3.06 17.70 36.19
N GLN E 20 1.81 17.28 36.05
CA GLN E 20 1.35 16.67 34.82
C GLN E 20 -0.02 17.22 34.49
N TYR E 21 -0.23 17.45 33.20
CA TYR E 21 -1.45 18.09 32.75
C TYR E 21 -1.72 17.64 31.33
N LYS E 22 -2.97 17.29 31.08
CA LYS E 22 -3.37 16.88 29.75
C LYS E 22 -4.62 17.64 29.39
N VAL E 23 -4.76 17.95 28.12
CA VAL E 23 -5.89 18.74 27.67
C VAL E 23 -6.38 18.23 26.33
N GLU E 24 -7.69 18.32 26.09
CA GLU E 24 -8.33 17.83 24.87
C GLU E 24 -8.97 18.98 24.10
N ALA E 25 -9.00 18.89 22.77
CA ALA E 25 -9.70 19.86 21.93
C ALA E 25 -10.17 19.19 20.66
N VAL E 26 -11.25 19.72 20.08
CA VAL E 26 -11.64 19.33 18.73
C VAL E 26 -11.59 20.58 17.84
N LEU E 27 -10.67 20.59 16.88
CA LEU E 27 -10.55 21.69 15.93
C LEU E 27 -11.55 21.46 14.83
N LEU E 28 -12.38 22.46 14.56
CA LEU E 28 -13.45 22.32 13.59
C LEU E 28 -12.98 22.84 12.25
N PRO E 29 -13.48 22.26 11.15
CA PRO E 29 -13.09 22.76 9.83
C PRO E 29 -13.47 24.21 9.63
N ASN E 30 -12.66 24.91 8.86
CA ASN E 30 -12.78 26.33 8.71
C ASN E 30 -12.54 26.73 7.27
N PHE E 31 -13.61 27.17 6.61
CA PHE E 31 -13.52 27.74 5.29
C PHE E 31 -13.58 29.23 5.54
N GLY E 32 -12.48 29.77 6.08
CA GLY E 32 -12.39 31.14 6.52
C GLY E 32 -12.92 32.14 5.53
N LYS E 33 -13.72 33.08 6.04
CA LYS E 33 -14.19 34.23 5.29
C LYS E 33 -13.62 35.56 5.85
N ALA E 34 -12.94 35.49 6.99
CA ALA E 34 -12.36 36.67 7.65
C ALA E 34 -11.27 36.24 8.62
N ALA E 35 -10.47 37.19 9.11
CA ALA E 35 -9.31 36.85 9.94
C ALA E 35 -9.65 36.46 11.39
N THR E 36 -10.53 37.23 12.03
CA THR E 36 -10.81 37.06 13.47
C THR E 36 -11.80 35.96 13.84
N THR E 37 -12.68 35.60 12.89
CA THR E 37 -13.73 34.63 13.14
C THR E 37 -13.66 33.49 12.11
N GLY E 38 -13.66 32.26 12.59
CA GLY E 38 -13.74 31.07 11.73
C GLY E 38 -15.10 30.93 11.08
N ASN E 39 -15.17 30.09 10.06
CA ASN E 39 -16.42 29.75 9.40
C ASN E 39 -16.55 28.25 9.48
N PHE E 40 -17.06 27.78 10.63
CA PHE E 40 -16.99 26.35 10.93
C PHE E 40 -18.06 25.54 10.21
N GLN E 41 -17.67 24.93 9.09
CA GLN E 41 -18.52 24.07 8.28
C GLN E 41 -17.66 22.99 7.65
N SER E 42 -18.22 21.81 7.42
CA SER E 42 -17.47 20.69 6.87
C SER E 42 -17.58 20.58 5.34
N ARG E 43 -18.46 21.39 4.73
CA ARG E 43 -18.47 21.56 3.28
C ARG E 43 -18.44 23.05 3.00
N GLY E 44 -17.74 23.41 1.93
CA GLY E 44 -17.59 24.83 1.60
C GLY E 44 -18.73 25.25 0.71
N LEU E 45 -18.69 26.51 0.29
CA LEU E 45 -19.48 26.96 -0.82
C LEU E 45 -18.91 26.30 -2.07
N PRO E 46 -19.69 26.26 -3.15
CA PRO E 46 -19.18 25.66 -4.40
C PRO E 46 -17.85 26.25 -4.80
N TYR E 47 -16.89 25.39 -5.12
CA TYR E 47 -15.50 25.80 -5.34
C TYR E 47 -15.30 26.55 -6.68
N THR E 48 -16.13 26.22 -7.67
CA THR E 48 -16.04 26.70 -9.08
C THR E 48 -14.87 26.09 -9.83
N MET E 49 -15.01 26.08 -11.15
CA MET E 49 -13.95 25.64 -12.03
C MET E 49 -13.11 26.83 -12.49
N SER E 50 -13.08 27.90 -11.69
CA SER E 50 -12.45 29.17 -12.07
C SER E 50 -10.98 29.26 -11.66
N ASP E 51 -10.36 30.36 -12.07
CA ASP E 51 -8.96 30.63 -11.75
C ASP E 51 -8.77 31.32 -10.38
N THR E 52 -9.83 31.37 -9.56
CA THR E 52 -9.85 32.21 -8.36
C THR E 52 -10.31 31.43 -7.12
N LEU E 53 -9.50 31.47 -6.05
CA LEU E 53 -9.91 30.91 -4.77
C LEU E 53 -10.94 31.83 -4.14
N GLY E 54 -12.15 31.32 -3.85
CA GLY E 54 -13.23 32.16 -3.30
C GLY E 54 -13.34 32.00 -1.80
N PRO E 55 -13.73 33.08 -1.08
CA PRO E 55 -13.86 32.93 0.36
C PRO E 55 -15.10 32.09 0.67
N GLY E 56 -14.96 31.19 1.62
CA GLY E 56 -16.02 30.25 1.93
C GLY E 56 -15.90 28.98 1.11
N ALA E 57 -15.10 29.00 0.04
CA ALA E 57 -14.88 27.83 -0.85
C ALA E 57 -13.57 27.10 -0.58
N ALA E 58 -12.53 27.86 -0.23
CA ALA E 58 -11.17 27.33 0.00
C ALA E 58 -10.97 26.95 1.45
N LEU E 59 -10.53 25.72 1.69
CA LEU E 59 -10.24 25.29 3.05
C LEU E 59 -9.05 26.05 3.60
N CYS E 60 -9.24 26.57 4.81
CA CYS E 60 -8.16 27.23 5.53
C CYS E 60 -7.72 26.40 6.74
N TYR E 61 -6.53 26.66 7.22
CA TYR E 61 -6.05 26.01 8.44
C TYR E 61 -7.01 26.33 9.60
N SER E 62 -7.28 25.30 10.42
CA SER E 62 -7.94 25.45 11.70
C SER E 62 -6.85 25.64 12.76
N VAL E 63 -7.12 26.49 13.75
CA VAL E 63 -6.16 26.78 14.78
C VAL E 63 -6.85 26.79 16.13
N ALA E 64 -6.14 26.35 17.16
CA ALA E 64 -6.60 26.56 18.53
C ALA E 64 -5.42 26.89 19.43
N VAL E 65 -5.67 27.77 20.39
CA VAL E 65 -4.64 28.15 21.34
C VAL E 65 -5.21 27.88 22.72
N ILE E 66 -4.57 26.98 23.45
CA ILE E 66 -5.13 26.48 24.68
C ILE E 66 -4.27 26.93 25.85
N ASN E 67 -4.84 27.67 26.78
CA ASN E 67 -4.08 28.17 27.92
C ASN E 67 -3.79 27.06 28.90
N LEU E 68 -2.54 26.99 29.37
CA LEU E 68 -2.14 25.98 30.35
C LEU E 68 -2.13 26.57 31.75
N PRO E 69 -2.28 25.72 32.79
CA PRO E 69 -2.25 26.19 34.18
C PRO E 69 -1.01 26.98 34.57
N GLU E 70 -1.18 27.99 35.41
CA GLU E 70 -0.04 28.69 35.99
C GLU E 70 0.71 27.69 36.86
N ILE E 71 2.03 27.79 36.86
CA ILE E 71 2.87 26.95 37.70
C ILE E 71 3.36 27.80 38.88
N PRO E 72 2.99 27.41 40.11
CA PRO E 72 3.45 28.22 41.25
C PRO E 72 4.97 28.16 41.41
N ASP E 73 5.57 29.26 41.88
CA ASP E 73 7.02 29.40 42.05
C ASP E 73 7.83 28.88 40.85
N ALA E 74 7.43 29.28 39.64
CA ALA E 74 8.06 28.77 38.43
C ALA E 74 9.51 29.25 38.25
N MET E 75 9.87 30.42 38.80
CA MET E 75 11.20 30.98 38.57
C MET E 75 12.14 30.86 39.77
N CYS E 76 13.42 30.61 39.47
CA CYS E 76 14.47 30.45 40.47
C CYS E 76 15.84 30.85 39.89
N THR E 79 16.87 29.92 36.32
CA THR E 79 16.04 28.85 35.74
C THR E 79 14.54 29.13 35.89
N MET E 80 13.73 28.57 34.98
CA MET E 80 12.27 28.63 35.12
C MET E 80 11.62 27.32 34.73
N ILE E 81 10.48 27.02 35.34
CA ILE E 81 9.72 25.80 34.99
C ILE E 81 8.67 26.18 33.95
N VAL E 82 8.54 25.34 32.91
CA VAL E 82 7.51 25.51 31.87
C VAL E 82 6.85 24.16 31.55
N TRP E 83 5.65 24.21 31.01
CA TRP E 83 5.00 22.98 30.57
C TRP E 83 5.65 22.48 29.27
N GLU E 84 5.90 21.18 29.23
CA GLU E 84 6.49 20.53 28.07
C GLU E 84 5.49 19.52 27.49
N ALA E 85 5.07 19.69 26.24
CA ALA E 85 4.17 18.72 25.62
C ALA E 85 5.01 17.62 24.98
N TYR E 86 4.88 16.38 25.48
CA TYR E 86 5.80 15.29 25.10
C TYR E 86 5.14 14.18 24.27
N ARG E 87 3.81 14.22 24.20
CA ARG E 87 3.04 13.18 23.51
C ARG E 87 1.67 13.73 23.15
N LEU E 88 1.11 13.31 22.03
CA LEU E 88 -0.28 13.63 21.74
C LEU E 88 -0.99 12.48 21.07
N GLU E 89 -2.32 12.49 21.17
CA GLU E 89 -3.16 11.67 20.34
C GLU E 89 -3.94 12.59 19.43
N THR E 90 -4.10 12.20 18.17
CA THR E 90 -4.95 12.96 17.26
C THR E 90 -5.72 12.01 16.36
N GLU E 91 -6.96 12.36 16.08
CA GLU E 91 -7.86 11.54 15.24
C GLU E 91 -8.80 12.43 14.46
N LEU E 92 -9.06 12.01 13.24
CA LEU E 92 -10.00 12.66 12.34
C LEU E 92 -11.38 12.08 12.54
N LEU E 93 -12.38 12.96 12.62
CA LEU E 93 -13.78 12.56 12.74
C LEU E 93 -14.41 12.58 11.36
N PHE E 94 -14.92 11.43 10.88
CA PHE E 94 -15.46 11.35 9.54
C PHE E 94 -16.30 10.10 9.39
N ALA E 95 -17.33 10.18 8.55
CA ALA E 95 -18.25 9.08 8.27
C ALA E 95 -18.23 8.80 6.77
N PRO E 96 -18.57 7.58 6.36
CA PRO E 96 -18.73 7.34 4.92
C PRO E 96 -19.81 8.22 4.29
N GLN E 97 -19.53 8.77 3.12
CA GLN E 97 -20.47 9.65 2.42
C GLN E 97 -21.11 8.90 1.24
N MET E 98 -22.42 8.74 1.27
CA MET E 98 -23.15 7.95 0.29
CA MET E 98 -23.10 8.00 0.23
C MET E 98 -24.24 8.84 -0.33
N ALA E 99 -25.47 8.73 0.20
CA ALA E 99 -26.58 9.62 -0.29
C ALA E 99 -26.19 11.09 -0.23
N SER E 100 -25.31 11.45 0.71
CA SER E 100 -24.87 12.85 0.86
C SER E 100 -24.08 13.42 -0.31
N SER E 101 -23.53 12.59 -1.17
CA SER E 101 -22.53 13.07 -2.10
C SER E 101 -22.93 13.00 -3.58
N GLY E 102 -24.18 12.67 -3.86
CA GLY E 102 -24.69 12.72 -5.22
C GLY E 102 -24.40 11.47 -6.04
N TYR E 103 -24.77 11.53 -7.31
CA TYR E 103 -24.63 10.34 -8.14
C TYR E 103 -23.96 10.60 -9.47
N GLN E 104 -23.18 9.62 -9.90
CA GLN E 104 -22.53 9.69 -11.16
C GLN E 104 -23.40 8.95 -12.18
N ARG E 105 -24.05 9.72 -13.05
CA ARG E 105 -24.97 9.18 -14.04
C ARG E 105 -24.33 8.10 -14.88
N ALA E 106 -23.13 8.40 -15.37
CA ALA E 106 -22.44 7.54 -16.35
C ALA E 106 -22.15 6.13 -15.87
N ASN E 107 -21.92 5.99 -14.57
CA ASN E 107 -21.57 4.69 -13.92
C ASN E 107 -22.78 4.13 -13.12
N GLY E 108 -23.91 4.81 -13.18
CA GLY E 108 -25.09 4.36 -12.45
C GLY E 108 -24.86 4.06 -10.99
N THR E 109 -24.03 4.84 -10.31
CA THR E 109 -23.90 4.64 -8.87
C THR E 109 -23.60 5.93 -8.13
N LEU E 110 -23.56 5.83 -6.81
CA LEU E 110 -23.21 6.96 -5.96
C LEU E 110 -21.76 7.39 -6.27
N ALA E 111 -21.57 8.69 -6.27
CA ALA E 111 -20.27 9.26 -6.57
C ALA E 111 -19.27 9.12 -5.43
N GLY E 112 -19.74 9.30 -4.19
CA GLY E 112 -18.87 9.35 -3.02
C GLY E 112 -17.89 10.53 -3.09
N ILE E 113 -17.03 10.61 -2.09
CA ILE E 113 -15.97 11.62 -2.02
C ILE E 113 -14.77 11.17 -2.84
N GLU E 114 -14.20 12.09 -3.62
CA GLU E 114 -12.95 11.82 -4.31
C GLU E 114 -12.24 13.11 -4.66
N GLY E 115 -10.96 12.98 -4.95
CA GLY E 115 -10.16 14.05 -5.51
C GLY E 115 -8.96 14.35 -4.64
N THR E 116 -8.49 15.60 -4.76
CA THR E 116 -7.28 16.05 -4.09
C THR E 116 -7.52 16.18 -2.57
N GLN E 117 -6.48 15.84 -1.79
CA GLN E 117 -6.60 15.74 -0.36
C GLN E 117 -5.43 16.35 0.38
N LEU E 118 -5.69 16.73 1.62
CA LEU E 118 -4.64 17.14 2.53
C LEU E 118 -5.01 16.76 3.94
N TYR E 119 -4.10 16.08 4.63
CA TYR E 119 -4.27 15.77 6.03
C TYR E 119 -3.07 16.32 6.76
N PHE E 120 -3.29 17.30 7.63
CA PHE E 120 -2.22 18.05 8.28
C PHE E 120 -2.54 18.28 9.75
N TRP E 121 -1.54 18.09 10.61
CA TRP E 121 -1.61 18.54 12.00
C TRP E 121 -0.30 19.15 12.48
N ALA E 122 -0.37 20.02 13.49
CA ALA E 122 0.80 20.61 14.10
C ALA E 122 0.49 20.90 15.55
N CYS E 123 1.52 20.84 16.38
CA CYS E 123 1.40 21.18 17.80
C CYS E 123 2.72 21.87 18.17
N GLY E 124 2.61 23.06 18.72
CA GLY E 124 3.80 23.81 19.11
C GLY E 124 3.58 24.84 20.20
N GLY E 125 4.65 25.56 20.50
CA GLY E 125 4.67 26.55 21.58
C GLY E 125 4.38 27.96 21.09
N GLY E 126 4.12 28.07 19.79
CA GLY E 126 3.66 29.30 19.18
C GLY E 126 2.95 28.93 17.89
N PRO E 127 2.44 29.94 17.18
CA PRO E 127 1.75 29.70 15.91
C PRO E 127 2.67 29.10 14.85
N LEU E 128 2.09 28.30 13.98
CA LEU E 128 2.82 27.62 12.92
C LEU E 128 3.49 28.60 11.93
N ASP E 129 4.77 28.40 11.66
CA ASP E 129 5.47 29.17 10.64
C ASP E 129 5.15 28.57 9.28
N VAL E 130 4.75 29.43 8.34
CA VAL E 130 4.40 28.99 6.98
C VAL E 130 5.07 29.85 5.93
N ILE E 131 5.21 29.27 4.74
CA ILE E 131 5.71 29.94 3.55
C ILE E 131 4.56 30.13 2.57
N GLY E 132 4.44 31.33 2.01
CA GLY E 132 3.42 31.61 1.01
C GLY E 132 3.95 31.25 -0.35
N ILE E 133 3.20 30.43 -1.08
CA ILE E 133 3.57 30.05 -2.43
C ILE E 133 2.33 30.14 -3.30
N ASN E 134 2.43 30.93 -4.38
CA ASN E 134 1.44 30.84 -5.44
C ASN E 134 2.00 29.96 -6.54
N PRO E 135 1.35 28.80 -6.83
CA PRO E 135 1.89 27.87 -7.79
C PRO E 135 1.87 28.41 -9.21
N ASP E 136 1.09 29.47 -9.46
CA ASP E 136 1.13 30.13 -10.74
C ASP E 136 0.80 31.59 -10.49
N PRO E 137 1.82 32.36 -10.10
CA PRO E 137 1.70 33.78 -9.75
C PRO E 137 0.97 34.59 -10.80
N GLU E 138 1.13 34.24 -12.08
CA GLU E 138 0.53 35.03 -13.17
C GLU E 138 -0.95 34.77 -13.39
N ARG E 139 -1.42 33.59 -13.01
CA ARG E 139 -2.75 33.16 -13.43
C ARG E 139 -3.70 32.73 -12.32
N LEU E 140 -3.18 32.36 -11.16
CA LEU E 140 -4.02 31.97 -10.04
C LEU E 140 -4.32 33.16 -9.18
N LYS E 141 -5.61 33.41 -8.99
CA LYS E 141 -6.08 34.59 -8.25
C LYS E 141 -6.63 34.18 -6.89
N VAL E 142 -6.56 35.09 -5.93
CA VAL E 142 -6.94 34.78 -4.57
C VAL E 142 -7.82 35.91 -4.06
N ASN E 143 -9.03 35.58 -3.62
CA ASN E 143 -9.92 36.61 -3.06
C ASN E 143 -9.25 37.37 -1.91
N GLU E 144 -9.49 38.67 -1.85
CA GLU E 144 -8.78 39.60 -0.96
C GLU E 144 -9.07 39.37 0.54
N ALA E 145 -10.13 38.63 0.86
CA ALA E 145 -10.41 38.26 2.25
C ALA E 145 -9.49 37.19 2.78
N LEU E 146 -8.74 36.54 1.87
CA LEU E 146 -7.85 35.46 2.28
C LEU E 146 -6.44 36.00 2.32
N GLU E 147 -5.58 35.37 3.10
CA GLU E 147 -4.19 35.78 3.18
C GLU E 147 -3.49 35.41 1.87
N GLY E 148 -3.09 36.44 1.13
CA GLY E 148 -2.44 36.22 -0.15
C GLY E 148 -0.98 35.85 0.05
N PRO E 149 -0.48 34.88 -0.75
CA PRO E 149 0.83 34.33 -0.52
C PRO E 149 1.97 35.09 -1.20
N GLY E 150 1.64 36.18 -1.88
CA GLY E 150 2.64 36.91 -2.63
C GLY E 150 2.95 36.24 -3.96
N ASN E 151 4.11 36.52 -4.51
CA ASN E 151 4.39 36.23 -5.92
C ASN E 151 5.42 35.16 -6.22
N SER E 152 5.88 34.43 -5.21
CA SER E 152 6.87 33.36 -5.43
C SER E 152 6.18 32.01 -5.64
N ASP E 153 6.62 31.29 -6.67
CA ASP E 153 6.15 29.91 -6.89
C ASP E 153 7.13 28.87 -6.33
N VAL E 154 8.15 29.32 -5.61
CA VAL E 154 9.19 28.44 -5.05
C VAL E 154 9.54 28.90 -3.64
N ALA E 155 10.05 27.97 -2.83
CA ALA E 155 10.28 28.23 -1.42
C ALA E 155 11.67 28.84 -1.17
N SER E 156 11.90 29.97 -1.84
CA SER E 156 13.18 30.67 -1.78
C SER E 156 13.22 31.55 -0.53
N LEU E 157 14.38 32.14 -0.28
CA LEU E 157 14.52 33.09 0.83
C LEU E 157 13.59 34.32 0.68
N GLN E 158 13.19 34.62 -0.56
CA GLN E 158 12.32 35.77 -0.88
C GLN E 158 10.81 35.48 -0.76
N ALA E 159 10.45 34.21 -0.57
CA ALA E 159 9.03 33.86 -0.47
C ALA E 159 8.46 34.45 0.81
N LEU E 160 7.21 34.86 0.75
CA LEU E 160 6.56 35.53 1.88
C LEU E 160 6.43 34.56 3.03
N ARG E 161 6.80 35.00 4.23
CA ARG E 161 6.71 34.16 5.42
C ARG E 161 5.82 34.78 6.47
N LYS E 162 4.98 33.95 7.08
CA LYS E 162 4.04 34.38 8.10
C LYS E 162 3.81 33.26 9.07
N GLN E 163 3.05 33.56 10.10
CA GLN E 163 2.58 32.55 11.00
C GLN E 163 1.07 32.46 10.93
N VAL E 164 0.57 31.27 11.24
CA VAL E 164 -0.85 31.02 11.12
C VAL E 164 -1.53 31.41 12.41
N ASN E 165 -1.95 32.68 12.44
CA ASN E 165 -2.41 33.37 13.64
C ASN E 165 -3.84 33.85 13.48
N ALA E 166 -4.52 33.33 12.45
CA ALA E 166 -5.82 33.81 12.01
C ALA E 166 -6.54 32.70 11.22
N ALA E 167 -7.81 32.94 10.92
CA ALA E 167 -8.72 31.95 10.36
C ALA E 167 -8.73 31.90 8.83
N ASN E 168 -7.92 32.70 8.17
CA ASN E 168 -8.04 32.92 6.71
C ASN E 168 -6.78 32.60 5.90
N PHE E 169 -6.05 31.59 6.34
CA PHE E 169 -4.88 31.08 5.63
C PHE E 169 -5.25 29.85 4.78
N PRO E 170 -5.40 30.02 3.46
CA PRO E 170 -5.78 28.85 2.67
C PRO E 170 -4.68 27.82 2.56
N VAL E 171 -5.06 26.55 2.68
CA VAL E 171 -4.07 25.48 2.70
C VAL E 171 -3.48 25.27 1.31
N GLU E 172 -4.16 25.74 0.27
CA GLU E 172 -3.63 25.70 -1.09
C GLU E 172 -2.44 26.66 -1.31
N LEU E 173 -2.25 27.63 -0.40
CA LEU E 173 -1.32 28.74 -0.61
C LEU E 173 -0.20 28.85 0.43
N TRP E 174 -0.30 28.10 1.52
CA TRP E 174 0.61 28.24 2.65
C TRP E 174 1.10 26.86 3.11
N VAL E 175 2.41 26.71 3.13
CA VAL E 175 3.06 25.44 3.47
CA VAL E 175 3.00 25.42 3.52
C VAL E 175 3.86 25.59 4.75
N ALA E 176 3.81 24.60 5.64
CA ALA E 176 4.64 24.64 6.85
C ALA E 176 6.09 24.85 6.49
N ASP E 177 6.76 25.72 7.24
CA ASP E 177 8.12 26.15 6.94
C ASP E 177 9.14 25.30 7.69
N PRO E 178 9.84 24.40 6.97
CA PRO E 178 10.83 23.52 7.62
C PRO E 178 12.12 24.23 8.05
N THR E 179 12.31 25.47 7.61
CA THR E 179 13.44 26.27 8.08
C THR E 179 13.16 26.94 9.43
N LYS E 180 11.93 26.88 9.89
CA LYS E 180 11.56 27.41 11.18
C LYS E 180 10.86 26.30 11.97
N ASN E 181 9.78 26.65 12.67
CA ASN E 181 9.07 25.68 13.47
C ASN E 181 9.99 24.86 14.39
N ASP E 182 10.98 25.52 15.00
CA ASP E 182 11.88 24.79 15.90
C ASP E 182 11.21 24.34 17.19
N ASN E 183 10.07 24.92 17.52
CA ASN E 183 9.32 24.51 18.71
C ASN E 183 7.90 24.10 18.35
N THR E 184 7.77 23.43 17.21
CA THR E 184 6.53 22.84 16.72
C THR E 184 6.86 21.49 16.09
N ARG E 185 5.99 20.51 16.28
CA ARG E 185 6.03 19.30 15.43
C ARG E 185 4.87 19.35 14.45
N TYR E 186 5.11 18.95 13.21
CA TYR E 186 4.03 18.87 12.25
C TYR E 186 4.20 17.69 11.30
N PHE E 187 3.07 17.33 10.69
CA PHE E 187 3.02 16.26 9.69
C PHE E 187 1.90 16.56 8.69
N GLY E 188 2.20 16.37 7.41
CA GLY E 188 1.21 16.52 6.36
C GLY E 188 1.32 15.51 5.24
N ARG E 189 0.18 15.19 4.64
CA ARG E 189 0.09 14.27 3.50
CA ARG E 189 0.09 14.27 3.50
C ARG E 189 -0.84 14.89 2.45
N VAL E 190 -0.33 14.98 1.22
CA VAL E 190 -1.11 15.55 0.09
C VAL E 190 -1.35 14.44 -0.92
N VAL E 191 -2.58 14.35 -1.45
CA VAL E 191 -2.91 13.42 -2.50
C VAL E 191 -3.41 14.26 -3.67
N GLY E 192 -2.89 14.00 -4.86
CA GLY E 192 -3.36 14.70 -6.07
C GLY E 192 -4.51 14.04 -6.82
N GLY E 193 -4.73 14.45 -8.06
CA GLY E 193 -5.78 13.92 -8.90
C GLY E 193 -7.15 14.51 -8.58
N GLY E 194 -8.08 14.35 -9.52
CA GLY E 194 -9.44 14.85 -9.36
C GLY E 194 -10.47 13.77 -9.02
N VAL E 195 -10.11 12.49 -9.18
CA VAL E 195 -11.02 11.38 -8.84
C VAL E 195 -10.36 10.39 -7.89
N THR E 196 -9.34 10.82 -7.15
CA THR E 196 -8.61 9.87 -6.31
C THR E 196 -9.46 9.52 -5.07
N PRO E 197 -9.65 8.23 -4.77
CA PRO E 197 -10.41 7.89 -3.56
C PRO E 197 -9.63 8.22 -2.26
N PRO E 198 -10.30 8.73 -1.22
CA PRO E 198 -9.66 8.97 0.05
C PRO E 198 -9.74 7.73 0.92
N VAL E 199 -8.74 7.59 1.79
CA VAL E 199 -8.71 6.54 2.83
C VAL E 199 -8.41 7.25 4.13
N VAL E 200 -9.33 7.15 5.07
CA VAL E 200 -9.22 7.82 6.38
C VAL E 200 -9.32 6.75 7.46
N SER E 201 -8.38 6.73 8.39
CA SER E 201 -8.46 5.78 9.50
CA SER E 201 -8.41 5.77 9.49
C SER E 201 -8.42 6.56 10.81
N TYR E 202 -8.98 5.97 11.85
CA TYR E 202 -9.13 6.59 13.13
C TYR E 202 -9.31 5.53 14.20
N GLY E 203 -9.00 5.88 15.45
CA GLY E 203 -9.14 4.96 16.56
C GLY E 203 -8.64 5.63 17.81
N ASN E 204 -8.83 4.99 18.95
CA ASN E 204 -8.45 5.63 20.19
C ASN E 204 -7.32 4.90 20.93
N GLN E 205 -6.54 4.14 20.18
CA GLN E 205 -5.37 3.45 20.72
C GLN E 205 -4.01 3.96 20.23
N SER E 206 -3.97 4.81 19.20
CA SER E 206 -2.69 5.29 18.65
C SER E 206 -2.18 6.47 19.45
N THR E 207 -0.86 6.66 19.39
CA THR E 207 -0.24 7.84 20.03
C THR E 207 0.93 8.34 19.19
N THR E 208 1.22 9.63 19.34
CA THR E 208 2.29 10.29 18.63
C THR E 208 3.24 10.98 19.62
N PRO E 209 4.51 10.52 19.70
CA PRO E 209 5.47 11.23 20.56
C PRO E 209 5.94 12.56 19.96
N LEU E 210 6.26 13.53 20.82
CA LEU E 210 6.67 14.84 20.38
C LEU E 210 8.11 15.17 20.79
N ILE E 211 8.82 14.19 21.36
CA ILE E 211 10.18 14.43 21.82
C ILE E 211 11.23 14.33 20.73
N ASP E 212 12.23 15.19 20.80
CA ASP E 212 13.31 15.23 19.82
C ASP E 212 14.43 14.24 20.18
N GLU E 213 15.59 14.35 19.52
CA GLU E 213 16.76 13.48 19.76
C GLU E 213 17.29 13.51 21.22
N ASN E 214 17.09 14.64 21.89
CA ASN E 214 17.52 14.78 23.27
C ASN E 214 16.40 14.52 24.28
N GLY E 215 15.27 14.00 23.80
CA GLY E 215 14.15 13.66 24.68
C GLY E 215 13.32 14.83 25.14
N VAL E 216 13.46 15.97 24.45
CA VAL E 216 12.75 17.22 24.77
C VAL E 216 11.56 17.44 23.82
N GLY E 217 10.40 17.66 24.43
CA GLY E 217 9.18 17.93 23.69
C GLY E 217 9.02 19.42 23.41
N ILE E 218 7.78 19.82 23.12
CA ILE E 218 7.42 21.20 22.85
C ILE E 218 7.44 22.00 24.13
N LEU E 219 8.24 23.06 24.18
CA LEU E 219 8.32 23.86 25.38
C LEU E 219 7.37 25.03 25.28
N CYS E 220 6.35 25.02 26.12
CA CYS E 220 5.26 25.99 26.05
C CYS E 220 5.58 27.26 26.82
N THR E 221 6.60 27.98 26.36
CA THR E 221 7.16 29.10 27.15
C THR E 221 6.23 30.29 27.25
N PHE E 222 5.21 30.35 26.40
CA PHE E 222 4.24 31.45 26.42
C PHE E 222 3.00 31.11 27.21
N GLY E 223 2.93 29.90 27.78
CA GLY E 223 1.83 29.54 28.70
C GLY E 223 0.63 28.90 28.02
N SER E 224 0.78 28.63 26.73
CA SER E 224 -0.25 28.00 25.92
C SER E 224 0.34 26.95 25.01
N VAL E 225 -0.51 26.05 24.53
CA VAL E 225 -0.16 25.12 23.46
C VAL E 225 -0.98 25.50 22.23
N TYR E 226 -0.32 25.46 21.07
CA TYR E 226 -0.89 25.93 19.81
C TYR E 226 -1.15 24.72 18.92
N LEU E 227 -2.41 24.49 18.57
CA LEU E 227 -2.76 23.39 17.67
C LEU E 227 -3.17 23.96 16.31
N THR E 228 -2.75 23.29 15.24
CA THR E 228 -3.11 23.67 13.86
C THR E 228 -3.48 22.39 13.06
N SER E 229 -4.50 22.47 12.22
CA SER E 229 -4.90 21.33 11.43
C SER E 229 -5.60 21.72 10.14
N ALA E 230 -5.63 20.75 9.23
CA ALA E 230 -6.44 20.86 8.03
C ALA E 230 -6.67 19.45 7.51
N ASP E 231 -7.92 19.13 7.19
CA ASP E 231 -8.28 17.84 6.70
C ASP E 231 -9.27 17.98 5.53
N MET E 232 -8.70 18.04 4.33
CA MET E 232 -9.48 18.02 3.11
C MET E 232 -9.55 16.59 2.62
N VAL E 233 -10.73 16.00 2.70
CA VAL E 233 -10.95 14.61 2.31
C VAL E 233 -11.13 14.45 0.78
N GLY E 234 -11.56 15.52 0.11
CA GLY E 234 -11.72 15.52 -1.34
C GLY E 234 -12.82 16.49 -1.69
N MET E 235 -13.50 16.24 -2.81
CA MET E 235 -14.66 16.99 -3.24
C MET E 235 -15.92 16.13 -3.31
N THR E 236 -17.05 16.82 -3.34
CA THR E 236 -18.36 16.17 -3.32
C THR E 236 -19.36 16.92 -4.19
N GLY E 237 -20.38 16.20 -4.67
CA GLY E 237 -21.58 16.83 -5.16
C GLY E 237 -22.62 16.95 -4.08
N LEU E 238 -23.82 17.35 -4.46
CA LEU E 238 -24.91 17.61 -3.53
C LEU E 238 -25.83 16.41 -3.43
N PRO E 239 -26.50 16.23 -2.28
CA PRO E 239 -27.38 15.08 -2.13
C PRO E 239 -28.47 14.97 -3.21
N GLY E 240 -28.57 13.78 -3.81
CA GLY E 240 -29.67 13.48 -4.73
C GLY E 240 -29.52 14.13 -6.08
N LEU E 241 -28.33 14.66 -6.36
CA LEU E 241 -28.11 15.37 -7.61
C LEU E 241 -26.92 14.76 -8.35
N PRO E 242 -26.89 14.95 -9.68
CA PRO E 242 -25.74 14.48 -10.44
C PRO E 242 -24.45 15.18 -10.07
N THR E 243 -23.36 14.45 -10.22
CA THR E 243 -22.05 14.99 -10.07
C THR E 243 -21.06 14.18 -10.88
N LEU E 244 -19.81 14.65 -10.90
CA LEU E 244 -18.76 14.09 -11.77
C LEU E 244 -19.13 14.16 -13.26
N SER E 245 -19.95 15.14 -13.62
CA SER E 245 -20.25 15.42 -15.02
CA SER E 245 -20.29 15.42 -15.01
C SER E 245 -20.28 16.94 -15.20
N ALA E 246 -19.90 17.40 -16.39
CA ALA E 246 -19.64 18.83 -16.63
C ALA E 246 -20.81 19.73 -16.27
N ASP E 247 -22.02 19.25 -16.57
CA ASP E 247 -23.22 20.04 -16.33
C ASP E 247 -23.36 20.49 -14.87
N TYR E 248 -22.85 19.69 -13.93
CA TYR E 248 -22.94 19.98 -12.51
C TYR E 248 -21.63 20.36 -11.85
N SER E 249 -20.64 20.72 -12.68
CA SER E 249 -19.32 21.07 -12.15
C SER E 249 -19.35 22.31 -11.25
N ASN E 250 -20.31 23.21 -11.50
CA ASN E 250 -20.44 24.41 -10.67
C ASN E 250 -21.02 24.14 -9.27
N GLN E 251 -21.30 22.88 -8.95
CA GLN E 251 -21.75 22.50 -7.61
C GLN E 251 -20.69 21.74 -6.81
N ARG E 252 -19.57 21.38 -7.44
CA ARG E 252 -18.53 20.62 -6.76
C ARG E 252 -18.02 21.44 -5.58
N THR E 253 -17.88 20.78 -4.44
CA THR E 253 -17.67 21.43 -3.19
C THR E 253 -16.56 20.68 -2.46
N VAL E 254 -15.75 21.40 -1.70
CA VAL E 254 -14.74 20.75 -0.85
C VAL E 254 -15.40 20.08 0.36
N GLN E 255 -15.03 18.81 0.58
CA GLN E 255 -15.38 18.05 1.76
C GLN E 255 -14.19 18.02 2.74
N ALA E 256 -14.44 18.58 3.91
CA ALA E 256 -13.47 18.53 5.01
C ALA E 256 -13.90 17.46 6.02
N GLY E 257 -12.99 17.11 6.92
CA GLY E 257 -13.34 16.30 8.05
C GLY E 257 -14.33 17.05 8.91
N TYR E 258 -15.03 16.31 9.77
CA TYR E 258 -16.00 16.89 10.68
C TYR E 258 -15.34 17.61 11.86
N GLY E 259 -14.08 17.24 12.13
CA GLY E 259 -13.31 17.81 13.21
C GLY E 259 -12.05 16.99 13.36
N ARG E 260 -11.08 17.54 14.08
CA ARG E 260 -9.90 16.81 14.43
C ARG E 260 -9.66 16.91 15.93
N PHE E 261 -9.68 15.74 16.56
CA PHE E 261 -9.47 15.61 17.99
C PHE E 261 -7.97 15.64 18.29
N PHE E 262 -7.62 16.31 19.37
CA PHE E 262 -6.27 16.27 19.97
C PHE E 262 -6.38 16.03 21.45
N ARG E 263 -5.52 15.17 22.00
CA ARG E 263 -5.26 15.11 23.43
C ARG E 263 -3.76 15.36 23.59
N VAL E 264 -3.40 16.39 24.35
CA VAL E 264 -2.02 16.78 24.50
C VAL E 264 -1.57 16.54 25.92
N HIS E 265 -0.46 15.83 26.06
CA HIS E 265 0.06 15.43 27.36
C HIS E 265 1.28 16.28 27.71
N CYS E 266 1.20 16.95 28.87
CA CYS E 266 2.23 17.87 29.34
C CYS E 266 2.83 17.41 30.64
N ARG E 267 4.09 17.79 30.83
CA ARG E 267 4.78 17.60 32.08
C ARG E 267 5.60 18.89 32.33
N GLN E 268 6.16 19.05 33.52
CA GLN E 268 6.97 20.25 33.80
C GLN E 268 8.46 20.02 33.49
N ARG E 269 9.08 21.04 32.91
CA ARG E 269 10.50 21.00 32.54
C ARG E 269 11.23 22.27 32.96
N ARG E 270 12.39 22.12 33.58
CA ARG E 270 13.24 23.25 33.93
C ARG E 270 14.08 23.68 32.76
N ILE E 271 14.16 25.00 32.53
CA ILE E 271 15.07 25.58 31.53
C ILE E 271 15.90 26.72 32.17
N LYS E 272 17.01 27.10 31.53
CA LYS E 272 17.90 28.14 32.09
C LYS E 272 17.76 29.46 31.36
C1 GOL F . -16.16 0.32 -12.77
O1 GOL F . -15.59 -0.28 -11.59
C2 GOL F . -15.18 1.03 -13.69
O2 GOL F . -15.90 1.69 -14.75
C3 GOL F . -14.34 2.10 -12.99
O3 GOL F . -13.34 2.54 -13.91
C1 GOL G . -2.64 -24.98 19.34
O1 GOL G . -3.48 -23.94 18.83
C2 GOL G . -2.86 -26.29 18.62
O2 GOL G . -3.25 -26.05 17.26
C3 GOL G . -3.89 -27.13 19.34
O3 GOL G . -4.45 -28.09 18.41
C1 GOL H . -9.01 -1.53 -18.26
O1 GOL H . -8.62 -2.42 -17.21
C2 GOL H . -10.32 -0.83 -17.90
O2 GOL H . -10.68 0.08 -18.96
C3 GOL H . -10.21 -0.10 -16.55
O3 GOL H . -9.81 1.28 -16.65
C1 GOL I . -6.35 4.43 -17.97
O1 GOL I . -7.57 4.94 -17.45
C2 GOL I . -5.76 5.44 -18.95
O2 GOL I . -6.76 5.60 -19.97
C3 GOL I . -4.44 5.01 -19.56
O3 GOL I . -3.30 4.91 -18.65
C1 GOL J . -8.21 9.28 -15.16
O1 GOL J . -9.30 8.36 -15.08
C2 GOL J . -8.84 10.66 -15.29
O2 GOL J . -9.47 10.69 -16.57
C3 GOL J . -7.84 11.81 -15.17
O3 GOL J . -7.20 11.89 -13.89
C1 GOL K . -15.38 8.73 -10.79
O1 GOL K . -14.63 8.53 -9.57
C2 GOL K . -14.87 7.90 -11.97
O2 GOL K . -15.08 8.64 -13.17
C3 GOL K . -13.39 7.60 -11.82
O3 GOL K . -12.87 7.04 -13.03
#